data_8CG0
#
_entry.id   8CG0
#
_cell.length_a   73.910
_cell.length_b   133.040
_cell.length_c   98.930
_cell.angle_alpha   90.00
_cell.angle_beta   101.21
_cell.angle_gamma   90.00
#
_symmetry.space_group_name_H-M   'P 1 21 1'
#
loop_
_entity.id
_entity.type
_entity.pdbx_description
1 polymer Adenosylhomocysteinase
2 non-polymer NICOTINAMIDE-ADENINE-DINUCLEOTIDE
3 non-polymer ADENINE
4 non-polymer 'DIMETHYL SULFOXIDE'
5 non-polymer 1-cyclopentyl-3-[[(2~{S})-oxolan-2-yl]methyl]urea
6 non-polymer 'POTASSIUM ION'
7 non-polymer 'PHOSPHATE ION'
8 non-polymer GLYCEROL
9 water water
#
_entity_poly.entity_id   1
_entity_poly.type   'polypeptide(L)'
_entity_poly.pdbx_seq_one_letter_code
;SNAMSAVMTPAGFTDYKVADITLAAWGRRELIIAESEMPALMGLRRKYAGQQPLKGAKILGCIHMTIQTGVLIETLVALG
AEVRWSSCNIFSTQDQAAAAIAAAGIPVFAWKGETEEEYEWCIEQTILKDGQPWDANMVLDDGGDLTEILHKKYPQMLER
IHGITEETTTGVHRLLDMLKNGTLKVPAINVNDSVTKSKNDNKYGCRHSLNDAIKRGTDHLLSGKQALVIGYGDVGKGSS
QSLRQEGMIVKVAEVDPICAMQACMDGFEVVSPYKNGINDGTEASIDAALLGKIDLIVTTTGNVNVCDANMLKALKKRAV
VCNIGHFDNEIDTAFMRKNWAWEEVKPQVHKIHRTGKDGFDAHNDDYLILLAEGRLVNLGNATGHPSRIMDGSFANQVLA
QIHLFEQKYADLPAAEKAKRLSVEVLPKKLDEEVALEMVKGFGGVVTQLTPKQAEYIGVSVEGPFKPDTYRY
;
_entity_poly.pdbx_strand_id   A,B,C,D
#
loop_
_chem_comp.id
_chem_comp.type
_chem_comp.name
_chem_comp.formula
ADE non-polymer ADENINE 'C5 H5 N5'
DMS non-polymer 'DIMETHYL SULFOXIDE' 'C2 H6 O S'
GOL non-polymer GLYCEROL 'C3 H8 O3'
K non-polymer 'POTASSIUM ION' 'K 1'
NAD non-polymer NICOTINAMIDE-ADENINE-DINUCLEOTIDE 'C21 H27 N7 O14 P2'
PO4 non-polymer 'PHOSPHATE ION' 'O4 P -3'
REG non-polymer 1-cyclopentyl-3-[[(2~{S})-oxolan-2-yl]methyl]urea 'C11 H20 N2 O2'
#
# COMPACT_ATOMS: atom_id res chain seq x y z
N THR A 9 39.02 -22.14 16.14
CA THR A 9 39.53 -23.49 16.24
C THR A 9 41.05 -23.58 16.52
N PRO A 10 41.90 -22.83 15.80
CA PRO A 10 43.35 -23.01 15.96
C PRO A 10 43.80 -23.01 17.42
N ALA A 11 44.76 -23.90 17.74
CA ALA A 11 45.22 -24.04 19.12
C ALA A 11 45.80 -22.72 19.62
N GLY A 12 45.39 -22.33 20.83
CA GLY A 12 45.94 -21.15 21.46
C GLY A 12 45.55 -19.84 20.82
N PHE A 13 44.49 -19.81 20.02
CA PHE A 13 44.14 -18.59 19.30
C PHE A 13 43.73 -17.50 20.28
N THR A 14 44.45 -16.37 20.24
CA THR A 14 44.13 -15.20 21.05
C THR A 14 44.08 -13.90 20.26
N ASP A 15 44.22 -13.95 18.94
CA ASP A 15 44.39 -12.74 18.11
C ASP A 15 43.03 -12.17 17.73
N TYR A 16 42.31 -11.67 18.74
CA TYR A 16 40.97 -11.12 18.54
C TYR A 16 40.59 -10.37 19.81
N LYS A 17 39.49 -9.61 19.72
CA LYS A 17 38.89 -9.01 20.92
C LYS A 17 37.40 -8.85 20.65
N VAL A 18 36.58 -9.58 21.41
CA VAL A 18 35.14 -9.57 21.25
C VAL A 18 34.52 -9.49 22.65
N ALA A 19 33.19 -9.31 22.69
CA ALA A 19 32.51 -9.13 23.97
C ALA A 19 32.44 -10.43 24.75
N ASP A 20 32.13 -11.54 24.08
CA ASP A 20 31.74 -12.73 24.83
C ASP A 20 31.90 -13.95 23.91
N ILE A 21 33.01 -14.68 24.06
CA ILE A 21 33.28 -15.83 23.20
C ILE A 21 32.25 -16.94 23.36
N THR A 22 31.50 -16.97 24.47
CA THR A 22 30.54 -18.06 24.67
C THR A 22 29.33 -17.93 23.74
N LEU A 23 29.18 -16.78 23.04
CA LEU A 23 28.13 -16.64 22.06
C LEU A 23 28.46 -17.31 20.74
N ALA A 24 29.62 -17.96 20.62
CA ALA A 24 30.09 -18.39 19.29
C ALA A 24 29.17 -19.44 18.68
N ALA A 25 28.70 -20.40 19.47
CA ALA A 25 27.84 -21.45 18.92
C ALA A 25 26.52 -20.89 18.42
N TRP A 26 25.94 -19.92 19.16
CA TRP A 26 24.76 -19.21 18.68
C TRP A 26 25.07 -18.48 17.37
N GLY A 27 26.15 -17.72 17.33
CA GLY A 27 26.57 -17.06 16.09
C GLY A 27 26.71 -18.03 14.92
N ARG A 28 27.32 -19.20 15.17
CA ARG A 28 27.49 -20.18 14.09
C ARG A 28 26.14 -20.71 13.60
N ARG A 29 25.21 -20.97 14.52
CA ARG A 29 23.85 -21.35 14.14
C ARG A 29 23.24 -20.30 13.21
N GLU A 30 23.41 -19.02 13.55
CA GLU A 30 22.84 -17.96 12.72
C GLU A 30 23.60 -17.81 11.40
N LEU A 31 24.92 -18.02 11.39
CA LEU A 31 25.66 -18.01 10.12
C LEU A 31 25.15 -19.09 9.17
N ILE A 32 24.87 -20.28 9.71
CA ILE A 32 24.39 -21.38 8.88
C ILE A 32 23.03 -21.06 8.29
N ILE A 33 22.14 -20.46 9.10
CA ILE A 33 20.88 -19.95 8.54
C ILE A 33 21.15 -18.90 7.46
N ALA A 34 22.04 -17.94 7.74
CA ALA A 34 22.26 -16.84 6.79
C ALA A 34 22.78 -17.36 5.45
N GLU A 35 23.61 -18.40 5.49
CA GLU A 35 24.10 -18.98 4.23
C GLU A 35 22.95 -19.39 3.32
N SER A 36 21.87 -19.90 3.91
CA SER A 36 20.71 -20.29 3.12
C SER A 36 19.94 -19.08 2.59
N GLU A 37 20.18 -17.91 3.16
CA GLU A 37 19.54 -16.66 2.72
C GLU A 37 20.40 -15.85 1.78
N MET A 38 21.61 -16.31 1.45
CA MET A 38 22.57 -15.52 0.68
C MET A 38 23.04 -16.31 -0.52
N PRO A 39 22.14 -16.58 -1.46
CA PRO A 39 22.50 -17.47 -2.58
C PRO A 39 23.56 -16.91 -3.52
N ALA A 40 23.62 -15.59 -3.71
CA ALA A 40 24.65 -15.04 -4.61
C ALA A 40 26.02 -15.19 -3.99
N LEU A 41 26.13 -14.90 -2.69
CA LEU A 41 27.39 -15.08 -1.99
C LEU A 41 27.77 -16.55 -1.92
N MET A 42 26.79 -17.41 -1.60
N MET A 42 26.81 -17.43 -1.62
CA MET A 42 27.04 -18.86 -1.57
CA MET A 42 27.16 -18.85 -1.56
C MET A 42 27.46 -19.36 -2.95
C MET A 42 27.43 -19.42 -2.96
N GLY A 43 26.79 -18.87 -4.00
CA GLY A 43 27.15 -19.28 -5.36
C GLY A 43 28.59 -18.92 -5.69
N LEU A 44 29.05 -17.76 -5.24
CA LEU A 44 30.45 -17.40 -5.49
C LEU A 44 31.39 -18.36 -4.76
N ARG A 45 31.04 -18.76 -3.53
CA ARG A 45 31.81 -19.78 -2.84
C ARG A 45 31.93 -21.06 -3.65
N ARG A 46 30.79 -21.59 -4.12
CA ARG A 46 30.81 -22.82 -4.89
C ARG A 46 31.59 -22.64 -6.20
N LYS A 47 31.42 -21.50 -6.86
CA LYS A 47 32.00 -21.33 -8.18
C LYS A 47 33.52 -21.17 -8.11
N TYR A 48 34.02 -20.50 -7.07
CA TYR A 48 35.40 -20.05 -7.05
C TYR A 48 36.29 -20.78 -6.04
N ALA A 49 35.71 -21.61 -5.17
CA ALA A 49 36.51 -22.30 -4.15
C ALA A 49 37.66 -23.08 -4.77
N GLY A 50 37.38 -23.85 -5.82
CA GLY A 50 38.44 -24.63 -6.46
C GLY A 50 39.54 -23.76 -7.05
N GLN A 51 39.17 -22.61 -7.59
CA GLN A 51 40.15 -21.74 -8.25
C GLN A 51 40.98 -20.94 -7.26
N GLN A 52 40.51 -20.77 -6.03
CA GLN A 52 41.20 -19.99 -5.01
C GLN A 52 41.68 -18.63 -5.53
N PRO A 53 40.78 -17.81 -6.09
CA PRO A 53 41.21 -16.54 -6.69
C PRO A 53 41.82 -15.56 -5.68
N LEU A 54 41.55 -15.72 -4.40
CA LEU A 54 42.09 -14.82 -3.40
C LEU A 54 43.25 -15.43 -2.64
N LYS A 55 43.78 -16.56 -3.10
CA LYS A 55 44.98 -17.13 -2.50
C LYS A 55 46.10 -16.09 -2.53
N GLY A 56 46.63 -15.78 -1.36
CA GLY A 56 47.64 -14.74 -1.22
C GLY A 56 47.09 -13.39 -0.83
N ALA A 57 45.78 -13.18 -0.94
CA ALA A 57 45.19 -11.93 -0.51
C ALA A 57 45.23 -11.82 1.01
N LYS A 58 45.56 -10.63 1.50
CA LYS A 58 45.60 -10.32 2.93
C LYS A 58 44.78 -9.05 3.11
N ILE A 59 43.53 -9.24 3.52
CA ILE A 59 42.50 -8.20 3.44
C ILE A 59 42.33 -7.55 4.80
N LEU A 60 42.47 -6.23 4.86
CA LEU A 60 42.01 -5.45 5.99
C LEU A 60 40.55 -5.10 5.75
N GLY A 61 39.66 -5.54 6.65
CA GLY A 61 38.24 -5.28 6.45
C GLY A 61 37.67 -4.46 7.58
N CYS A 62 36.89 -3.43 7.24
CA CYS A 62 36.25 -2.57 8.24
C CYS A 62 34.81 -2.37 7.82
N ILE A 63 33.90 -3.16 8.39
CA ILE A 63 32.47 -3.03 8.12
C ILE A 63 31.73 -3.72 9.26
N HIS A 64 30.56 -3.17 9.60
CA HIS A 64 29.67 -3.67 10.65
C HIS A 64 29.81 -5.17 10.89
N MET A 65 30.16 -5.58 12.11
CA MET A 65 30.45 -7.00 12.36
C MET A 65 29.16 -7.73 12.71
N THR A 66 28.33 -7.88 11.68
CA THR A 66 27.04 -8.56 11.75
C THR A 66 27.19 -10.00 11.28
N ILE A 67 26.11 -10.77 11.44
CA ILE A 67 26.02 -12.11 10.87
C ILE A 67 26.23 -12.07 9.35
N GLN A 68 25.69 -11.04 8.69
CA GLN A 68 25.86 -10.92 7.24
C GLN A 68 27.33 -10.71 6.88
N THR A 69 28.01 -9.83 7.62
CA THR A 69 29.44 -9.66 7.39
C THR A 69 30.20 -10.96 7.69
N GLY A 70 29.76 -11.73 8.68
CA GLY A 70 30.38 -13.04 8.91
C GLY A 70 30.39 -13.91 7.65
N VAL A 71 29.27 -13.95 6.93
CA VAL A 71 29.19 -14.78 5.73
C VAL A 71 30.12 -14.25 4.64
N LEU A 72 30.18 -12.91 4.50
CA LEU A 72 31.17 -12.27 3.62
C LEU A 72 32.59 -12.69 3.99
N ILE A 73 32.96 -12.51 5.26
CA ILE A 73 34.29 -12.88 5.71
C ILE A 73 34.61 -14.32 5.36
N GLU A 74 33.70 -15.25 5.69
CA GLU A 74 34.03 -16.64 5.45
C GLU A 74 34.01 -16.99 3.96
N THR A 75 33.35 -16.18 3.14
CA THR A 75 33.45 -16.35 1.69
C THR A 75 34.83 -15.93 1.19
N LEU A 76 35.33 -14.77 1.65
CA LEU A 76 36.69 -14.36 1.26
C LEU A 76 37.70 -15.41 1.69
N VAL A 77 37.59 -15.91 2.91
CA VAL A 77 38.50 -16.95 3.40
C VAL A 77 38.40 -18.21 2.56
N ALA A 78 37.16 -18.61 2.23
CA ALA A 78 36.97 -19.84 1.46
C ALA A 78 37.60 -19.74 0.10
N LEU A 79 37.73 -18.53 -0.43
CA LEU A 79 38.36 -18.30 -1.72
C LEU A 79 39.86 -18.08 -1.61
N GLY A 80 40.43 -18.20 -0.42
CA GLY A 80 41.88 -18.18 -0.25
C GLY A 80 42.44 -17.04 0.57
N ALA A 81 41.62 -16.05 0.94
CA ALA A 81 42.11 -14.86 1.62
C ALA A 81 42.42 -15.13 3.08
N GLU A 82 43.39 -14.39 3.61
CA GLU A 82 43.48 -14.12 5.05
C GLU A 82 42.90 -12.74 5.28
N VAL A 83 42.27 -12.53 6.44
CA VAL A 83 41.67 -11.24 6.75
C VAL A 83 41.98 -10.87 8.19
N ARG A 84 41.91 -9.57 8.48
CA ARG A 84 41.86 -9.03 9.84
C ARG A 84 40.76 -7.98 9.87
N TRP A 85 39.81 -8.08 10.83
CA TRP A 85 38.51 -7.43 10.72
C TRP A 85 38.17 -6.53 11.91
N SER A 86 37.47 -5.43 11.63
CA SER A 86 36.88 -4.57 12.64
C SER A 86 35.53 -4.07 12.15
N SER A 87 34.74 -3.54 13.07
CA SER A 87 33.47 -2.91 12.68
C SER A 87 33.71 -1.47 12.26
N CYS A 88 32.81 -0.94 11.42
CA CYS A 88 32.86 0.47 11.05
C CYS A 88 31.87 1.33 11.85
N ASN A 89 31.33 0.79 12.97
CA ASN A 89 30.45 1.58 13.81
C ASN A 89 30.49 1.00 15.22
N ILE A 90 30.43 1.90 16.20
CA ILE A 90 30.56 1.46 17.59
C ILE A 90 29.39 0.60 18.07
N PHE A 91 28.21 0.71 17.45
CA PHE A 91 27.02 0.01 17.94
C PHE A 91 26.53 -1.07 17.00
N SER A 92 27.18 -1.30 15.86
CA SER A 92 26.58 -2.16 14.86
C SER A 92 26.99 -3.62 14.95
N THR A 93 28.01 -3.97 15.72
CA THR A 93 28.39 -5.38 15.87
C THR A 93 27.26 -6.18 16.49
N GLN A 94 27.05 -7.39 15.97
CA GLN A 94 26.30 -8.41 16.67
C GLN A 94 27.32 -9.29 17.39
N ASP A 95 27.25 -9.33 18.73
CA ASP A 95 28.34 -9.96 19.47
C ASP A 95 28.43 -11.44 19.17
N GLN A 96 27.31 -12.09 18.83
CA GLN A 96 27.40 -13.51 18.51
C GLN A 96 28.08 -13.71 17.14
N ALA A 97 27.96 -12.74 16.22
CA ALA A 97 28.69 -12.84 14.95
C ALA A 97 30.18 -12.71 15.17
N ALA A 98 30.61 -11.68 15.92
CA ALA A 98 32.02 -11.52 16.23
C ALA A 98 32.58 -12.74 16.95
N ALA A 99 31.84 -13.29 17.91
CA ALA A 99 32.33 -14.48 18.62
C ALA A 99 32.51 -15.66 17.66
N ALA A 100 31.56 -15.90 16.75
CA ALA A 100 31.69 -17.06 15.87
C ALA A 100 32.89 -16.91 14.94
N ILE A 101 33.16 -15.69 14.49
CA ILE A 101 34.30 -15.45 13.62
C ILE A 101 35.61 -15.65 14.37
N ALA A 102 35.71 -15.11 15.58
CA ALA A 102 36.90 -15.32 16.41
C ALA A 102 37.11 -16.79 16.70
N ALA A 103 36.02 -17.50 16.98
CA ALA A 103 36.10 -18.92 17.29
C ALA A 103 36.55 -19.75 16.09
N ALA A 104 36.35 -19.22 14.88
CA ALA A 104 36.83 -19.84 13.67
C ALA A 104 38.30 -19.55 13.39
N GLY A 105 38.98 -18.81 14.25
CA GLY A 105 40.39 -18.52 14.02
C GLY A 105 40.63 -17.29 13.15
N ILE A 106 39.66 -16.40 13.05
CA ILE A 106 39.78 -15.22 12.18
C ILE A 106 39.98 -14.00 13.08
N PRO A 107 41.06 -13.25 12.92
CA PRO A 107 41.27 -12.04 13.74
C PRO A 107 40.14 -11.03 13.56
N VAL A 108 39.44 -10.72 14.66
CA VAL A 108 38.34 -9.78 14.65
C VAL A 108 38.37 -9.00 15.95
N PHE A 109 38.19 -7.68 15.83
CA PHE A 109 38.22 -6.75 16.96
C PHE A 109 36.96 -5.90 16.87
N ALA A 110 35.92 -6.29 17.61
CA ALA A 110 34.60 -5.70 17.43
C ALA A 110 33.67 -6.15 18.54
N TRP A 111 32.94 -5.20 19.11
CA TRP A 111 31.83 -5.54 20.00
C TRP A 111 30.82 -4.40 19.97
N LYS A 112 29.60 -4.73 20.37
CA LYS A 112 28.54 -3.73 20.40
C LYS A 112 28.74 -2.83 21.62
N GLY A 113 28.74 -1.52 21.40
CA GLY A 113 28.91 -0.59 22.50
C GLY A 113 30.34 -0.15 22.73
N GLU A 114 31.15 -0.09 21.69
CA GLU A 114 32.51 0.44 21.82
C GLU A 114 32.47 1.91 22.20
N THR A 115 33.53 2.36 22.88
CA THR A 115 33.76 3.79 22.92
C THR A 115 34.48 4.22 21.64
N GLU A 116 34.56 5.53 21.42
CA GLU A 116 35.29 6.01 20.24
C GLU A 116 36.76 5.62 20.29
N GLU A 117 37.34 5.66 21.49
CA GLU A 117 38.73 5.24 21.65
C GLU A 117 38.90 3.76 21.32
N GLU A 118 38.00 2.92 21.85
CA GLU A 118 38.02 1.49 21.52
C GLU A 118 37.81 1.25 20.03
N TYR A 119 36.92 2.02 19.40
CA TYR A 119 36.69 1.90 17.97
C TYR A 119 37.98 2.08 17.17
N GLU A 120 38.75 3.12 17.50
CA GLU A 120 40.00 3.36 16.81
C GLU A 120 41.02 2.27 17.12
N TRP A 121 41.06 1.82 18.37
CA TRP A 121 41.99 0.75 18.74
C TRP A 121 41.67 -0.52 17.98
N CYS A 122 40.38 -0.82 17.77
CA CYS A 122 40.01 -2.02 17.00
C CYS A 122 40.53 -1.96 15.58
N ILE A 123 40.39 -0.81 14.92
CA ILE A 123 40.93 -0.70 13.57
C ILE A 123 42.43 -0.91 13.58
N GLU A 124 43.13 -0.31 14.56
CA GLU A 124 44.58 -0.44 14.64
C GLU A 124 44.99 -1.88 14.89
N GLN A 125 44.18 -2.65 15.63
CA GLN A 125 44.49 -4.06 15.82
C GLN A 125 44.39 -4.86 14.52
N THR A 126 43.60 -4.40 13.55
CA THR A 126 43.65 -5.07 12.25
C THR A 126 44.90 -4.65 11.50
N ILE A 127 45.23 -3.35 11.56
CA ILE A 127 46.37 -2.81 10.82
C ILE A 127 47.67 -3.43 11.34
N LEU A 128 47.75 -3.64 12.65
CA LEU A 128 48.96 -4.13 13.29
C LEU A 128 48.82 -5.62 13.60
N LYS A 129 49.93 -6.35 13.46
CA LYS A 129 50.01 -7.72 13.93
C LYS A 129 51.32 -7.87 14.69
N ASP A 130 51.22 -8.25 15.96
CA ASP A 130 52.40 -8.38 16.81
C ASP A 130 53.19 -7.08 16.85
N GLY A 131 52.46 -5.97 16.91
CA GLY A 131 53.06 -4.67 17.10
C GLY A 131 53.60 -4.00 15.85
N GLN A 132 53.51 -4.65 14.70
CA GLN A 132 54.08 -4.14 13.46
C GLN A 132 53.04 -4.22 12.36
N PRO A 133 53.16 -3.40 11.32
CA PRO A 133 52.19 -3.47 10.23
C PRO A 133 52.09 -4.88 9.68
N TRP A 134 50.85 -5.37 9.60
CA TRP A 134 50.58 -6.59 8.85
C TRP A 134 50.94 -6.38 7.39
N ASP A 135 51.30 -7.46 6.69
CA ASP A 135 51.59 -7.31 5.27
C ASP A 135 50.31 -7.36 4.46
N ALA A 136 49.37 -6.47 4.79
CA ALA A 136 48.12 -6.39 4.04
C ALA A 136 48.36 -6.00 2.58
N ASN A 137 47.49 -6.49 1.71
CA ASN A 137 47.55 -6.08 0.30
C ASN A 137 46.17 -5.80 -0.29
N MET A 138 45.11 -5.84 0.50
CA MET A 138 43.77 -5.48 0.06
C MET A 138 43.05 -4.80 1.21
N VAL A 139 42.09 -3.94 0.86
CA VAL A 139 41.28 -3.22 1.83
C VAL A 139 39.81 -3.39 1.43
N LEU A 140 38.97 -3.71 2.40
CA LEU A 140 37.52 -3.64 2.22
C LEU A 140 36.98 -2.73 3.30
N ASP A 141 36.27 -1.66 2.90
CA ASP A 141 35.89 -0.58 3.79
C ASP A 141 34.42 -0.21 3.61
N ASP A 142 33.84 0.35 4.67
CA ASP A 142 32.44 0.77 4.69
C ASP A 142 32.40 2.12 5.41
N GLY A 143 32.42 3.21 4.63
CA GLY A 143 32.40 4.55 5.18
C GLY A 143 33.72 5.28 5.12
N GLY A 144 34.82 4.58 4.84
CA GLY A 144 36.09 5.24 4.62
C GLY A 144 36.96 5.49 5.83
N ASP A 145 36.60 5.01 7.03
CA ASP A 145 37.44 5.30 8.19
C ASP A 145 38.78 4.56 8.11
N LEU A 146 38.76 3.28 7.73
CA LEU A 146 40.01 2.52 7.60
C LEU A 146 40.86 3.04 6.45
N THR A 147 40.21 3.36 5.33
CA THR A 147 40.90 4.04 4.22
C THR A 147 41.62 5.30 4.71
N GLU A 148 40.92 6.10 5.54
CA GLU A 148 41.52 7.34 6.03
C GLU A 148 42.70 7.06 6.95
N ILE A 149 42.53 6.15 7.93
CA ILE A 149 43.62 5.86 8.86
C ILE A 149 44.85 5.38 8.10
N LEU A 150 44.67 4.54 7.08
CA LEU A 150 45.82 4.05 6.34
C LEU A 150 46.54 5.19 5.64
N HIS A 151 45.78 6.07 4.96
CA HIS A 151 46.42 7.17 4.24
C HIS A 151 47.09 8.14 5.20
N LYS A 152 46.45 8.40 6.33
CA LYS A 152 46.93 9.43 7.24
C LYS A 152 48.06 8.92 8.11
N LYS A 153 47.92 7.72 8.65
CA LYS A 153 48.80 7.22 9.71
C LYS A 153 49.74 6.13 9.25
N TYR A 154 49.37 5.31 8.26
CA TYR A 154 50.23 4.23 7.78
C TYR A 154 50.43 4.30 6.26
N PRO A 155 50.84 5.46 5.74
CA PRO A 155 50.92 5.57 4.27
C PRO A 155 51.87 4.57 3.62
N GLN A 156 52.91 4.10 4.33
CA GLN A 156 53.82 3.15 3.71
C GLN A 156 53.14 1.81 3.43
N MET A 157 52.17 1.42 4.25
CA MET A 157 51.44 0.19 3.98
C MET A 157 50.71 0.24 2.65
N LEU A 158 50.30 1.43 2.21
CA LEU A 158 49.56 1.53 0.96
C LEU A 158 50.44 1.20 -0.24
N GLU A 159 51.76 1.14 -0.06
CA GLU A 159 52.65 0.78 -1.15
C GLU A 159 52.49 -0.67 -1.57
N ARG A 160 51.94 -1.52 -0.70
CA ARG A 160 51.76 -2.93 -0.98
C ARG A 160 50.31 -3.32 -1.23
N ILE A 161 49.40 -2.35 -1.21
CA ILE A 161 47.97 -2.64 -1.32
C ILE A 161 47.50 -2.43 -2.76
N HIS A 162 46.78 -3.42 -3.28
CA HIS A 162 46.32 -3.41 -4.68
C HIS A 162 45.01 -2.67 -4.89
N GLY A 163 44.19 -2.49 -3.86
CA GLY A 163 42.90 -1.87 -4.08
C GLY A 163 42.10 -1.75 -2.80
N ILE A 164 41.11 -0.86 -2.87
CA ILE A 164 40.08 -0.66 -1.85
C ILE A 164 38.74 -0.95 -2.51
N THR A 165 37.88 -1.69 -1.81
CA THR A 165 36.51 -1.91 -2.25
C THR A 165 35.59 -1.28 -1.20
N GLU A 166 34.92 -0.19 -1.59
CA GLU A 166 34.18 0.67 -0.66
C GLU A 166 32.69 0.45 -0.80
N GLU A 167 32.03 0.20 0.35
CA GLU A 167 30.65 -0.27 0.45
C GLU A 167 29.60 0.83 0.25
N THR A 168 29.80 2.04 0.77
CA THR A 168 28.65 2.88 1.01
C THR A 168 28.84 4.30 0.48
N THR A 169 27.70 4.99 0.32
CA THR A 169 27.66 6.26 -0.41
C THR A 169 28.64 7.25 0.19
N THR A 170 28.64 7.36 1.52
CA THR A 170 29.55 8.30 2.16
C THR A 170 31.02 7.95 1.90
N GLY A 171 31.35 6.65 1.96
CA GLY A 171 32.71 6.25 1.69
C GLY A 171 33.14 6.57 0.27
N VAL A 172 32.24 6.34 -0.69
CA VAL A 172 32.59 6.67 -2.08
C VAL A 172 32.81 8.17 -2.22
N HIS A 173 31.97 8.98 -1.58
CA HIS A 173 32.18 10.43 -1.67
C HIS A 173 33.57 10.81 -1.19
N ARG A 174 34.01 10.22 -0.08
CA ARG A 174 35.34 10.52 0.45
C ARG A 174 36.44 10.09 -0.53
N LEU A 175 36.29 8.92 -1.17
CA LEU A 175 37.26 8.48 -2.17
C LEU A 175 37.33 9.43 -3.35
N LEU A 176 36.17 9.82 -3.87
CA LEU A 176 36.16 10.74 -5.00
C LEU A 176 36.82 12.06 -4.65
N ASP A 177 36.61 12.56 -3.43
CA ASP A 177 37.29 13.77 -3.02
CA ASP A 177 37.29 13.77 -3.02
C ASP A 177 38.80 13.56 -2.99
N MET A 178 39.26 12.39 -2.53
CA MET A 178 40.70 12.15 -2.49
C MET A 178 41.27 12.06 -3.90
N LEU A 179 40.57 11.36 -4.78
CA LEU A 179 41.01 11.24 -6.16
C LEU A 179 41.17 12.61 -6.80
N LYS A 180 40.19 13.50 -6.57
CA LYS A 180 40.27 14.82 -7.19
C LYS A 180 41.37 15.67 -6.56
N ASN A 181 41.66 15.46 -5.28
CA ASN A 181 42.73 16.21 -4.62
C ASN A 181 44.12 15.57 -4.80
N GLY A 182 44.21 14.44 -5.50
CA GLY A 182 45.50 13.79 -5.68
C GLY A 182 46.04 13.07 -4.46
N THR A 183 45.19 12.72 -3.50
CA THR A 183 45.65 12.09 -2.27
C THR A 183 45.31 10.61 -2.17
N LEU A 184 44.56 10.05 -3.13
CA LEU A 184 44.26 8.63 -3.12
C LEU A 184 45.46 7.86 -3.67
N LYS A 185 45.93 6.85 -2.92
CA LYS A 185 47.18 6.17 -3.27
C LYS A 185 46.98 4.82 -3.95
N VAL A 186 45.78 4.25 -3.93
CA VAL A 186 45.50 2.96 -4.58
C VAL A 186 44.14 3.03 -5.26
N PRO A 187 43.95 2.25 -6.32
CA PRO A 187 42.65 2.27 -7.01
C PRO A 187 41.55 1.70 -6.13
N ALA A 188 40.31 2.04 -6.48
CA ALA A 188 39.19 1.59 -5.70
C ALA A 188 38.05 1.17 -6.61
N ILE A 189 37.23 0.26 -6.11
CA ILE A 189 35.93 -0.04 -6.72
C ILE A 189 34.83 0.48 -5.81
N ASN A 190 33.97 1.31 -6.40
CA ASN A 190 32.73 1.81 -5.83
C ASN A 190 31.72 0.66 -5.90
N VAL A 191 31.65 -0.11 -4.82
CA VAL A 191 30.66 -1.18 -4.71
C VAL A 191 29.25 -0.61 -4.52
N ASN A 192 29.14 0.56 -3.88
CA ASN A 192 27.82 1.13 -3.62
C ASN A 192 26.96 1.24 -4.87
N ASP A 193 27.55 1.61 -6.02
CA ASP A 193 26.76 1.99 -7.17
C ASP A 193 26.48 0.87 -8.16
N SER A 194 26.78 -0.38 -7.81
CA SER A 194 26.09 -1.50 -8.46
C SER A 194 24.60 -1.35 -8.17
N VAL A 195 23.78 -1.67 -9.16
CA VAL A 195 22.35 -1.58 -8.91
C VAL A 195 21.93 -2.60 -7.85
N THR A 196 22.58 -3.78 -7.87
CA THR A 196 22.27 -4.80 -6.85
C THR A 196 22.82 -4.44 -5.48
N LYS A 197 23.50 -3.31 -5.36
CA LYS A 197 23.83 -2.73 -4.07
C LYS A 197 22.94 -1.52 -3.81
N SER A 198 23.18 -0.41 -4.51
CA SER A 198 22.50 0.84 -4.20
C SER A 198 20.99 0.71 -4.20
N LYS A 199 20.43 0.03 -5.21
CA LYS A 199 18.98 0.02 -5.36
C LYS A 199 18.35 -1.21 -4.75
N ASN A 200 19.09 -1.86 -3.85
CA ASN A 200 18.70 -3.07 -3.15
C ASN A 200 18.96 -2.81 -1.67
N ASP A 201 20.24 -2.75 -1.32
CA ASP A 201 20.69 -2.44 0.04
C ASP A 201 20.18 -1.08 0.52
N ASN A 202 20.56 0.01 -0.15
CA ASN A 202 20.33 1.34 0.41
C ASN A 202 18.84 1.61 0.58
N LYS A 203 18.04 1.17 -0.38
CA LYS A 203 16.60 1.39 -0.36
C LYS A 203 15.88 0.28 0.40
N TYR A 204 15.85 -0.93 -0.14
CA TYR A 204 15.05 -1.98 0.49
C TYR A 204 15.59 -2.36 1.86
N GLY A 205 16.92 -2.28 2.07
CA GLY A 205 17.44 -2.61 3.40
C GLY A 205 16.86 -1.70 4.47
N CYS A 206 16.79 -0.40 4.19
CA CYS A 206 16.24 0.55 5.14
C CYS A 206 14.75 0.37 5.29
N ARG A 207 14.06 -0.01 4.22
N ARG A 207 14.05 -0.01 4.22
CA ARG A 207 12.64 -0.33 4.33
CA ARG A 207 12.63 -0.33 4.33
C ARG A 207 12.42 -1.43 5.38
C ARG A 207 12.41 -1.44 5.36
N HIS A 208 13.26 -2.46 5.33
CA HIS A 208 13.10 -3.58 6.26
C HIS A 208 13.51 -3.18 7.67
N SER A 209 14.61 -2.44 7.82
CA SER A 209 15.26 -2.34 9.14
C SER A 209 14.99 -1.04 9.90
N LEU A 210 14.45 0.00 9.25
CA LEU A 210 14.16 1.22 10.01
C LEU A 210 13.02 0.99 10.99
N ASN A 211 11.85 0.55 10.51
CA ASN A 211 10.76 0.35 11.46
CA ASN A 211 10.75 0.33 11.44
C ASN A 211 11.09 -0.76 12.44
N ASP A 212 11.93 -1.71 12.04
CA ASP A 212 12.42 -2.78 12.94
C ASP A 212 13.15 -2.18 14.14
N ALA A 213 14.12 -1.29 13.88
CA ALA A 213 14.88 -0.64 14.94
C ALA A 213 14.01 0.24 15.84
N ILE A 214 13.07 0.97 15.25
CA ILE A 214 12.23 1.85 16.07
C ILE A 214 11.37 1.01 16.99
N LYS A 215 10.79 -0.09 16.46
CA LYS A 215 10.00 -0.96 17.31
C LYS A 215 10.85 -1.57 18.42
N ARG A 216 12.07 -2.05 18.12
CA ARG A 216 12.84 -2.70 19.18
C ARG A 216 13.26 -1.68 20.23
N GLY A 217 13.56 -0.45 19.83
CA GLY A 217 14.02 0.53 20.79
C GLY A 217 12.89 1.06 21.68
N THR A 218 11.72 1.31 21.09
CA THR A 218 10.62 2.03 21.77
C THR A 218 9.34 1.24 21.94
N ASP A 219 9.13 0.22 21.10
CA ASP A 219 7.85 -0.48 20.95
C ASP A 219 6.68 0.50 20.74
N HIS A 220 6.96 1.65 20.13
CA HIS A 220 5.90 2.60 19.83
C HIS A 220 5.04 2.11 18.66
N LEU A 221 3.72 2.21 18.82
CA LEU A 221 2.85 2.24 17.67
C LEU A 221 3.31 3.32 16.70
N LEU A 222 3.41 2.96 15.42
CA LEU A 222 3.72 3.93 14.38
C LEU A 222 2.49 4.40 13.61
N SER A 223 1.52 3.50 13.41
CA SER A 223 0.30 3.81 12.68
C SER A 223 -0.37 5.06 13.25
N GLY A 224 -0.74 5.99 12.36
CA GLY A 224 -1.52 7.16 12.77
C GLY A 224 -0.70 8.33 13.24
N LYS A 225 0.61 8.15 13.44
CA LYS A 225 1.49 9.21 13.94
C LYS A 225 2.22 9.90 12.77
N GLN A 226 2.77 11.08 13.07
CA GLN A 226 3.41 11.94 12.06
C GLN A 226 4.92 11.77 12.06
N ALA A 227 5.48 11.54 10.89
CA ALA A 227 6.92 11.37 10.73
C ALA A 227 7.42 12.43 9.77
N LEU A 228 8.65 12.88 9.99
CA LEU A 228 9.36 13.72 9.04
C LEU A 228 10.64 13.00 8.67
N VAL A 229 10.80 12.67 7.39
CA VAL A 229 12.03 12.06 6.86
C VAL A 229 12.82 13.14 6.14
N ILE A 230 14.05 13.34 6.61
CA ILE A 230 14.94 14.33 6.01
C ILE A 230 15.77 13.57 4.97
N GLY A 231 15.55 13.92 3.71
CA GLY A 231 16.22 13.23 2.64
C GLY A 231 15.31 12.26 1.90
N TYR A 232 15.52 12.15 0.59
CA TYR A 232 14.74 11.24 -0.24
C TYR A 232 15.63 10.68 -1.37
N GLY A 233 16.89 10.41 -1.05
CA GLY A 233 17.77 9.56 -1.84
C GLY A 233 17.39 8.11 -1.65
N ASP A 234 18.32 7.20 -1.89
CA ASP A 234 17.95 5.79 -1.78
C ASP A 234 17.55 5.44 -0.35
N VAL A 235 18.33 5.88 0.63
CA VAL A 235 18.00 5.60 2.04
C VAL A 235 16.70 6.31 2.45
N GLY A 236 16.54 7.57 2.05
CA GLY A 236 15.30 8.28 2.34
C GLY A 236 14.08 7.64 1.71
N LYS A 237 14.22 7.14 0.46
CA LYS A 237 13.12 6.43 -0.18
C LYS A 237 12.74 5.17 0.63
N GLY A 238 13.73 4.36 0.99
CA GLY A 238 13.45 3.13 1.72
C GLY A 238 12.89 3.43 3.10
N SER A 239 13.42 4.47 3.74
CA SER A 239 13.00 4.84 5.10
C SER A 239 11.58 5.37 5.09
N SER A 240 11.26 6.24 4.13
CA SER A 240 9.88 6.73 4.04
C SER A 240 8.92 5.57 3.85
N GLN A 241 9.28 4.59 3.01
CA GLN A 241 8.40 3.45 2.82
C GLN A 241 8.28 2.63 4.10
N SER A 242 9.38 2.45 4.81
CA SER A 242 9.35 1.70 6.07
C SER A 242 8.28 2.25 6.99
N LEU A 243 8.14 3.56 7.02
CA LEU A 243 7.21 4.21 7.94
C LEU A 243 5.81 4.29 7.36
N ARG A 244 5.71 4.67 6.08
CA ARG A 244 4.39 4.75 5.44
C ARG A 244 3.68 3.39 5.42
N GLN A 245 4.43 2.30 5.22
CA GLN A 245 3.76 1.01 5.16
C GLN A 245 3.22 0.60 6.53
N GLU A 246 3.75 1.19 7.59
CA GLU A 246 3.23 0.96 8.94
C GLU A 246 2.02 1.84 9.24
N GLY A 247 1.67 2.76 8.35
CA GLY A 247 0.56 3.68 8.57
C GLY A 247 0.94 5.06 9.10
N MET A 248 2.23 5.40 9.14
CA MET A 248 2.60 6.75 9.53
C MET A 248 2.15 7.73 8.45
N ILE A 249 1.83 8.94 8.88
CA ILE A 249 1.64 10.07 7.98
C ILE A 249 3.03 10.69 7.82
N VAL A 250 3.65 10.50 6.64
CA VAL A 250 5.05 10.81 6.42
C VAL A 250 5.16 12.07 5.58
N LYS A 251 5.93 13.03 6.09
CA LYS A 251 6.35 14.20 5.30
C LYS A 251 7.83 14.07 4.99
N VAL A 252 8.25 14.61 3.86
CA VAL A 252 9.60 14.42 3.34
C VAL A 252 10.21 15.79 3.12
N ALA A 253 11.47 15.97 3.55
CA ALA A 253 12.23 17.16 3.22
C ALA A 253 13.33 16.80 2.24
N GLU A 254 13.62 17.71 1.31
CA GLU A 254 14.70 17.50 0.35
C GLU A 254 15.28 18.84 -0.06
N VAL A 255 16.55 18.83 -0.43
CA VAL A 255 17.14 19.95 -1.16
C VAL A 255 17.17 19.69 -2.66
N ASP A 256 17.02 18.44 -3.09
CA ASP A 256 17.15 18.11 -4.51
C ASP A 256 15.75 18.11 -5.10
N PRO A 257 15.42 19.00 -6.06
CA PRO A 257 14.01 19.04 -6.53
C PRO A 257 13.60 17.79 -7.27
N ILE A 258 14.53 17.08 -7.91
CA ILE A 258 14.17 15.83 -8.57
C ILE A 258 13.75 14.79 -7.54
N CYS A 259 14.56 14.59 -6.50
CA CYS A 259 14.13 13.69 -5.42
C CYS A 259 12.82 14.14 -4.79
N ALA A 260 12.63 15.45 -4.63
CA ALA A 260 11.38 15.96 -4.09
C ALA A 260 10.19 15.64 -5.01
N MET A 261 10.39 15.76 -6.33
N MET A 261 10.38 15.77 -6.32
CA MET A 261 9.34 15.37 -7.29
CA MET A 261 9.34 15.37 -7.27
C MET A 261 8.94 13.92 -7.10
C MET A 261 8.93 13.92 -7.07
N GLN A 262 9.91 13.03 -6.92
CA GLN A 262 9.60 11.62 -6.72
C GLN A 262 8.79 11.45 -5.43
N ALA A 263 9.17 12.16 -4.36
CA ALA A 263 8.44 12.03 -3.11
C ALA A 263 6.97 12.43 -3.28
N CYS A 264 6.71 13.53 -4.01
CA CYS A 264 5.33 13.96 -4.25
C CYS A 264 4.58 12.88 -5.02
N MET A 265 5.17 12.40 -6.11
CA MET A 265 4.50 11.36 -6.88
C MET A 265 4.34 10.07 -6.10
N ASP A 266 5.23 9.82 -5.13
CA ASP A 266 5.11 8.62 -4.31
C ASP A 266 4.06 8.78 -3.23
N GLY A 267 3.41 9.94 -3.16
CA GLY A 267 2.33 10.17 -2.20
C GLY A 267 2.71 10.86 -0.91
N PHE A 268 3.84 11.58 -0.87
CA PHE A 268 4.25 12.28 0.34
C PHE A 268 4.10 13.77 0.16
N GLU A 269 3.79 14.44 1.27
CA GLU A 269 3.86 15.89 1.31
C GLU A 269 5.30 16.34 1.55
N VAL A 270 5.81 17.25 0.72
CA VAL A 270 7.19 17.69 0.80
C VAL A 270 7.22 19.02 1.53
N VAL A 271 7.95 19.07 2.65
CA VAL A 271 7.96 20.22 3.53
C VAL A 271 9.40 20.51 3.92
N SER A 272 9.63 21.73 4.42
CA SER A 272 10.93 22.08 4.97
C SER A 272 10.81 22.40 6.46
N PRO A 273 11.82 22.03 7.27
CA PRO A 273 11.81 22.50 8.66
C PRO A 273 11.87 24.00 8.77
N TYR A 274 12.34 24.71 7.74
CA TYR A 274 12.52 26.16 7.79
C TYR A 274 11.44 26.84 6.95
N LYS A 275 10.99 28.00 7.42
CA LYS A 275 9.99 28.76 6.68
C LYS A 275 10.52 29.10 5.30
N ASN A 276 9.76 28.74 4.27
CA ASN A 276 10.13 28.94 2.87
C ASN A 276 11.42 28.22 2.50
N GLY A 277 11.83 27.25 3.31
CA GLY A 277 13.05 26.51 3.04
C GLY A 277 14.35 27.20 3.39
N ILE A 278 14.32 28.36 4.04
CA ILE A 278 15.50 29.18 4.26
C ILE A 278 15.93 29.10 5.72
N ASN A 279 17.11 28.54 5.97
CA ASN A 279 17.69 28.56 7.31
C ASN A 279 18.56 29.80 7.46
N ASP A 280 18.10 30.76 8.26
CA ASP A 280 18.87 31.98 8.49
C ASP A 280 19.62 31.95 9.82
N GLY A 281 19.75 30.78 10.42
CA GLY A 281 20.38 30.63 11.72
C GLY A 281 19.49 30.93 12.91
N THR A 282 18.40 31.66 12.74
CA THR A 282 17.61 32.11 13.87
C THR A 282 16.50 31.14 14.18
N GLU A 283 16.03 31.19 15.43
CA GLU A 283 14.88 30.38 15.80
C GLU A 283 13.64 30.80 15.00
N ALA A 284 13.55 32.08 14.62
CA ALA A 284 12.40 32.57 13.86
C ALA A 284 12.27 31.90 12.50
N SER A 285 13.34 31.35 11.94
CA SER A 285 13.16 30.67 10.66
C SER A 285 12.63 29.24 10.79
N ILE A 286 12.57 28.68 12.00
CA ILE A 286 12.00 27.34 12.19
C ILE A 286 10.49 27.37 11.99
N ASP A 287 9.97 26.40 11.26
CA ASP A 287 8.52 26.24 11.14
C ASP A 287 8.08 25.49 12.40
N ALA A 288 7.82 26.25 13.46
CA ALA A 288 7.53 25.63 14.75
C ALA A 288 6.17 24.92 14.76
N ALA A 289 5.20 25.41 13.97
CA ALA A 289 3.91 24.72 13.85
C ALA A 289 4.08 23.33 13.23
N LEU A 290 4.88 23.22 12.18
CA LEU A 290 5.18 21.90 11.61
C LEU A 290 5.88 21.01 12.62
N LEU A 291 7.00 21.47 13.17
CA LEU A 291 7.81 20.59 14.00
C LEU A 291 7.08 20.20 15.28
N GLY A 292 6.17 21.06 15.74
CA GLY A 292 5.38 20.76 16.94
C GLY A 292 4.36 19.65 16.74
N LYS A 293 4.18 19.16 15.51
CA LYS A 293 3.26 18.07 15.21
C LYS A 293 3.96 16.78 14.88
N ILE A 294 5.28 16.76 14.85
CA ILE A 294 6.04 15.60 14.37
C ILE A 294 6.33 14.66 15.54
N ASP A 295 5.98 13.39 15.37
CA ASP A 295 6.26 12.37 16.37
C ASP A 295 7.57 11.64 16.17
N LEU A 296 8.16 11.73 14.97
CA LEU A 296 9.33 10.94 14.63
C LEU A 296 10.07 11.67 13.53
N ILE A 297 11.36 11.93 13.75
CA ILE A 297 12.21 12.48 12.70
C ILE A 297 13.35 11.51 12.42
N VAL A 298 13.61 11.26 11.13
CA VAL A 298 14.63 10.31 10.66
C VAL A 298 15.51 11.06 9.67
N THR A 299 16.81 11.12 9.92
CA THR A 299 17.73 11.74 8.98
C THR A 299 18.35 10.68 8.08
N THR A 300 18.48 11.01 6.76
CA THR A 300 18.87 10.01 5.76
C THR A 300 19.86 10.60 4.74
N THR A 301 20.54 11.70 5.06
CA THR A 301 21.12 12.53 3.99
C THR A 301 22.59 12.24 3.67
N GLY A 302 23.36 11.74 4.63
CA GLY A 302 24.81 11.77 4.47
C GLY A 302 25.40 13.17 4.55
N ASN A 303 24.61 14.15 4.99
CA ASN A 303 25.01 15.54 5.10
C ASN A 303 25.15 15.89 6.59
N VAL A 304 25.43 17.15 6.87
CA VAL A 304 25.77 17.58 8.23
C VAL A 304 24.67 18.48 8.76
N ASN A 305 24.25 18.22 10.00
CA ASN A 305 23.37 19.11 10.76
C ASN A 305 22.05 19.36 10.04
N VAL A 306 21.44 18.29 9.54
CA VAL A 306 20.12 18.43 8.92
C VAL A 306 18.97 18.33 9.93
N CYS A 307 19.25 17.94 11.17
CA CYS A 307 18.30 18.04 12.28
C CYS A 307 19.07 18.83 13.32
N ASP A 308 18.90 20.16 13.29
CA ASP A 308 19.79 21.04 14.02
C ASP A 308 19.19 21.38 15.39
N ALA A 309 19.92 22.18 16.16
CA ALA A 309 19.51 22.45 17.54
C ALA A 309 18.15 23.13 17.59
N ASN A 310 17.90 24.08 16.68
CA ASN A 310 16.63 24.81 16.71
C ASN A 310 15.47 23.91 16.32
N MET A 311 15.70 22.95 15.42
CA MET A 311 14.68 21.94 15.13
C MET A 311 14.42 21.09 16.36
N LEU A 312 15.49 20.70 17.06
CA LEU A 312 15.33 19.86 18.24
C LEU A 312 14.55 20.60 19.32
N LYS A 313 14.78 21.91 19.45
CA LYS A 313 14.07 22.68 20.45
C LYS A 313 12.59 22.80 20.12
N ALA A 314 12.24 22.74 18.83
CA ALA A 314 10.86 22.93 18.37
C ALA A 314 10.06 21.63 18.28
N LEU A 315 10.71 20.47 18.30
CA LEU A 315 10.00 19.23 18.07
C LEU A 315 8.94 19.03 19.15
N LYS A 316 7.85 18.37 18.75
CA LYS A 316 6.81 17.93 19.69
C LYS A 316 7.42 17.19 20.89
N LYS A 317 6.86 17.44 22.07
CA LYS A 317 7.25 16.66 23.25
C LYS A 317 7.14 15.16 22.96
N ARG A 318 8.18 14.43 23.41
CA ARG A 318 8.24 12.96 23.35
C ARG A 318 8.38 12.41 21.94
N ALA A 319 8.76 13.26 20.98
CA ALA A 319 9.14 12.78 19.66
C ALA A 319 10.38 11.90 19.73
N VAL A 320 10.46 10.95 18.79
CA VAL A 320 11.64 10.12 18.61
C VAL A 320 12.52 10.75 17.53
N VAL A 321 13.82 10.78 17.80
CA VAL A 321 14.82 11.34 16.90
C VAL A 321 15.77 10.22 16.54
N CYS A 322 16.03 10.01 15.25
CA CYS A 322 17.04 9.02 14.91
C CYS A 322 17.66 9.35 13.56
N ASN A 323 18.77 8.69 13.31
CA ASN A 323 19.56 8.88 12.10
C ASN A 323 19.88 7.53 11.51
N ILE A 324 19.70 7.40 10.19
CA ILE A 324 20.03 6.18 9.49
C ILE A 324 21.04 6.44 8.37
N GLY A 325 21.55 7.67 8.28
CA GLY A 325 22.76 7.92 7.50
C GLY A 325 24.01 7.39 8.20
N HIS A 326 25.12 7.41 7.47
CA HIS A 326 26.30 6.69 7.95
C HIS A 326 26.89 7.29 9.24
N PHE A 327 26.90 8.62 9.38
CA PHE A 327 27.58 9.24 10.51
C PHE A 327 26.57 9.99 11.37
N ASP A 328 26.89 10.11 12.67
CA ASP A 328 25.93 10.68 13.63
C ASP A 328 25.78 12.20 13.55
N ASN A 329 26.67 12.90 12.86
CA ASN A 329 26.59 14.37 12.81
C ASN A 329 25.42 14.89 11.96
N GLU A 330 24.56 14.01 11.44
CA GLU A 330 23.32 14.47 10.81
C GLU A 330 22.45 15.20 11.80
N ILE A 331 22.48 14.77 13.06
CA ILE A 331 21.71 15.34 14.16
C ILE A 331 22.71 16.07 15.07
N ASP A 332 22.33 17.25 15.56
CA ASP A 332 23.19 17.97 16.51
C ASP A 332 23.03 17.35 17.90
N THR A 333 23.58 16.14 18.06
CA THR A 333 23.59 15.51 19.38
C THR A 333 24.52 16.24 20.34
N ALA A 334 25.56 16.88 19.81
CA ALA A 334 26.48 17.64 20.68
C ALA A 334 25.74 18.76 21.42
N PHE A 335 24.86 19.48 20.72
CA PHE A 335 24.03 20.47 21.40
C PHE A 335 23.23 19.83 22.53
N MET A 336 22.65 18.65 22.28
CA MET A 336 21.86 17.99 23.32
C MET A 336 22.75 17.53 24.48
N ARG A 337 23.97 17.08 24.21
CA ARG A 337 24.86 16.72 25.32
C ARG A 337 25.24 17.94 26.15
N LYS A 338 25.37 19.10 25.49
CA LYS A 338 25.76 20.32 26.17
C LYS A 338 24.66 20.83 27.09
N ASN A 339 23.40 20.76 26.65
CA ASN A 339 22.35 21.56 27.27
C ASN A 339 21.27 20.77 27.99
N TRP A 340 21.11 19.48 27.69
CA TRP A 340 19.97 18.72 28.17
C TRP A 340 20.42 17.46 28.90
N ALA A 341 19.58 16.98 29.82
CA ALA A 341 19.92 15.84 30.68
C ALA A 341 19.51 14.52 30.04
N TRP A 342 20.44 13.58 29.97
CA TRP A 342 20.23 12.30 29.31
C TRP A 342 19.87 11.23 30.33
N GLU A 343 18.76 10.54 30.11
CA GLU A 343 18.33 9.44 30.97
C GLU A 343 18.33 8.17 30.13
N GLU A 344 19.23 7.22 30.42
CA GLU A 344 19.22 5.97 29.66
C GLU A 344 17.98 5.14 30.00
N VAL A 345 17.19 4.79 28.99
CA VAL A 345 16.07 3.87 29.16
C VAL A 345 16.58 2.43 29.20
N LYS A 346 17.36 2.09 28.19
CA LYS A 346 18.09 0.84 28.06
C LYS A 346 19.18 1.11 27.02
N PRO A 347 20.09 0.17 26.78
CA PRO A 347 21.18 0.45 25.82
C PRO A 347 20.65 1.01 24.50
N GLN A 348 21.33 2.05 24.00
CA GLN A 348 20.99 2.72 22.75
C GLN A 348 19.57 3.34 22.74
N VAL A 349 18.97 3.64 23.91
CA VAL A 349 17.70 4.37 23.95
C VAL A 349 17.82 5.39 25.06
N HIS A 350 17.79 6.69 24.72
CA HIS A 350 17.96 7.72 25.74
C HIS A 350 16.80 8.70 25.69
N LYS A 351 16.27 9.04 26.86
CA LYS A 351 15.36 10.17 26.97
C LYS A 351 16.23 11.40 27.18
N ILE A 352 15.94 12.45 26.43
CA ILE A 352 16.73 13.66 26.52
C ILE A 352 15.81 14.74 27.04
N HIS A 353 16.04 15.16 28.27
CA HIS A 353 15.11 16.02 29.01
C HIS A 353 15.44 17.47 28.69
N ARG A 354 14.49 18.17 28.05
CA ARG A 354 14.75 19.53 27.60
C ARG A 354 14.55 20.57 28.70
N THR A 355 14.35 20.14 29.95
CA THR A 355 14.15 21.02 31.08
C THR A 355 15.45 21.58 31.63
N GLY A 356 16.59 21.10 31.19
CA GLY A 356 17.85 21.59 31.72
C GLY A 356 18.92 20.52 31.64
N LYS A 357 20.13 20.93 32.02
CA LYS A 357 21.33 20.12 31.86
C LYS A 357 21.62 19.28 33.10
N ASP A 358 21.41 19.84 34.28
CA ASP A 358 21.96 19.22 35.48
C ASP A 358 21.19 17.96 35.85
N GLY A 359 19.98 18.10 36.39
CA GLY A 359 19.16 16.96 36.72
C GLY A 359 18.00 16.81 35.77
N PHE A 360 17.18 15.80 36.04
CA PHE A 360 15.89 15.68 35.40
C PHE A 360 14.89 15.11 36.40
N ASP A 361 13.62 15.48 36.22
CA ASP A 361 12.52 14.87 36.95
C ASP A 361 12.14 13.57 36.25
N ALA A 362 12.11 12.47 37.01
CA ALA A 362 11.80 11.15 36.44
C ALA A 362 10.48 11.14 35.69
N HIS A 363 9.54 12.00 36.09
CA HIS A 363 8.23 12.09 35.47
C HIS A 363 8.09 13.30 34.56
N ASN A 364 9.19 13.94 34.20
CA ASN A 364 9.12 15.07 33.27
C ASN A 364 8.48 14.63 31.96
N ASP A 365 7.59 15.45 31.43
CA ASP A 365 6.94 15.10 30.16
C ASP A 365 7.64 15.70 28.96
N ASP A 366 8.58 16.63 29.16
CA ASP A 366 9.23 17.36 28.05
C ASP A 366 10.60 16.74 27.77
N TYR A 367 10.57 15.61 27.06
CA TYR A 367 11.78 14.94 26.62
C TYR A 367 11.63 14.51 25.17
N LEU A 368 12.77 14.24 24.53
CA LEU A 368 12.83 13.55 23.25
C LEU A 368 13.42 12.16 23.50
N ILE A 369 13.12 11.21 22.62
CA ILE A 369 13.75 9.89 22.68
C ILE A 369 14.74 9.80 21.52
N LEU A 370 16.02 9.69 21.85
CA LEU A 370 17.08 9.53 20.86
C LEU A 370 17.47 8.06 20.78
N LEU A 371 17.55 7.52 19.58
CA LEU A 371 17.95 6.15 19.38
C LEU A 371 19.41 6.07 18.96
N ALA A 372 20.13 5.08 19.53
CA ALA A 372 21.51 4.77 19.17
C ALA A 372 22.44 5.97 19.28
N GLU A 373 22.10 6.92 20.14
CA GLU A 373 22.90 8.14 20.33
C GLU A 373 23.16 8.83 18.98
N GLY A 374 22.21 8.71 18.07
CA GLY A 374 22.30 9.31 16.76
C GLY A 374 23.13 8.56 15.73
N ARG A 375 23.70 7.40 16.08
CA ARG A 375 24.40 6.53 15.13
C ARG A 375 23.39 5.72 14.33
N LEU A 376 23.86 5.13 13.21
CA LEU A 376 22.98 4.40 12.30
C LEU A 376 21.96 3.56 13.05
N VAL A 377 20.68 3.91 12.95
CA VAL A 377 19.71 3.36 13.92
C VAL A 377 19.36 1.92 13.58
N ASN A 378 19.36 1.55 12.30
CA ASN A 378 18.95 0.20 11.96
C ASN A 378 19.95 -0.81 12.52
N LEU A 379 21.25 -0.47 12.47
CA LEU A 379 22.27 -1.34 13.05
C LEU A 379 22.41 -1.15 14.56
N GLY A 380 22.15 0.05 15.08
CA GLY A 380 22.33 0.29 16.50
C GLY A 380 21.23 -0.32 17.36
N ASN A 381 19.98 -0.22 16.90
CA ASN A 381 18.85 -0.71 17.68
C ASN A 381 18.23 -2.00 17.14
N ALA A 382 18.68 -2.49 15.98
CA ALA A 382 18.23 -3.80 15.53
C ALA A 382 19.43 -4.54 14.93
N THR A 383 19.29 -5.16 13.76
CA THR A 383 20.39 -5.95 13.21
C THR A 383 20.73 -5.49 11.79
N GLY A 384 20.40 -4.23 11.49
CA GLY A 384 20.67 -3.77 10.09
C GLY A 384 19.89 -4.58 9.06
N HIS A 385 20.41 -4.59 7.82
CA HIS A 385 19.64 -5.20 6.73
C HIS A 385 19.60 -6.73 6.89
N PRO A 386 18.58 -7.38 6.32
CA PRO A 386 18.52 -8.83 6.36
C PRO A 386 19.51 -9.48 5.40
N SER A 387 19.88 -10.72 5.74
CA SER A 387 20.84 -11.48 4.93
C SER A 387 20.51 -11.46 3.44
N ARG A 388 19.22 -11.63 3.09
CA ARG A 388 18.92 -11.82 1.67
C ARG A 388 19.13 -10.53 0.88
N ILE A 389 19.09 -9.38 1.55
CA ILE A 389 19.45 -8.12 0.91
C ILE A 389 20.95 -7.93 0.88
N MET A 390 21.64 -8.22 2.00
CA MET A 390 23.09 -8.05 2.06
C MET A 390 23.80 -8.98 1.10
N ASP A 391 23.13 -10.06 0.70
CA ASP A 391 23.64 -10.96 -0.32
C ASP A 391 24.07 -10.19 -1.55
N GLY A 392 23.23 -9.27 -2.02
CA GLY A 392 23.59 -8.49 -3.21
C GLY A 392 24.84 -7.67 -3.00
N SER A 393 24.86 -6.87 -1.93
CA SER A 393 25.99 -6.01 -1.63
C SER A 393 27.28 -6.81 -1.51
N PHE A 394 27.22 -7.93 -0.78
CA PHE A 394 28.45 -8.65 -0.44
C PHE A 394 28.92 -9.54 -1.57
N ALA A 395 28.01 -10.01 -2.44
CA ALA A 395 28.49 -10.62 -3.70
C ALA A 395 29.31 -9.61 -4.50
N ASN A 396 28.82 -8.37 -4.60
CA ASN A 396 29.60 -7.33 -5.29
C ASN A 396 30.95 -7.14 -4.62
N GLN A 397 30.99 -7.15 -3.28
CA GLN A 397 32.26 -6.97 -2.57
C GLN A 397 33.25 -8.07 -2.95
N VAL A 398 32.81 -9.32 -2.96
CA VAL A 398 33.71 -10.42 -3.30
C VAL A 398 34.23 -10.26 -4.73
N LEU A 399 33.35 -9.89 -5.66
CA LEU A 399 33.79 -9.77 -7.05
C LEU A 399 34.78 -8.61 -7.20
N ALA A 400 34.55 -7.52 -6.46
CA ALA A 400 35.43 -6.37 -6.51
C ALA A 400 36.80 -6.72 -5.96
N GLN A 401 36.81 -7.43 -4.82
CA GLN A 401 38.06 -7.88 -4.24
C GLN A 401 38.83 -8.76 -5.22
N ILE A 402 38.15 -9.71 -5.86
CA ILE A 402 38.83 -10.57 -6.82
C ILE A 402 39.42 -9.73 -7.94
N HIS A 403 38.62 -8.80 -8.47
CA HIS A 403 39.08 -8.01 -9.61
C HIS A 403 40.32 -7.20 -9.28
N LEU A 404 40.29 -6.43 -8.18
CA LEU A 404 41.44 -5.59 -7.85
C LEU A 404 42.64 -6.43 -7.42
N PHE A 405 42.40 -7.52 -6.68
CA PHE A 405 43.53 -8.37 -6.28
C PHE A 405 44.21 -8.98 -7.50
N GLU A 406 43.42 -9.44 -8.48
CA GLU A 406 44.05 -10.00 -9.69
C GLU A 406 44.72 -8.93 -10.54
N GLN A 407 44.36 -7.67 -10.40
CA GLN A 407 44.99 -6.60 -11.18
C GLN A 407 46.39 -6.27 -10.66
N LYS A 408 46.65 -6.49 -9.38
CA LYS A 408 48.00 -6.36 -8.79
C LYS A 408 48.58 -4.96 -8.98
N TYR A 409 47.77 -3.94 -8.67
CA TYR A 409 48.19 -2.55 -8.86
C TYR A 409 49.52 -2.24 -8.18
N ALA A 410 49.75 -2.78 -6.99
CA ALA A 410 50.96 -2.47 -6.24
C ALA A 410 52.21 -2.95 -6.94
N ASP A 411 52.10 -3.94 -7.82
CA ASP A 411 53.25 -4.51 -8.52
C ASP A 411 53.56 -3.80 -9.83
N LEU A 412 52.86 -2.73 -10.15
CA LEU A 412 53.14 -2.13 -11.45
C LEU A 412 54.20 -1.04 -11.34
N PRO A 413 54.93 -0.77 -12.43
CA PRO A 413 55.82 0.39 -12.43
C PRO A 413 55.02 1.69 -12.31
N ALA A 414 55.70 2.73 -11.83
CA ALA A 414 55.00 3.96 -11.45
C ALA A 414 54.22 4.56 -12.61
N ALA A 415 54.70 4.40 -13.84
CA ALA A 415 53.99 4.94 -14.99
C ALA A 415 52.65 4.24 -15.18
N GLU A 416 52.66 2.91 -15.26
CA GLU A 416 51.41 2.16 -15.38
C GLU A 416 50.48 2.40 -14.21
N LYS A 417 51.00 2.79 -13.05
CA LYS A 417 50.15 3.03 -11.89
C LYS A 417 49.28 4.27 -12.09
N ALA A 418 49.86 5.34 -12.65
CA ALA A 418 49.07 6.55 -12.89
C ALA A 418 47.88 6.26 -13.81
N LYS A 419 48.03 5.32 -14.74
CA LYS A 419 46.97 5.01 -15.69
C LYS A 419 45.81 4.28 -15.03
N ARG A 420 46.04 3.57 -13.94
CA ARG A 420 45.00 2.77 -13.31
C ARG A 420 44.54 3.30 -11.95
N LEU A 421 45.03 4.45 -11.53
CA LEU A 421 44.54 5.06 -10.29
C LEU A 421 43.16 5.64 -10.55
N SER A 422 42.13 4.88 -10.21
CA SER A 422 40.77 5.26 -10.53
C SER A 422 39.80 4.78 -9.46
N VAL A 423 38.60 5.32 -9.50
CA VAL A 423 37.45 4.80 -8.78
C VAL A 423 36.44 4.36 -9.82
N GLU A 424 36.23 3.04 -9.92
CA GLU A 424 35.44 2.42 -10.96
C GLU A 424 34.31 1.64 -10.32
N VAL A 425 33.28 1.34 -11.12
CA VAL A 425 32.26 0.40 -10.69
C VAL A 425 32.47 -0.91 -11.44
N LEU A 426 31.87 -1.98 -10.92
CA LEU A 426 31.85 -3.25 -11.61
C LEU A 426 31.04 -3.17 -12.91
N PRO A 427 31.38 -3.99 -13.90
CA PRO A 427 30.64 -3.95 -15.16
C PRO A 427 29.21 -4.47 -14.98
N LYS A 428 28.34 -3.98 -15.87
CA LYS A 428 26.91 -4.28 -15.73
C LYS A 428 26.64 -5.77 -15.86
N LYS A 429 27.41 -6.48 -16.69
CA LYS A 429 27.22 -7.92 -16.80
C LYS A 429 27.32 -8.61 -15.44
N LEU A 430 28.29 -8.20 -14.60
CA LEU A 430 28.42 -8.82 -13.30
C LEU A 430 27.26 -8.44 -12.39
N ASP A 431 26.85 -7.16 -12.44
CA ASP A 431 25.70 -6.67 -11.70
C ASP A 431 24.48 -7.53 -12.01
N GLU A 432 24.26 -7.81 -13.30
CA GLU A 432 23.16 -8.67 -13.76
C GLU A 432 23.28 -10.09 -13.21
N GLU A 433 24.49 -10.66 -13.22
CA GLU A 433 24.66 -12.03 -12.74
C GLU A 433 24.41 -12.11 -11.24
N VAL A 434 24.77 -11.08 -10.48
CA VAL A 434 24.41 -11.07 -9.05
C VAL A 434 22.90 -11.05 -8.91
N ALA A 435 22.23 -10.19 -9.68
CA ALA A 435 20.78 -10.07 -9.57
C ALA A 435 20.08 -11.37 -9.91
N LEU A 436 20.60 -12.09 -10.92
CA LEU A 436 19.99 -13.34 -11.32
C LEU A 436 19.99 -14.35 -10.18
N GLU A 437 21.10 -14.44 -9.45
CA GLU A 437 21.13 -15.36 -8.32
C GLU A 437 20.15 -14.91 -7.23
N MET A 438 20.02 -13.59 -7.04
CA MET A 438 19.05 -13.08 -6.07
C MET A 438 17.64 -13.46 -6.47
N VAL A 439 17.29 -13.26 -7.75
CA VAL A 439 15.95 -13.62 -8.22
C VAL A 439 15.69 -15.11 -8.03
N LYS A 440 16.68 -15.95 -8.37
CA LYS A 440 16.50 -17.38 -8.19
C LYS A 440 16.28 -17.74 -6.71
N GLY A 441 16.86 -16.95 -5.80
CA GLY A 441 16.67 -17.22 -4.39
C GLY A 441 15.24 -16.98 -3.93
N PHE A 442 14.51 -16.09 -4.62
CA PHE A 442 13.08 -15.93 -4.40
C PHE A 442 12.23 -16.97 -5.13
N GLY A 443 12.85 -17.85 -5.92
CA GLY A 443 12.09 -18.72 -6.78
C GLY A 443 11.62 -18.04 -8.07
N GLY A 444 12.09 -16.84 -8.35
CA GLY A 444 11.68 -16.18 -9.56
C GLY A 444 12.30 -16.82 -10.79
N VAL A 445 11.59 -16.71 -11.92
CA VAL A 445 12.03 -17.31 -13.19
C VAL A 445 12.18 -16.18 -14.20
N VAL A 446 13.42 -15.89 -14.59
CA VAL A 446 13.72 -14.90 -15.62
C VAL A 446 13.52 -15.52 -16.99
N THR A 447 12.85 -14.77 -17.89
CA THR A 447 12.61 -15.23 -19.26
C THR A 447 13.85 -15.02 -20.12
N GLN A 448 14.11 -15.96 -21.02
CA GLN A 448 15.20 -15.85 -21.97
C GLN A 448 14.69 -15.26 -23.28
N LEU A 449 15.37 -14.22 -23.76
CA LEU A 449 15.06 -13.62 -25.06
C LEU A 449 15.23 -14.62 -26.18
N THR A 450 14.33 -14.57 -27.17
CA THR A 450 14.62 -15.29 -28.41
C THR A 450 15.69 -14.52 -29.18
N PRO A 451 16.38 -15.16 -30.14
CA PRO A 451 17.32 -14.41 -30.97
C PRO A 451 16.68 -13.22 -31.67
N LYS A 452 15.48 -13.39 -32.22
CA LYS A 452 14.82 -12.29 -32.91
C LYS A 452 14.50 -11.15 -31.94
N GLN A 453 14.05 -11.48 -30.73
CA GLN A 453 13.78 -10.43 -29.77
C GLN A 453 15.06 -9.69 -29.39
N ALA A 454 16.16 -10.44 -29.17
CA ALA A 454 17.41 -9.81 -28.79
C ALA A 454 17.90 -8.87 -29.88
N GLU A 455 17.77 -9.30 -31.13
CA GLU A 455 18.09 -8.45 -32.27
C GLU A 455 17.19 -7.22 -32.30
N TYR A 456 15.90 -7.41 -31.99
CA TYR A 456 14.94 -6.32 -32.11
C TYR A 456 15.30 -5.16 -31.19
N ILE A 457 15.69 -5.44 -29.95
CA ILE A 457 16.06 -4.40 -28.99
C ILE A 457 17.57 -4.15 -28.94
N GLY A 458 18.35 -4.88 -29.73
CA GLY A 458 19.77 -4.61 -29.82
C GLY A 458 20.61 -5.07 -28.66
N VAL A 459 20.30 -6.22 -28.06
CA VAL A 459 21.11 -6.78 -26.97
C VAL A 459 21.51 -8.22 -27.32
N SER A 460 22.51 -8.72 -26.60
CA SER A 460 22.79 -10.15 -26.62
C SER A 460 21.76 -10.89 -25.78
N VAL A 461 21.49 -12.14 -26.18
CA VAL A 461 20.59 -12.95 -25.36
C VAL A 461 21.13 -13.09 -23.94
N GLU A 462 22.45 -13.11 -23.78
CA GLU A 462 23.03 -13.25 -22.45
C GLU A 462 23.18 -11.92 -21.72
N GLY A 463 22.81 -10.81 -22.34
CA GLY A 463 23.00 -9.51 -21.73
C GLY A 463 24.40 -9.00 -22.00
N PRO A 464 24.71 -7.77 -21.53
CA PRO A 464 23.83 -6.93 -20.71
C PRO A 464 22.61 -6.42 -21.45
N PHE A 465 21.57 -6.09 -20.68
CA PHE A 465 20.26 -5.82 -21.24
C PHE A 465 19.96 -4.34 -21.34
N LYS A 466 20.79 -3.48 -20.75
CA LYS A 466 20.53 -2.06 -20.67
C LYS A 466 21.80 -1.30 -20.97
N PRO A 467 21.70 -0.12 -21.58
CA PRO A 467 22.87 0.75 -21.73
C PRO A 467 23.35 1.18 -20.36
N ASP A 468 24.63 1.55 -20.30
CA ASP A 468 25.18 2.02 -19.03
C ASP A 468 24.47 3.26 -18.50
N THR A 469 23.78 4.01 -19.36
CA THR A 469 23.04 5.20 -18.92
C THR A 469 21.76 4.86 -18.16
N TYR A 470 21.33 3.61 -18.15
CA TYR A 470 19.98 3.28 -17.67
C TYR A 470 19.94 3.39 -16.15
N ARG A 471 18.84 3.92 -15.65
CA ARG A 471 18.73 4.25 -14.22
C ARG A 471 17.88 3.28 -13.41
N TYR A 472 17.14 2.38 -14.06
CA TYR A 472 16.28 1.42 -13.35
C TYR A 472 15.28 2.15 -12.45
N GLY B 12 10.23 -5.50 53.21
CA GLY B 12 10.21 -6.95 53.38
C GLY B 12 9.10 -7.65 52.61
N PHE B 13 8.68 -7.08 51.49
CA PHE B 13 7.63 -7.67 50.67
C PHE B 13 8.20 -8.87 49.92
N THR B 14 7.60 -10.05 50.15
CA THR B 14 8.07 -11.28 49.52
C THR B 14 7.00 -12.03 48.75
N ASP B 15 5.80 -11.48 48.64
CA ASP B 15 4.63 -12.18 48.12
C ASP B 15 4.59 -12.07 46.59
N TYR B 16 5.59 -12.66 45.94
CA TYR B 16 5.72 -12.54 44.47
C TYR B 16 6.73 -13.57 44.01
N LYS B 17 6.79 -13.78 42.69
CA LYS B 17 7.90 -14.55 42.14
C LYS B 17 8.14 -14.09 40.72
N VAL B 18 9.32 -13.54 40.48
CA VAL B 18 9.66 -13.01 39.17
C VAL B 18 11.07 -13.46 38.84
N ALA B 19 11.48 -13.26 37.58
CA ALA B 19 12.79 -13.75 37.16
C ALA B 19 13.92 -13.03 37.87
N ASP B 20 13.82 -11.71 38.01
CA ASP B 20 14.94 -10.92 38.46
C ASP B 20 14.37 -9.58 38.92
N ILE B 21 14.30 -9.40 40.24
CA ILE B 21 13.73 -8.18 40.80
C ILE B 21 14.61 -6.96 40.50
N THR B 22 15.90 -7.15 40.19
CA THR B 22 16.74 -5.98 39.90
C THR B 22 16.42 -5.34 38.57
N LEU B 23 15.55 -5.93 37.77
CA LEU B 23 15.09 -5.30 36.54
C LEU B 23 14.01 -4.24 36.81
N ALA B 24 13.69 -3.98 38.08
CA ALA B 24 12.54 -3.14 38.39
C ALA B 24 12.70 -1.72 37.88
N ALA B 25 13.89 -1.13 38.07
CA ALA B 25 14.08 0.27 37.65
C ALA B 25 13.88 0.41 36.15
N TRP B 26 14.41 -0.53 35.38
CA TRP B 26 14.21 -0.51 33.93
C TRP B 26 12.73 -0.64 33.59
N GLY B 27 12.03 -1.57 34.25
CA GLY B 27 10.60 -1.68 34.04
C GLY B 27 9.85 -0.39 34.35
N ARG B 28 10.24 0.29 35.44
CA ARG B 28 9.57 1.55 35.80
C ARG B 28 9.80 2.62 34.75
N ARG B 29 11.02 2.72 34.20
CA ARG B 29 11.26 3.66 33.10
C ARG B 29 10.32 3.38 31.94
N GLU B 30 10.13 2.11 31.61
CA GLU B 30 9.25 1.77 30.49
C GLU B 30 7.78 1.97 30.82
N LEU B 31 7.36 1.74 32.09
CA LEU B 31 5.99 2.09 32.46
C LEU B 31 5.72 3.58 32.28
N ILE B 32 6.69 4.42 32.63
CA ILE B 32 6.48 5.86 32.59
C ILE B 32 6.33 6.30 31.14
N ILE B 33 7.12 5.70 30.23
CA ILE B 33 6.89 5.94 28.80
C ILE B 33 5.50 5.44 28.38
N ALA B 34 5.15 4.23 28.80
CA ALA B 34 3.88 3.65 28.34
C ALA B 34 2.71 4.46 28.83
N GLU B 35 2.80 5.05 30.03
CA GLU B 35 1.74 5.94 30.50
C GLU B 35 1.45 7.04 29.48
N SER B 36 2.50 7.62 28.90
CA SER B 36 2.34 8.70 27.92
C SER B 36 1.76 8.23 26.60
N GLU B 37 1.76 6.93 26.35
CA GLU B 37 1.20 6.30 25.17
C GLU B 37 -0.19 5.74 25.39
N MET B 38 -0.75 5.86 26.61
CA MET B 38 -2.03 5.24 26.96
C MET B 38 -2.98 6.28 27.53
N PRO B 39 -3.44 7.23 26.71
CA PRO B 39 -4.26 8.34 27.23
C PRO B 39 -5.64 7.93 27.68
N ALA B 40 -6.26 6.92 27.06
CA ALA B 40 -7.57 6.51 27.54
C ALA B 40 -7.46 5.94 28.92
N LEU B 41 -6.49 5.05 29.11
CA LEU B 41 -6.29 4.40 30.40
C LEU B 41 -5.85 5.38 31.47
N MET B 42 -4.88 6.24 31.16
CA MET B 42 -4.45 7.23 32.14
C MET B 42 -5.55 8.26 32.38
N GLY B 43 -6.38 8.51 31.37
CA GLY B 43 -7.54 9.37 31.57
C GLY B 43 -8.48 8.81 32.62
N LEU B 44 -8.72 7.49 32.60
CA LEU B 44 -9.57 6.89 33.63
C LEU B 44 -8.93 6.99 34.99
N ARG B 45 -7.63 6.72 35.04
CA ARG B 45 -6.89 6.86 36.29
C ARG B 45 -7.11 8.24 36.90
N ARG B 46 -7.01 9.29 36.08
CA ARG B 46 -7.18 10.64 36.60
C ARG B 46 -8.64 10.95 36.92
N LYS B 47 -9.56 10.42 36.11
CA LYS B 47 -10.97 10.71 36.32
C LYS B 47 -11.50 10.07 37.60
N TYR B 48 -11.13 8.83 37.87
CA TYR B 48 -11.77 8.04 38.92
C TYR B 48 -10.94 7.95 40.18
N ALA B 49 -9.73 8.52 40.20
CA ALA B 49 -8.85 8.35 41.35
C ALA B 49 -9.53 8.82 42.64
N GLY B 50 -10.14 10.00 42.63
CA GLY B 50 -10.73 10.54 43.85
C GLY B 50 -11.90 9.71 44.35
N GLN B 51 -12.69 9.18 43.44
CA GLN B 51 -13.88 8.42 43.82
C GLN B 51 -13.55 7.00 44.30
N GLN B 52 -12.41 6.45 43.91
CA GLN B 52 -12.01 5.10 44.30
C GLN B 52 -13.11 4.08 44.03
N PRO B 53 -13.54 3.93 42.78
CA PRO B 53 -14.67 3.03 42.48
C PRO B 53 -14.33 1.56 42.67
N LEU B 54 -13.05 1.21 42.78
CA LEU B 54 -12.67 -0.18 43.00
C LEU B 54 -12.21 -0.42 44.44
N LYS B 55 -12.46 0.52 45.35
CA LYS B 55 -12.18 0.26 46.77
C LYS B 55 -12.97 -0.96 47.24
N GLY B 56 -12.25 -1.92 47.87
CA GLY B 56 -12.84 -3.19 48.24
C GLY B 56 -12.77 -4.27 47.19
N ALA B 57 -12.45 -3.94 45.94
CA ALA B 57 -12.28 -4.96 44.93
C ALA B 57 -10.98 -5.72 45.18
N LYS B 58 -11.03 -7.02 44.99
CA LYS B 58 -9.85 -7.87 45.12
CA LYS B 58 -9.86 -7.89 45.13
C LYS B 58 -9.84 -8.75 43.88
N ILE B 59 -8.94 -8.42 42.96
CA ILE B 59 -8.99 -8.93 41.58
C ILE B 59 -7.92 -9.99 41.38
N LEU B 60 -8.36 -11.18 40.97
CA LEU B 60 -7.45 -12.18 40.41
C LEU B 60 -7.28 -11.83 38.95
N GLY B 61 -6.05 -11.52 38.54
CA GLY B 61 -5.76 -11.22 37.13
C GLY B 61 -4.86 -12.26 36.50
N CYS B 62 -5.19 -12.70 35.29
CA CYS B 62 -4.37 -13.64 34.53
C CYS B 62 -4.28 -13.11 33.11
N ILE B 63 -3.21 -12.38 32.82
CA ILE B 63 -3.01 -11.84 31.48
C ILE B 63 -1.54 -11.49 31.32
N HIS B 64 -1.02 -11.72 30.11
CA HIS B 64 0.36 -11.45 29.71
C HIS B 64 0.99 -10.33 30.53
N MET B 65 2.05 -10.64 31.27
CA MET B 65 2.63 -9.68 32.21
C MET B 65 3.66 -8.81 31.48
N THR B 66 3.12 -7.96 30.61
CA THR B 66 3.84 -6.99 29.79
C THR B 66 3.87 -5.64 30.48
N ILE B 67 4.62 -4.71 29.89
CA ILE B 67 4.59 -3.32 30.34
C ILE B 67 3.17 -2.77 30.26
N GLN B 68 2.44 -3.11 29.18
CA GLN B 68 1.07 -2.62 29.01
C GLN B 68 0.18 -3.12 30.15
N THR B 69 0.28 -4.40 30.46
CA THR B 69 -0.46 -4.93 31.60
C THR B 69 -0.03 -4.26 32.90
N GLY B 70 1.24 -3.89 33.02
CA GLY B 70 1.68 -3.11 34.17
C GLY B 70 0.87 -1.84 34.37
N VAL B 71 0.62 -1.11 33.28
CA VAL B 71 -0.17 0.12 33.38
C VAL B 71 -1.61 -0.20 33.75
N LEU B 72 -2.16 -1.28 33.19
CA LEU B 72 -3.50 -1.71 33.59
C LEU B 72 -3.56 -2.01 35.09
N ILE B 73 -2.60 -2.82 35.58
CA ILE B 73 -2.58 -3.21 37.00
C ILE B 73 -2.54 -1.98 37.89
N GLU B 74 -1.62 -1.07 37.59
CA GLU B 74 -1.50 0.11 38.44
C GLU B 74 -2.69 1.05 38.31
N THR B 75 -3.41 1.04 37.18
CA THR B 75 -4.67 1.79 37.12
C THR B 75 -5.73 1.18 38.03
N LEU B 76 -5.88 -0.15 37.99
CA LEU B 76 -6.80 -0.81 38.93
C LEU B 76 -6.45 -0.49 40.36
N VAL B 77 -5.16 -0.54 40.72
CA VAL B 77 -4.74 -0.26 42.10
C VAL B 77 -4.99 1.20 42.45
N ALA B 78 -4.72 2.11 41.50
CA ALA B 78 -4.96 3.53 41.74
C ALA B 78 -6.44 3.81 41.98
N LEU B 79 -7.32 3.03 41.38
CA LEU B 79 -8.75 3.19 41.59
C LEU B 79 -9.26 2.46 42.84
N GLY B 80 -8.37 1.82 43.59
CA GLY B 80 -8.71 1.25 44.91
C GLY B 80 -8.58 -0.26 45.01
N ALA B 81 -8.33 -0.97 43.91
CA ALA B 81 -8.34 -2.42 43.94
C ALA B 81 -7.08 -2.98 44.60
N GLU B 82 -7.21 -4.19 45.14
CA GLU B 82 -6.05 -5.05 45.38
C GLU B 82 -6.09 -6.16 44.34
N VAL B 83 -4.90 -6.65 43.95
CA VAL B 83 -4.81 -7.64 42.88
C VAL B 83 -3.77 -8.69 43.26
N ARG B 84 -3.92 -9.88 42.66
CA ARG B 84 -2.89 -10.91 42.65
C ARG B 84 -2.80 -11.38 41.21
N TRP B 85 -1.59 -11.37 40.65
CA TRP B 85 -1.47 -11.42 39.19
C TRP B 85 -0.60 -12.57 38.72
N SER B 86 -0.96 -13.11 37.54
CA SER B 86 -0.14 -14.10 36.84
C SER B 86 -0.25 -13.82 35.34
N SER B 87 0.65 -14.42 34.57
CA SER B 87 0.57 -14.31 33.11
C SER B 87 -0.33 -15.40 32.57
N CYS B 88 -0.98 -15.14 31.44
CA CYS B 88 -1.74 -16.19 30.77
C CYS B 88 -0.96 -16.92 29.66
N ASN B 89 0.36 -16.75 29.60
CA ASN B 89 1.17 -17.50 28.65
C ASN B 89 2.59 -17.67 29.19
N ILE B 90 3.20 -18.84 28.93
CA ILE B 90 4.50 -19.15 29.50
C ILE B 90 5.63 -18.28 28.94
N PHE B 91 5.47 -17.69 27.74
CA PHE B 91 6.53 -16.89 27.13
C PHE B 91 6.19 -15.40 27.00
N SER B 92 5.04 -14.93 27.48
CA SER B 92 4.64 -13.56 27.13
C SER B 92 5.06 -12.51 28.14
N THR B 93 5.49 -12.90 29.34
CA THR B 93 5.91 -11.92 30.32
C THR B 93 7.12 -11.14 29.85
N GLN B 94 7.13 -9.82 30.10
CA GLN B 94 8.34 -9.01 30.05
C GLN B 94 8.88 -8.94 31.46
N ASP B 95 10.06 -9.51 31.68
CA ASP B 95 10.55 -9.66 33.05
C ASP B 95 10.76 -8.31 33.72
N GLN B 96 11.09 -7.26 32.97
CA GLN B 96 11.21 -5.95 33.61
C GLN B 96 9.84 -5.42 34.06
N ALA B 97 8.77 -5.74 33.32
CA ALA B 97 7.43 -5.39 33.75
C ALA B 97 7.05 -6.12 35.04
N ALA B 98 7.29 -7.43 35.09
CA ALA B 98 6.99 -8.21 36.29
C ALA B 98 7.76 -7.68 37.50
N ALA B 99 9.06 -7.42 37.32
CA ALA B 99 9.88 -6.90 38.41
C ALA B 99 9.35 -5.55 38.92
N ALA B 100 8.97 -4.65 38.02
CA ALA B 100 8.52 -3.34 38.46
C ALA B 100 7.22 -3.46 39.25
N ILE B 101 6.34 -4.37 38.85
CA ILE B 101 5.09 -4.59 39.58
C ILE B 101 5.36 -5.17 40.97
N ALA B 102 6.19 -6.22 41.04
CA ALA B 102 6.56 -6.80 42.33
C ALA B 102 7.22 -5.76 43.24
N ALA B 103 8.13 -4.96 42.68
CA ALA B 103 8.84 -3.95 43.46
C ALA B 103 7.90 -2.87 43.96
N ALA B 104 6.72 -2.74 43.37
CA ALA B 104 5.71 -1.83 43.87
C ALA B 104 4.86 -2.47 44.96
N GLY B 105 5.17 -3.68 45.40
CA GLY B 105 4.39 -4.29 46.48
C GLY B 105 3.12 -4.97 46.02
N ILE B 106 3.04 -5.33 44.75
CA ILE B 106 1.88 -5.97 44.16
C ILE B 106 2.21 -7.44 43.92
N PRO B 107 1.41 -8.38 44.42
CA PRO B 107 1.72 -9.81 44.18
C PRO B 107 1.61 -10.18 42.71
N VAL B 108 2.72 -10.66 42.14
CA VAL B 108 2.77 -11.09 40.74
C VAL B 108 3.66 -12.33 40.69
N PHE B 109 3.19 -13.35 39.97
CA PHE B 109 3.92 -14.60 39.80
C PHE B 109 4.03 -14.82 38.30
N ALA B 110 5.17 -14.44 37.71
CA ALA B 110 5.26 -14.43 36.25
C ALA B 110 6.70 -14.25 35.82
N TRP B 111 7.11 -15.05 34.84
CA TRP B 111 8.39 -14.82 34.19
C TRP B 111 8.36 -15.39 32.77
N LYS B 112 9.26 -14.87 31.93
CA LYS B 112 9.34 -15.38 30.57
C LYS B 112 10.02 -16.74 30.56
N GLY B 113 9.39 -17.71 29.91
CA GLY B 113 9.98 -19.03 29.84
C GLY B 113 9.60 -19.95 30.97
N GLU B 114 8.37 -19.85 31.47
CA GLU B 114 7.83 -20.80 32.43
C GLU B 114 7.67 -22.17 31.79
N THR B 115 7.83 -23.22 32.61
CA THR B 115 7.35 -24.53 32.24
C THR B 115 5.85 -24.59 32.45
N GLU B 116 5.21 -25.64 31.95
CA GLU B 116 3.77 -25.74 32.14
C GLU B 116 3.43 -25.93 33.62
N GLU B 117 4.27 -26.66 34.36
CA GLU B 117 4.03 -26.80 35.79
C GLU B 117 4.14 -25.46 36.51
N GLU B 118 5.13 -24.65 36.15
CA GLU B 118 5.30 -23.33 36.76
C GLU B 118 4.13 -22.42 36.44
N TYR B 119 3.67 -22.48 35.19
CA TYR B 119 2.52 -21.69 34.77
C TYR B 119 1.32 -21.96 35.69
N GLU B 120 1.04 -23.25 35.93
CA GLU B 120 -0.07 -23.61 36.81
C GLU B 120 0.20 -23.15 38.23
N TRP B 121 1.46 -23.28 38.68
CA TRP B 121 1.80 -22.87 40.04
C TRP B 121 1.58 -21.37 40.21
N CYS B 122 1.94 -20.58 39.19
CA CYS B 122 1.74 -19.13 39.26
C CYS B 122 0.26 -18.78 39.42
N ILE B 123 -0.62 -19.41 38.64
CA ILE B 123 -2.03 -19.09 38.78
C ILE B 123 -2.50 -19.45 40.19
N GLU B 124 -2.08 -20.62 40.67
CA GLU B 124 -2.44 -21.05 42.03
C GLU B 124 -1.96 -20.06 43.09
N GLN B 125 -0.79 -19.44 42.89
CA GLN B 125 -0.31 -18.46 43.87
C GLN B 125 -1.16 -17.19 43.89
N THR B 126 -1.86 -16.88 42.80
CA THR B 126 -2.77 -15.75 42.89
C THR B 126 -4.04 -16.15 43.64
N ILE B 127 -4.51 -17.40 43.41
CA ILE B 127 -5.74 -17.91 44.02
C ILE B 127 -5.59 -18.09 45.52
N LEU B 128 -4.45 -18.59 45.97
CA LEU B 128 -4.20 -18.89 47.37
C LEU B 128 -3.34 -17.81 47.98
N LYS B 129 -3.67 -17.39 49.19
CA LYS B 129 -2.79 -16.49 49.93
C LYS B 129 -2.53 -17.12 51.29
N ASP B 130 -1.25 -17.29 51.60
CA ASP B 130 -0.83 -18.00 52.81
C ASP B 130 -1.51 -19.35 52.89
N GLY B 131 -1.64 -20.01 51.75
CA GLY B 131 -2.08 -21.39 51.74
C GLY B 131 -3.58 -21.60 51.80
N GLN B 132 -4.36 -20.52 51.78
CA GLN B 132 -5.81 -20.63 51.82
C GLN B 132 -6.38 -19.71 50.75
N PRO B 133 -7.61 -19.96 50.31
CA PRO B 133 -8.21 -19.08 49.29
C PRO B 133 -8.12 -17.62 49.68
N TRP B 134 -7.63 -16.80 48.74
CA TRP B 134 -7.69 -15.36 48.90
C TRP B 134 -9.15 -14.90 48.94
N ASP B 135 -9.41 -13.75 49.57
CA ASP B 135 -10.77 -13.23 49.57
C ASP B 135 -11.06 -12.46 48.27
N ALA B 136 -10.88 -13.16 47.15
CA ALA B 136 -11.13 -12.57 45.84
C ALA B 136 -12.61 -12.25 45.66
N ASN B 137 -12.88 -11.22 44.86
CA ASN B 137 -14.28 -10.95 44.51
C ASN B 137 -14.41 -10.47 43.07
N MET B 138 -13.32 -10.45 42.29
CA MET B 138 -13.36 -10.12 40.87
C MET B 138 -12.30 -10.95 40.15
N VAL B 139 -12.52 -11.15 38.85
CA VAL B 139 -11.61 -11.90 37.99
C VAL B 139 -11.39 -11.11 36.72
N LEU B 140 -10.13 -10.95 36.33
CA LEU B 140 -9.78 -10.42 35.01
C LEU B 140 -8.96 -11.52 34.33
N ASP B 141 -9.41 -11.97 33.16
CA ASP B 141 -8.80 -13.16 32.55
C ASP B 141 -8.57 -12.90 31.06
N ASP B 142 -7.65 -13.66 30.48
CA ASP B 142 -7.30 -13.54 29.07
C ASP B 142 -7.11 -14.98 28.59
N GLY B 143 -8.15 -15.55 28.01
CA GLY B 143 -8.10 -16.90 27.49
C GLY B 143 -8.83 -17.93 28.31
N GLY B 144 -9.20 -17.61 29.55
CA GLY B 144 -10.07 -18.48 30.30
C GLY B 144 -9.41 -19.52 31.20
N ASP B 145 -8.06 -19.60 31.28
CA ASP B 145 -7.45 -20.63 32.12
C ASP B 145 -7.75 -20.40 33.61
N LEU B 146 -7.63 -19.16 34.07
CA LEU B 146 -7.94 -18.88 35.48
C LEU B 146 -9.43 -19.14 35.76
N THR B 147 -10.29 -18.70 34.86
CA THR B 147 -11.74 -18.94 34.97
C THR B 147 -12.03 -20.44 35.07
N GLU B 148 -11.34 -21.24 34.27
CA GLU B 148 -11.56 -22.69 34.29
C GLU B 148 -11.13 -23.30 35.62
N ILE B 149 -9.95 -22.90 36.13
CA ILE B 149 -9.44 -23.45 37.37
C ILE B 149 -10.38 -23.10 38.52
N LEU B 150 -10.87 -21.85 38.57
CA LEU B 150 -11.82 -21.47 39.62
C LEU B 150 -13.08 -22.33 39.56
N HIS B 151 -13.65 -22.52 38.36
CA HIS B 151 -14.88 -23.31 38.25
C HIS B 151 -14.63 -24.77 38.59
N LYS B 152 -13.45 -25.30 38.23
CA LYS B 152 -13.21 -26.72 38.41
C LYS B 152 -12.79 -27.04 39.83
N LYS B 153 -12.00 -26.14 40.43
CA LYS B 153 -11.28 -26.44 41.67
C LYS B 153 -11.69 -25.57 42.84
N TYR B 154 -12.22 -24.36 42.60
CA TYR B 154 -12.54 -23.43 43.68
C TYR B 154 -13.97 -22.88 43.60
N PRO B 155 -14.98 -23.75 43.45
CA PRO B 155 -16.35 -23.22 43.37
C PRO B 155 -16.75 -22.39 44.57
N GLN B 156 -16.26 -22.72 45.78
CA GLN B 156 -16.62 -21.90 46.94
C GLN B 156 -16.12 -20.46 46.80
N MET B 157 -14.96 -20.25 46.14
CA MET B 157 -14.52 -18.88 45.92
C MET B 157 -15.42 -18.13 44.96
N LEU B 158 -15.96 -18.82 43.95
CA LEU B 158 -16.81 -18.14 42.99
C LEU B 158 -18.09 -17.63 43.63
N GLU B 159 -18.54 -18.27 44.71
CA GLU B 159 -19.73 -17.79 45.40
C GLU B 159 -19.58 -16.32 45.79
N ARG B 160 -18.37 -15.86 46.06
CA ARG B 160 -18.12 -14.51 46.52
C ARG B 160 -17.57 -13.59 45.42
N ILE B 161 -17.52 -14.05 44.18
CA ILE B 161 -16.95 -13.26 43.10
C ILE B 161 -18.09 -12.63 42.31
N HIS B 162 -17.97 -11.33 42.02
CA HIS B 162 -19.03 -10.55 41.36
C HIS B 162 -19.02 -10.65 39.86
N GLY B 163 -17.89 -11.02 39.27
CA GLY B 163 -17.85 -11.05 37.82
C GLY B 163 -16.47 -11.38 37.29
N ILE B 164 -16.44 -11.69 36.00
CA ILE B 164 -15.25 -11.99 35.23
C ILE B 164 -15.21 -10.97 34.08
N THR B 165 -14.05 -10.36 33.83
CA THR B 165 -13.89 -9.55 32.61
C THR B 165 -12.85 -10.25 31.73
N GLU B 166 -13.29 -10.68 30.55
CA GLU B 166 -12.51 -11.60 29.72
C GLU B 166 -12.04 -10.86 28.47
N GLU B 167 -10.72 -10.98 28.23
CA GLU B 167 -10.02 -10.16 27.25
C GLU B 167 -10.22 -10.67 25.82
N THR B 168 -10.26 -11.98 25.60
CA THR B 168 -9.94 -12.43 24.24
C THR B 168 -10.98 -13.39 23.66
N THR B 169 -10.97 -13.48 22.33
CA THR B 169 -11.96 -14.27 21.61
C THR B 169 -12.08 -15.70 22.17
N THR B 170 -10.95 -16.36 22.39
CA THR B 170 -10.98 -17.75 22.85
C THR B 170 -11.59 -17.84 24.25
N GLY B 171 -11.27 -16.90 25.13
CA GLY B 171 -11.86 -16.92 26.46
C GLY B 171 -13.35 -16.69 26.44
N VAL B 172 -13.82 -15.80 25.57
CA VAL B 172 -15.26 -15.57 25.46
C VAL B 172 -15.96 -16.84 24.97
N HIS B 173 -15.37 -17.51 23.98
CA HIS B 173 -15.96 -18.77 23.53
C HIS B 173 -16.14 -19.73 24.69
N ARG B 174 -15.13 -19.82 25.56
CA ARG B 174 -15.21 -20.73 26.70
C ARG B 174 -16.30 -20.31 27.68
N LEU B 175 -16.45 -19.00 27.90
CA LEU B 175 -17.52 -18.50 28.76
C LEU B 175 -18.89 -18.85 28.19
N LEU B 176 -19.05 -18.66 26.88
CA LEU B 176 -20.33 -18.92 26.26
C LEU B 176 -20.68 -20.39 26.32
N ASP B 177 -19.68 -21.26 26.21
CA ASP B 177 -19.91 -22.69 26.37
C ASP B 177 -20.40 -23.00 27.78
N MET B 178 -19.77 -22.40 28.78
CA MET B 178 -20.23 -22.60 30.16
C MET B 178 -21.64 -22.10 30.33
N LEU B 179 -21.93 -20.91 29.79
CA LEU B 179 -23.27 -20.36 29.94
C LEU B 179 -24.30 -21.31 29.32
N LYS B 180 -24.01 -21.78 28.10
CA LYS B 180 -24.86 -22.76 27.43
C LYS B 180 -25.09 -24.00 28.29
N ASN B 181 -24.04 -24.50 28.93
CA ASN B 181 -24.13 -25.71 29.71
C ASN B 181 -24.69 -25.50 31.11
N GLY B 182 -24.97 -24.25 31.49
CA GLY B 182 -25.38 -24.01 32.87
C GLY B 182 -24.28 -24.20 33.89
N THR B 183 -23.01 -24.14 33.49
CA THR B 183 -21.91 -24.29 34.44
C THR B 183 -21.23 -22.98 34.80
N LEU B 184 -21.58 -21.88 34.13
CA LEU B 184 -20.98 -20.60 34.46
C LEU B 184 -21.58 -20.07 35.77
N LYS B 185 -20.71 -19.73 36.73
CA LYS B 185 -21.17 -19.44 38.09
C LYS B 185 -21.28 -17.94 38.41
N VAL B 186 -20.67 -17.08 37.58
CA VAL B 186 -20.72 -15.64 37.79
C VAL B 186 -20.84 -14.96 36.44
N PRO B 187 -21.36 -13.74 36.40
CA PRO B 187 -21.53 -13.04 35.12
C PRO B 187 -20.20 -12.56 34.58
N ALA B 188 -20.19 -12.28 33.28
CA ALA B 188 -18.95 -11.85 32.65
C ALA B 188 -19.23 -10.70 31.69
N ILE B 189 -18.22 -9.88 31.50
CA ILE B 189 -18.19 -8.93 30.41
C ILE B 189 -17.19 -9.45 29.38
N ASN B 190 -17.67 -9.56 28.14
CA ASN B 190 -16.88 -9.82 26.94
C ASN B 190 -16.23 -8.50 26.54
N VAL B 191 -14.99 -8.31 27.00
CA VAL B 191 -14.24 -7.09 26.66
C VAL B 191 -13.80 -7.16 25.21
N ASN B 192 -13.58 -8.38 24.72
CA ASN B 192 -13.08 -8.54 23.34
C ASN B 192 -13.94 -7.78 22.35
N ASP B 193 -15.27 -7.81 22.52
CA ASP B 193 -16.11 -7.34 21.44
C ASP B 193 -16.49 -5.86 21.50
N SER B 194 -15.87 -5.07 22.37
CA SER B 194 -15.86 -3.64 22.12
C SER B 194 -15.16 -3.38 20.79
N VAL B 195 -15.61 -2.36 20.05
CA VAL B 195 -14.91 -2.08 18.78
C VAL B 195 -13.50 -1.58 19.06
N THR B 196 -13.34 -0.81 20.14
CA THR B 196 -12.02 -0.34 20.56
C THR B 196 -11.15 -1.42 21.16
N LYS B 197 -11.63 -2.67 21.16
CA LYS B 197 -10.80 -3.83 21.48
C LYS B 197 -10.68 -4.67 20.22
N SER B 198 -11.74 -5.38 19.81
CA SER B 198 -11.67 -6.33 18.70
C SER B 198 -11.10 -5.71 17.42
N LYS B 199 -11.57 -4.52 17.03
CA LYS B 199 -11.15 -3.93 15.77
CA LYS B 199 -11.16 -3.92 15.77
C LYS B 199 -10.04 -2.91 15.94
N ASN B 200 -9.31 -2.99 17.05
CA ASN B 200 -8.14 -2.18 17.34
C ASN B 200 -7.01 -3.15 17.68
N ASP B 201 -7.14 -3.79 18.84
CA ASP B 201 -6.19 -4.79 19.35
C ASP B 201 -6.05 -5.99 18.41
N ASN B 202 -7.16 -6.72 18.15
CA ASN B 202 -7.03 -8.00 17.45
C ASN B 202 -6.46 -7.80 16.06
N LYS B 203 -6.85 -6.70 15.41
CA LYS B 203 -6.47 -6.44 14.02
C LYS B 203 -5.19 -5.61 13.97
N TYR B 204 -5.25 -4.35 14.41
CA TYR B 204 -4.08 -3.49 14.25
C TYR B 204 -2.94 -3.88 15.17
N GLY B 205 -3.23 -4.48 16.33
CA GLY B 205 -2.14 -4.94 17.18
C GLY B 205 -1.31 -6.01 16.50
N CYS B 206 -1.97 -6.97 15.85
CA CYS B 206 -1.26 -8.00 15.11
C CYS B 206 -0.57 -7.42 13.89
N ARG B 207 -1.15 -6.40 13.26
CA ARG B 207 -0.46 -5.72 12.16
CA ARG B 207 -0.45 -5.75 12.16
C ARG B 207 0.89 -5.19 12.63
N HIS B 208 0.92 -4.55 13.79
CA HIS B 208 2.17 -4.03 14.33
C HIS B 208 3.14 -5.14 14.71
N SER B 209 2.64 -6.18 15.41
CA SER B 209 3.56 -7.03 16.14
C SER B 209 3.86 -8.37 15.49
N LEU B 210 3.14 -8.78 14.43
CA LEU B 210 3.50 -10.05 13.81
C LEU B 210 4.81 -9.93 13.05
N ASN B 211 4.93 -8.97 12.10
CA ASN B 211 6.20 -8.86 11.41
CA ASN B 211 6.21 -8.83 11.41
C ASN B 211 7.33 -8.48 12.38
N ASP B 212 6.99 -7.77 13.46
CA ASP B 212 7.95 -7.45 14.52
C ASP B 212 8.58 -8.72 15.09
N ALA B 213 7.73 -9.64 15.56
CA ALA B 213 8.19 -10.91 16.13
C ALA B 213 8.97 -11.76 15.12
N ILE B 214 8.53 -11.82 13.86
CA ILE B 214 9.25 -12.63 12.89
C ILE B 214 10.64 -12.05 12.64
N LYS B 215 10.74 -10.71 12.54
CA LYS B 215 12.06 -10.09 12.38
C LYS B 215 12.95 -10.34 13.59
N ARG B 216 12.41 -10.21 14.81
CA ARG B 216 13.27 -10.42 15.98
C ARG B 216 13.71 -11.88 16.06
N GLY B 217 12.83 -12.83 15.73
CA GLY B 217 13.21 -14.23 15.82
C GLY B 217 14.18 -14.70 14.75
N THR B 218 13.99 -14.25 13.50
CA THR B 218 14.74 -14.79 12.38
C THR B 218 15.58 -13.76 11.64
N ASP B 219 15.23 -12.46 11.73
CA ASP B 219 15.82 -11.40 10.89
C ASP B 219 15.68 -11.71 9.40
N HIS B 220 14.66 -12.51 9.03
CA HIS B 220 14.45 -12.81 7.61
C HIS B 220 13.88 -11.61 6.86
N LEU B 221 14.44 -11.37 5.67
CA LEU B 221 13.72 -10.54 4.71
C LEU B 221 12.35 -11.15 4.47
N LEU B 222 11.30 -10.31 4.48
CA LEU B 222 9.97 -10.80 4.13
C LEU B 222 9.55 -10.43 2.71
N SER B 223 9.99 -9.26 2.23
CA SER B 223 9.64 -8.80 0.87
C SER B 223 9.98 -9.85 -0.17
N GLY B 224 9.01 -10.13 -1.04
CA GLY B 224 9.23 -11.04 -2.15
C GLY B 224 9.01 -12.50 -1.84
N LYS B 225 8.79 -12.84 -0.57
CA LYS B 225 8.59 -14.24 -0.20
C LYS B 225 7.11 -14.55 -0.09
N GLN B 226 6.79 -15.85 -0.08
CA GLN B 226 5.42 -16.34 -0.08
CA GLN B 226 5.41 -16.32 -0.08
C GLN B 226 4.96 -16.68 1.33
N ALA B 227 3.80 -16.15 1.73
CA ALA B 227 3.21 -16.45 3.03
C ALA B 227 1.83 -17.05 2.84
N LEU B 228 1.45 -17.92 3.78
CA LEU B 228 0.10 -18.43 3.86
C LEU B 228 -0.42 -18.12 5.25
N VAL B 229 -1.48 -17.33 5.32
CA VAL B 229 -2.11 -16.98 6.61
C VAL B 229 -3.37 -17.83 6.74
N ILE B 230 -3.43 -18.62 7.80
CA ILE B 230 -4.60 -19.48 8.03
C ILE B 230 -5.56 -18.67 8.89
N GLY B 231 -6.64 -18.23 8.27
CA GLY B 231 -7.68 -17.48 8.94
C GLY B 231 -7.68 -16.02 8.52
N TYR B 232 -8.87 -15.41 8.53
CA TYR B 232 -9.04 -14.04 8.09
C TYR B 232 -10.14 -13.38 8.90
N GLY B 233 -10.21 -13.72 10.19
CA GLY B 233 -10.97 -12.94 11.17
C GLY B 233 -10.19 -11.69 11.53
N ASP B 234 -10.38 -11.19 12.76
CA ASP B 234 -9.70 -9.94 13.10
C ASP B 234 -8.19 -10.11 13.15
N VAL B 235 -7.71 -11.19 13.76
CA VAL B 235 -6.28 -11.43 13.84
C VAL B 235 -5.72 -11.77 12.46
N GLY B 236 -6.41 -12.59 11.67
CA GLY B 236 -5.92 -12.93 10.33
C GLY B 236 -5.90 -11.74 9.39
N LYS B 237 -6.88 -10.84 9.50
CA LYS B 237 -6.83 -9.58 8.74
C LYS B 237 -5.59 -8.76 9.12
N GLY B 238 -5.37 -8.54 10.42
CA GLY B 238 -4.22 -7.74 10.81
C GLY B 238 -2.91 -8.42 10.45
N SER B 239 -2.85 -9.75 10.62
CA SER B 239 -1.65 -10.51 10.31
C SER B 239 -1.32 -10.45 8.83
N SER B 240 -2.34 -10.64 7.99
CA SER B 240 -2.15 -10.57 6.54
C SER B 240 -1.61 -9.21 6.14
N GLN B 241 -2.12 -8.15 6.75
CA GLN B 241 -1.64 -6.82 6.43
C GLN B 241 -0.20 -6.63 6.93
N SER B 242 0.11 -7.17 8.12
CA SER B 242 1.47 -7.13 8.63
C SER B 242 2.47 -7.65 7.62
N LEU B 243 2.11 -8.71 6.92
CA LEU B 243 3.03 -9.32 5.97
C LEU B 243 2.97 -8.65 4.61
N ARG B 244 1.76 -8.37 4.10
CA ARG B 244 1.66 -7.73 2.78
C ARG B 244 2.34 -6.36 2.78
N GLN B 245 2.24 -5.61 3.87
CA GLN B 245 2.81 -4.27 3.91
C GLN B 245 4.34 -4.32 3.86
N GLU B 246 4.92 -5.45 4.23
CA GLU B 246 6.34 -5.71 4.10
C GLU B 246 6.69 -6.19 2.70
N GLY B 247 5.70 -6.43 1.84
CA GLY B 247 5.99 -6.91 0.50
C GLY B 247 5.93 -8.43 0.31
N MET B 248 5.43 -9.18 1.29
CA MET B 248 5.21 -10.58 1.05
C MET B 248 4.09 -10.76 0.03
N ILE B 249 4.14 -11.89 -0.67
CA ILE B 249 3.03 -12.35 -1.48
C ILE B 249 2.20 -13.26 -0.57
N VAL B 250 1.03 -12.78 -0.16
CA VAL B 250 0.27 -13.38 0.92
C VAL B 250 -0.95 -14.10 0.32
N LYS B 251 -1.04 -15.41 0.60
CA LYS B 251 -2.23 -16.20 0.35
C LYS B 251 -2.95 -16.44 1.68
N VAL B 252 -4.28 -16.53 1.63
CA VAL B 252 -5.12 -16.60 2.82
C VAL B 252 -6.01 -17.83 2.70
N ALA B 253 -6.13 -18.60 3.79
CA ALA B 253 -7.06 -19.72 3.85
C ALA B 253 -8.16 -19.38 4.85
N GLU B 254 -9.36 -19.89 4.58
CA GLU B 254 -10.51 -19.61 5.46
C GLU B 254 -11.52 -20.72 5.27
N VAL B 255 -12.28 -20.99 6.35
CA VAL B 255 -13.48 -21.80 6.29
C VAL B 255 -14.74 -20.95 6.16
N ASP B 256 -14.66 -19.65 6.42
CA ASP B 256 -15.81 -18.76 6.46
C ASP B 256 -15.86 -18.02 5.14
N PRO B 257 -16.85 -18.26 4.28
CA PRO B 257 -16.79 -17.65 2.95
C PRO B 257 -16.99 -16.15 2.98
N ILE B 258 -17.59 -15.59 4.03
CA ILE B 258 -17.67 -14.12 4.10
C ILE B 258 -16.29 -13.54 4.38
N CYS B 259 -15.56 -14.11 5.33
CA CYS B 259 -14.19 -13.68 5.56
C CYS B 259 -13.32 -13.92 4.33
N ALA B 260 -13.51 -15.04 3.63
CA ALA B 260 -12.76 -15.28 2.39
C ALA B 260 -13.08 -14.22 1.34
N MET B 261 -14.37 -13.84 1.22
N MET B 261 -14.35 -13.84 1.22
CA MET B 261 -14.75 -12.76 0.30
CA MET B 261 -14.73 -12.77 0.29
C MET B 261 -14.01 -11.47 0.63
C MET B 261 -13.99 -11.48 0.63
N GLN B 262 -13.91 -11.14 1.92
CA GLN B 262 -13.15 -9.96 2.31
C GLN B 262 -11.69 -10.08 1.87
N ALA B 263 -11.09 -11.27 2.02
CA ALA B 263 -9.69 -11.44 1.66
C ALA B 263 -9.49 -11.21 0.17
N CYS B 264 -10.39 -11.75 -0.65
CA CYS B 264 -10.29 -11.54 -2.10
C CYS B 264 -10.39 -10.06 -2.41
N MET B 265 -11.41 -9.40 -1.85
CA MET B 265 -11.60 -7.98 -2.15
C MET B 265 -10.45 -7.13 -1.62
N ASP B 266 -9.78 -7.58 -0.56
CA ASP B 266 -8.61 -6.89 -0.03
C ASP B 266 -7.35 -7.18 -0.84
N GLY B 267 -7.46 -7.98 -1.88
CA GLY B 267 -6.35 -8.17 -2.78
C GLY B 267 -5.49 -9.38 -2.52
N PHE B 268 -6.02 -10.38 -1.80
CA PHE B 268 -5.33 -11.62 -1.51
C PHE B 268 -5.90 -12.77 -2.33
N GLU B 269 -5.02 -13.69 -2.71
CA GLU B 269 -5.45 -14.96 -3.27
C GLU B 269 -5.90 -15.88 -2.13
N VAL B 270 -7.09 -16.48 -2.24
CA VAL B 270 -7.62 -17.37 -1.20
C VAL B 270 -7.40 -18.81 -1.64
N VAL B 271 -6.67 -19.57 -0.83
CA VAL B 271 -6.26 -20.93 -1.16
C VAL B 271 -6.55 -21.82 0.03
N SER B 272 -6.57 -23.11 -0.23
CA SER B 272 -6.69 -24.09 0.85
C SER B 272 -5.48 -25.01 0.86
N PRO B 273 -4.98 -25.38 2.05
CA PRO B 273 -3.91 -26.39 2.11
C PRO B 273 -4.31 -27.71 1.50
N TYR B 274 -5.61 -27.98 1.37
CA TYR B 274 -6.14 -29.25 0.93
C TYR B 274 -6.79 -29.11 -0.44
N LYS B 275 -6.60 -30.12 -1.27
CA LYS B 275 -7.19 -30.10 -2.60
C LYS B 275 -8.71 -30.02 -2.50
N ASN B 276 -9.28 -29.07 -3.25
CA ASN B 276 -10.71 -28.74 -3.19
C ASN B 276 -11.16 -28.40 -1.77
N GLY B 277 -10.24 -28.02 -0.91
CA GLY B 277 -10.59 -27.66 0.45
C GLY B 277 -11.00 -28.79 1.36
N ILE B 278 -10.84 -30.05 0.95
CA ILE B 278 -11.34 -31.20 1.69
C ILE B 278 -10.21 -31.77 2.55
N ASN B 279 -10.36 -31.64 3.87
CA ASN B 279 -9.37 -32.10 4.85
C ASN B 279 -9.84 -33.47 5.33
N ASP B 280 -9.38 -34.52 4.63
CA ASP B 280 -9.78 -35.88 4.92
C ASP B 280 -8.72 -36.68 5.67
N GLY B 281 -7.62 -36.04 6.07
CA GLY B 281 -6.61 -36.66 6.88
C GLY B 281 -5.56 -37.44 6.13
N THR B 282 -5.60 -37.44 4.81
CA THR B 282 -4.65 -38.16 4.00
C THR B 282 -3.55 -37.20 3.52
N GLU B 283 -2.35 -37.74 3.35
CA GLU B 283 -1.28 -36.97 2.71
C GLU B 283 -1.67 -36.57 1.30
N ALA B 284 -2.40 -37.46 0.62
CA ALA B 284 -2.82 -37.20 -0.75
C ALA B 284 -3.71 -35.98 -0.84
N SER B 285 -4.34 -35.57 0.26
CA SER B 285 -5.21 -34.41 0.22
C SER B 285 -4.43 -33.09 0.24
N ILE B 286 -3.15 -33.12 0.58
CA ILE B 286 -2.37 -31.89 0.70
C ILE B 286 -2.03 -31.36 -0.69
N ASP B 287 -2.23 -30.07 -0.90
CA ASP B 287 -1.73 -29.41 -2.11
C ASP B 287 -0.22 -29.24 -1.98
N ALA B 288 0.54 -30.24 -2.42
CA ALA B 288 1.98 -30.23 -2.19
C ALA B 288 2.66 -29.13 -2.99
N ALA B 289 2.15 -28.85 -4.20
CA ALA B 289 2.67 -27.77 -5.01
C ALA B 289 2.57 -26.44 -4.27
N LEU B 290 1.41 -26.17 -3.67
CA LEU B 290 1.22 -24.94 -2.93
C LEU B 290 2.14 -24.89 -1.70
N LEU B 291 2.06 -25.91 -0.85
CA LEU B 291 2.82 -25.90 0.40
C LEU B 291 4.32 -25.85 0.13
N GLY B 292 4.77 -26.46 -0.98
CA GLY B 292 6.17 -26.44 -1.33
C GLY B 292 6.69 -25.09 -1.78
N LYS B 293 5.80 -24.11 -1.95
CA LYS B 293 6.15 -22.74 -2.33
C LYS B 293 6.13 -21.78 -1.16
N ILE B 294 5.66 -22.20 0.01
CA ILE B 294 5.37 -21.27 1.09
C ILE B 294 6.60 -21.11 1.96
N ASP B 295 7.00 -19.86 2.19
CA ASP B 295 8.14 -19.53 3.04
C ASP B 295 7.75 -19.27 4.48
N LEU B 296 6.47 -19.00 4.74
CA LEU B 296 6.03 -18.58 6.07
C LEU B 296 4.57 -18.96 6.20
N ILE B 297 4.23 -19.66 7.27
CA ILE B 297 2.83 -19.96 7.54
C ILE B 297 2.50 -19.39 8.91
N VAL B 298 1.36 -18.72 9.02
CA VAL B 298 0.91 -18.10 10.27
C VAL B 298 -0.50 -18.56 10.54
N THR B 299 -0.75 -19.10 11.74
CA THR B 299 -2.10 -19.52 12.12
C THR B 299 -2.72 -18.45 13.01
N THR B 300 -4.00 -18.13 12.73
CA THR B 300 -4.71 -17.02 13.37
C THR B 300 -6.13 -17.40 13.80
N THR B 301 -6.43 -18.69 14.00
CA THR B 301 -7.82 -19.14 13.96
C THR B 301 -8.48 -19.27 15.33
N GLY B 302 -7.75 -19.55 16.40
CA GLY B 302 -8.42 -20.01 17.60
C GLY B 302 -8.97 -21.42 17.52
N ASN B 303 -8.65 -22.15 16.45
CA ASN B 303 -9.14 -23.49 16.19
C ASN B 303 -7.99 -24.47 16.43
N VAL B 304 -8.22 -25.74 16.15
CA VAL B 304 -7.25 -26.78 16.51
C VAL B 304 -6.72 -27.44 15.25
N ASN B 305 -5.40 -27.60 15.20
CA ASN B 305 -4.73 -28.39 14.17
C ASN B 305 -4.98 -27.83 12.78
N VAL B 306 -4.88 -26.50 12.64
CA VAL B 306 -5.06 -25.89 11.32
C VAL B 306 -3.76 -25.83 10.54
N CYS B 307 -2.63 -26.13 11.19
CA CYS B 307 -1.36 -26.38 10.51
C CYS B 307 -0.96 -27.77 10.95
N ASP B 308 -1.38 -28.79 10.21
CA ASP B 308 -1.34 -30.16 10.70
C ASP B 308 -0.07 -30.87 10.24
N ALA B 309 0.05 -32.14 10.64
CA ALA B 309 1.29 -32.88 10.41
C ALA B 309 1.59 -33.01 8.92
N ASN B 310 0.56 -33.26 8.11
CA ASN B 310 0.79 -33.45 6.68
C ASN B 310 1.17 -32.14 6.00
N MET B 311 0.57 -31.02 6.42
CA MET B 311 1.04 -29.71 5.97
C MET B 311 2.49 -29.49 6.35
N LEU B 312 2.86 -29.83 7.59
CA LEU B 312 4.25 -29.62 8.03
C LEU B 312 5.22 -30.45 7.20
N LYS B 313 4.83 -31.69 6.85
CA LYS B 313 5.69 -32.52 6.01
C LYS B 313 5.85 -31.95 4.62
N ALA B 314 4.84 -31.24 4.13
CA ALA B 314 4.83 -30.74 2.76
C ALA B 314 5.46 -29.36 2.61
N LEU B 315 5.73 -28.67 3.71
CA LEU B 315 6.19 -27.30 3.61
C LEU B 315 7.54 -27.24 2.92
N LYS B 316 7.75 -26.14 2.20
CA LYS B 316 9.05 -25.80 1.64
C LYS B 316 10.12 -25.90 2.70
N LYS B 317 11.29 -26.43 2.32
CA LYS B 317 12.43 -26.48 3.23
C LYS B 317 12.72 -25.08 3.76
N ARG B 318 12.98 -25.01 5.07
CA ARG B 318 13.37 -23.78 5.78
C ARG B 318 12.24 -22.77 5.91
N ALA B 319 11.00 -23.16 5.62
CA ALA B 319 9.88 -22.29 5.95
C ALA B 319 9.83 -22.00 7.44
N VAL B 320 9.30 -20.80 7.79
CA VAL B 320 8.99 -20.40 9.15
C VAL B 320 7.54 -20.76 9.45
N VAL B 321 7.32 -21.26 10.67
CA VAL B 321 6.00 -21.70 11.13
C VAL B 321 5.71 -20.98 12.43
N CYS B 322 4.57 -20.31 12.52
CA CYS B 322 4.28 -19.65 13.77
C CYS B 322 2.78 -19.50 13.95
N ASN B 323 2.40 -19.21 15.18
CA ASN B 323 1.01 -19.12 15.59
C ASN B 323 0.81 -17.81 16.33
N ILE B 324 -0.24 -17.09 15.98
CA ILE B 324 -0.62 -15.88 16.70
C ILE B 324 -2.03 -15.97 17.29
N GLY B 325 -2.67 -17.17 17.19
CA GLY B 325 -3.86 -17.45 17.97
C GLY B 325 -3.52 -17.69 19.42
N HIS B 326 -4.53 -17.74 20.27
CA HIS B 326 -4.27 -17.79 21.70
C HIS B 326 -3.50 -19.05 22.15
N PHE B 327 -3.79 -20.21 21.58
CA PHE B 327 -3.24 -21.46 22.11
C PHE B 327 -2.36 -22.13 21.06
N ASP B 328 -1.38 -22.94 21.52
CA ASP B 328 -0.39 -23.51 20.58
C ASP B 328 -0.90 -24.73 19.80
N ASN B 329 -2.07 -25.27 20.11
CA ASN B 329 -2.53 -26.44 19.37
C ASN B 329 -3.02 -26.11 17.97
N GLU B 330 -2.96 -24.84 17.55
CA GLU B 330 -3.27 -24.54 16.15
C GLU B 330 -2.33 -25.27 15.21
N ILE B 331 -1.10 -25.48 15.67
CA ILE B 331 -0.04 -26.21 14.96
C ILE B 331 0.13 -27.55 15.65
N ASP B 332 0.33 -28.62 14.87
CA ASP B 332 0.62 -29.92 15.46
C ASP B 332 2.10 -29.99 15.86
N THR B 333 2.43 -29.25 16.92
CA THR B 333 3.81 -29.35 17.44
C THR B 333 4.04 -30.70 18.11
N ALA B 334 3.00 -31.33 18.66
CA ALA B 334 3.17 -32.65 19.26
C ALA B 334 3.75 -33.63 18.26
N PHE B 335 3.24 -33.61 17.03
CA PHE B 335 3.80 -34.43 15.96
C PHE B 335 5.27 -34.15 15.77
N MET B 336 5.67 -32.87 15.78
CA MET B 336 7.06 -32.54 15.52
C MET B 336 7.95 -32.96 16.69
N ARG B 337 7.48 -32.83 17.92
CA ARG B 337 8.25 -33.34 19.06
C ARG B 337 8.46 -34.83 18.98
N LYS B 338 7.49 -35.56 18.44
CA LYS B 338 7.54 -37.02 18.45
C LYS B 338 8.41 -37.58 17.34
N ASN B 339 8.55 -36.85 16.24
CA ASN B 339 9.17 -37.41 15.04
C ASN B 339 10.44 -36.71 14.61
N TRP B 340 10.63 -35.43 14.94
CA TRP B 340 11.69 -34.64 14.36
C TRP B 340 12.60 -34.09 15.46
N ALA B 341 13.84 -33.80 15.07
CA ALA B 341 14.86 -33.36 16.00
C ALA B 341 14.82 -31.84 16.10
N TRP B 342 14.82 -31.34 17.34
CA TRP B 342 14.72 -29.90 17.56
C TRP B 342 16.11 -29.34 17.87
N GLU B 343 16.47 -28.26 17.18
CA GLU B 343 17.72 -27.56 17.42
C GLU B 343 17.36 -26.15 17.87
N GLU B 344 17.68 -25.80 19.11
CA GLU B 344 17.45 -24.42 19.52
C GLU B 344 18.46 -23.49 18.86
N VAL B 345 17.95 -22.46 18.19
CA VAL B 345 18.81 -21.40 17.65
C VAL B 345 19.15 -20.41 18.75
N LYS B 346 18.10 -19.93 19.40
CA LYS B 346 18.14 -19.04 20.55
C LYS B 346 16.77 -19.14 21.21
N PRO B 347 16.56 -18.51 22.36
CA PRO B 347 15.27 -18.75 23.05
C PRO B 347 14.09 -18.44 22.14
N GLN B 348 13.11 -19.35 22.13
CA GLN B 348 11.88 -19.22 21.34
C GLN B 348 12.13 -19.27 19.83
N VAL B 349 13.25 -19.83 19.39
CA VAL B 349 13.50 -20.07 17.97
C VAL B 349 14.15 -21.43 17.83
N HIS B 350 13.45 -22.36 17.19
CA HIS B 350 13.96 -23.72 17.03
C HIS B 350 13.94 -24.11 15.57
N LYS B 351 15.02 -24.74 15.11
CA LYS B 351 14.99 -25.47 13.85
C LYS B 351 14.49 -26.90 14.11
N ILE B 352 13.56 -27.36 13.28
CA ILE B 352 12.97 -28.68 13.41
C ILE B 352 13.43 -29.49 12.20
N HIS B 353 14.31 -30.46 12.44
CA HIS B 353 14.98 -31.21 11.37
C HIS B 353 14.11 -32.40 10.97
N ARG B 354 13.61 -32.36 9.74
CA ARG B 354 12.68 -33.37 9.25
C ARG B 354 13.37 -34.63 8.79
N THR B 355 14.68 -34.75 9.04
CA THR B 355 15.46 -35.93 8.69
C THR B 355 15.30 -37.05 9.71
N GLY B 356 14.68 -36.81 10.85
CA GLY B 356 14.49 -37.86 11.83
C GLY B 356 14.48 -37.29 13.23
N LYS B 357 14.30 -38.19 14.19
CA LYS B 357 14.21 -37.79 15.59
C LYS B 357 15.54 -37.88 16.32
N ASP B 358 16.39 -38.83 15.95
CA ASP B 358 17.61 -39.13 16.69
C ASP B 358 18.73 -38.22 16.17
N GLY B 359 18.83 -37.03 16.74
CA GLY B 359 19.87 -36.10 16.38
C GLY B 359 19.68 -35.53 14.98
N PHE B 360 20.57 -34.61 14.63
CA PHE B 360 20.50 -33.92 13.34
C PHE B 360 21.92 -33.60 12.88
N ASP B 361 22.07 -33.36 11.58
CA ASP B 361 23.27 -32.76 11.04
C ASP B 361 23.16 -31.24 11.17
N ALA B 362 24.25 -30.61 11.67
CA ALA B 362 24.21 -29.15 11.89
C ALA B 362 24.04 -28.38 10.59
N HIS B 363 24.39 -28.99 9.45
CA HIS B 363 24.28 -28.38 8.13
C HIS B 363 23.14 -28.98 7.32
N ASN B 364 22.23 -29.72 7.96
CA ASN B 364 21.04 -30.20 7.28
C ASN B 364 20.28 -29.04 6.66
N ASP B 365 19.83 -29.20 5.42
CA ASP B 365 19.04 -28.16 4.79
C ASP B 365 17.54 -28.37 4.97
N ASP B 366 17.12 -29.54 5.43
CA ASP B 366 15.70 -29.90 5.47
C ASP B 366 15.18 -29.69 6.88
N TYR B 367 14.85 -28.44 7.19
CA TYR B 367 14.34 -28.10 8.51
C TYR B 367 13.27 -27.03 8.35
N LEU B 368 12.44 -26.90 9.38
CA LEU B 368 11.53 -25.78 9.52
C LEU B 368 12.00 -24.92 10.67
N ILE B 369 11.62 -23.64 10.67
CA ILE B 369 11.89 -22.78 11.82
C ILE B 369 10.56 -22.56 12.52
N LEU B 370 10.47 -22.98 13.77
CA LEU B 370 9.30 -22.79 14.61
C LEU B 370 9.58 -21.66 15.60
N LEU B 371 8.65 -20.71 15.69
CA LEU B 371 8.81 -19.60 16.61
C LEU B 371 7.97 -19.84 17.86
N ALA B 372 8.55 -19.50 19.02
CA ALA B 372 7.88 -19.52 20.33
C ALA B 372 7.27 -20.89 20.65
N GLU B 373 7.87 -21.95 20.10
CA GLU B 373 7.36 -23.33 20.25
C GLU B 373 5.86 -23.38 19.95
N GLY B 374 5.42 -22.56 18.98
CA GLY B 374 4.05 -22.53 18.56
C GLY B 374 3.13 -21.73 19.45
N ARG B 375 3.65 -21.09 20.51
CA ARG B 375 2.82 -20.22 21.35
C ARG B 375 2.72 -18.83 20.71
N LEU B 376 1.81 -18.01 21.23
CA LEU B 376 1.53 -16.68 20.64
C LEU B 376 2.80 -15.94 20.26
N VAL B 377 3.03 -15.78 18.95
CA VAL B 377 4.35 -15.40 18.49
C VAL B 377 4.65 -13.93 18.75
N ASN B 378 3.64 -13.06 18.67
CA ASN B 378 3.92 -11.64 18.87
C ASN B 378 4.42 -11.40 20.29
N LEU B 379 3.80 -12.05 21.27
CA LEU B 379 4.23 -11.93 22.66
C LEU B 379 5.45 -12.81 22.95
N GLY B 380 5.56 -13.97 22.27
CA GLY B 380 6.67 -14.87 22.55
C GLY B 380 8.01 -14.39 22.02
N ASN B 381 8.01 -13.82 20.80
CA ASN B 381 9.24 -13.41 20.13
C ASN B 381 9.43 -11.90 20.08
N ALA B 382 8.42 -11.12 20.50
CA ALA B 382 8.60 -9.67 20.60
C ALA B 382 7.90 -9.20 21.86
N THR B 383 7.13 -8.10 21.84
CA THR B 383 6.55 -7.59 23.08
C THR B 383 5.03 -7.46 22.95
N GLY B 384 4.41 -8.24 22.08
CA GLY B 384 3.00 -8.11 21.84
C GLY B 384 2.64 -6.73 21.28
N HIS B 385 1.40 -6.37 21.48
CA HIS B 385 0.88 -5.14 20.93
C HIS B 385 1.53 -3.92 21.60
N PRO B 386 1.57 -2.80 20.90
CA PRO B 386 2.13 -1.58 21.48
C PRO B 386 1.16 -0.91 22.45
N SER B 387 1.74 -0.10 23.32
CA SER B 387 0.97 0.54 24.39
C SER B 387 -0.22 1.31 23.83
N ARG B 388 -0.03 2.04 22.73
CA ARG B 388 -1.11 2.91 22.30
C ARG B 388 -2.30 2.12 21.78
N ILE B 389 -2.08 0.87 21.33
CA ILE B 389 -3.19 -0.01 20.97
C ILE B 389 -3.79 -0.65 22.22
N MET B 390 -2.93 -1.18 23.10
CA MET B 390 -3.44 -1.81 24.33
C MET B 390 -4.22 -0.82 25.19
N ASP B 391 -3.99 0.48 25.00
CA ASP B 391 -4.75 1.52 25.69
C ASP B 391 -6.25 1.29 25.55
N GLY B 392 -6.70 0.99 24.32
CA GLY B 392 -8.12 0.76 24.10
C GLY B 392 -8.61 -0.47 24.85
N SER B 393 -7.93 -1.61 24.67
CA SER B 393 -8.33 -2.84 25.35
C SER B 393 -8.41 -2.63 26.86
N PHE B 394 -7.42 -1.97 27.43
CA PHE B 394 -7.33 -1.95 28.88
C PHE B 394 -8.16 -0.85 29.52
N ALA B 395 -8.46 0.24 28.78
CA ALA B 395 -9.53 1.16 29.19
C ALA B 395 -10.85 0.40 29.32
N ASN B 396 -11.15 -0.48 28.36
CA ASN B 396 -12.36 -1.30 28.45
C ASN B 396 -12.32 -2.23 29.65
N GLN B 397 -11.17 -2.86 29.89
CA GLN B 397 -11.04 -3.75 31.07
C GLN B 397 -11.35 -3.00 32.35
N VAL B 398 -10.77 -1.81 32.52
CA VAL B 398 -11.03 -1.04 33.73
C VAL B 398 -12.52 -0.75 33.89
N LEU B 399 -13.15 -0.24 32.82
CA LEU B 399 -14.57 0.05 32.83
C LEU B 399 -15.41 -1.19 33.11
N ALA B 400 -15.01 -2.33 32.54
CA ALA B 400 -15.72 -3.58 32.79
C ALA B 400 -15.60 -4.00 34.26
N GLN B 401 -14.41 -3.89 34.83
CA GLN B 401 -14.22 -4.20 36.25
C GLN B 401 -15.10 -3.32 37.13
N ILE B 402 -15.07 -2.00 36.88
CA ILE B 402 -15.93 -1.09 37.66
C ILE B 402 -17.40 -1.53 37.56
N HIS B 403 -17.85 -1.81 36.33
CA HIS B 403 -19.26 -2.13 36.14
C HIS B 403 -19.69 -3.36 36.93
N LEU B 404 -18.97 -4.48 36.75
CA LEU B 404 -19.36 -5.71 37.45
C LEU B 404 -19.13 -5.59 38.95
N PHE B 405 -18.04 -4.93 39.36
CA PHE B 405 -17.85 -4.77 40.81
C PHE B 405 -18.99 -3.97 41.42
N GLU B 406 -19.44 -2.91 40.75
CA GLU B 406 -20.52 -2.10 41.30
C GLU B 406 -21.87 -2.82 41.28
N GLN B 407 -22.05 -3.80 40.39
CA GLN B 407 -23.31 -4.54 40.37
CA GLN B 407 -23.31 -4.54 40.38
C GLN B 407 -23.43 -5.48 41.57
N LYS B 408 -22.30 -5.97 42.10
CA LYS B 408 -22.28 -6.77 43.33
C LYS B 408 -23.09 -8.06 43.21
N TYR B 409 -22.90 -8.78 42.11
CA TYR B 409 -23.67 -10.00 41.83
C TYR B 409 -23.62 -10.98 43.01
N ALA B 410 -22.44 -11.16 43.62
CA ALA B 410 -22.30 -12.17 44.68
C ALA B 410 -23.24 -11.90 45.84
N ASP B 411 -23.64 -10.65 46.02
CA ASP B 411 -24.50 -10.31 47.16
C ASP B 411 -25.99 -10.37 46.85
N LEU B 412 -26.37 -10.64 45.60
CA LEU B 412 -27.78 -10.70 45.23
C LEU B 412 -28.47 -11.96 45.76
N PRO B 413 -29.77 -11.90 46.05
CA PRO B 413 -30.54 -13.14 46.27
C PRO B 413 -30.48 -14.07 45.07
N ALA B 414 -30.74 -15.35 45.33
CA ALA B 414 -30.67 -16.36 44.28
C ALA B 414 -31.54 -16.00 43.08
N ALA B 415 -32.79 -15.55 43.33
CA ALA B 415 -33.69 -15.23 42.22
C ALA B 415 -33.16 -14.08 41.37
N GLU B 416 -32.43 -13.14 41.98
CA GLU B 416 -31.91 -12.02 41.22
C GLU B 416 -30.63 -12.38 40.49
N LYS B 417 -29.81 -13.26 41.08
CA LYS B 417 -28.67 -13.81 40.35
C LYS B 417 -29.12 -14.45 39.05
N ALA B 418 -30.21 -15.24 39.10
CA ALA B 418 -30.68 -15.93 37.90
C ALA B 418 -30.94 -14.94 36.77
N LYS B 419 -31.53 -13.78 37.08
CA LYS B 419 -31.81 -12.78 36.05
C LYS B 419 -30.57 -12.05 35.57
N ARG B 420 -29.43 -12.18 36.26
CA ARG B 420 -28.23 -11.42 35.93
C ARG B 420 -27.08 -12.28 35.41
N LEU B 421 -27.25 -13.59 35.37
CA LEU B 421 -26.17 -14.48 34.96
C LEU B 421 -26.09 -14.48 33.44
N SER B 422 -25.12 -13.73 32.93
CA SER B 422 -25.05 -13.53 31.49
C SER B 422 -23.63 -13.18 31.09
N VAL B 423 -23.39 -13.17 29.78
CA VAL B 423 -22.15 -12.68 29.19
C VAL B 423 -22.53 -11.51 28.30
N GLU B 424 -22.05 -10.31 28.65
CA GLU B 424 -22.49 -9.09 27.97
C GLU B 424 -21.31 -8.26 27.52
N VAL B 425 -21.57 -7.33 26.63
CA VAL B 425 -20.57 -6.36 26.21
C VAL B 425 -20.84 -5.03 26.89
N LEU B 426 -19.85 -4.14 26.86
CA LEU B 426 -20.04 -2.77 27.33
C LEU B 426 -20.91 -1.97 26.35
N PRO B 427 -21.68 -1.00 26.85
CA PRO B 427 -22.53 -0.19 25.97
C PRO B 427 -21.71 0.65 25.00
N LYS B 428 -22.35 0.97 23.88
CA LYS B 428 -21.68 1.69 22.80
C LYS B 428 -21.16 3.05 23.26
N LYS B 429 -21.88 3.72 24.18
CA LYS B 429 -21.41 5.03 24.63
C LYS B 429 -20.00 4.96 25.23
N LEU B 430 -19.74 3.94 26.06
CA LEU B 430 -18.39 3.74 26.61
C LEU B 430 -17.38 3.46 25.51
N ASP B 431 -17.73 2.58 24.57
CA ASP B 431 -16.86 2.24 23.44
C ASP B 431 -16.45 3.51 22.69
N GLU B 432 -17.43 4.39 22.43
CA GLU B 432 -17.15 5.64 21.75
C GLU B 432 -16.27 6.56 22.59
N GLU B 433 -16.49 6.61 23.91
CA GLU B 433 -15.69 7.53 24.72
C GLU B 433 -14.23 7.07 24.81
N VAL B 434 -14.01 5.76 24.85
CA VAL B 434 -12.66 5.22 24.76
C VAL B 434 -12.05 5.63 23.42
N ALA B 435 -12.81 5.46 22.35
CA ALA B 435 -12.27 5.78 21.02
C ALA B 435 -11.88 7.24 20.93
N LEU B 436 -12.68 8.13 21.55
CA LEU B 436 -12.41 9.56 21.46
C LEU B 436 -11.07 9.89 22.13
N GLU B 437 -10.79 9.28 23.29
CA GLU B 437 -9.49 9.52 23.92
C GLU B 437 -8.36 8.97 23.05
N MET B 438 -8.58 7.86 22.38
CA MET B 438 -7.52 7.35 21.49
C MET B 438 -7.27 8.32 20.33
N VAL B 439 -8.34 8.85 19.74
CA VAL B 439 -8.19 9.80 18.61
C VAL B 439 -7.49 11.06 19.07
N LYS B 440 -7.86 11.59 20.25
CA LYS B 440 -7.15 12.75 20.77
C LYS B 440 -5.68 12.44 20.99
N GLY B 441 -5.34 11.18 21.30
CA GLY B 441 -3.95 10.82 21.51
C GLY B 441 -3.14 10.95 20.24
N PHE B 442 -3.78 10.76 19.10
CA PHE B 442 -3.13 11.01 17.79
C PHE B 442 -3.16 12.47 17.37
N GLY B 443 -3.79 13.34 18.15
CA GLY B 443 -4.05 14.71 17.73
C GLY B 443 -5.22 14.85 16.79
N GLY B 444 -6.01 13.79 16.61
CA GLY B 444 -7.19 13.89 15.76
C GLY B 444 -8.23 14.82 16.35
N VAL B 445 -9.01 15.44 15.48
CA VAL B 445 -10.08 16.37 15.87
C VAL B 445 -11.40 15.83 15.33
N VAL B 446 -12.25 15.37 16.21
CA VAL B 446 -13.58 14.89 15.82
C VAL B 446 -14.50 16.10 15.65
N THR B 447 -15.33 16.07 14.62
CA THR B 447 -16.30 17.14 14.38
C THR B 447 -17.54 16.91 15.24
N GLN B 448 -18.14 18.01 15.69
CA GLN B 448 -19.39 17.93 16.45
C GLN B 448 -20.56 18.21 15.51
N LEU B 449 -21.55 17.31 15.51
CA LEU B 449 -22.77 17.54 14.75
C LEU B 449 -23.47 18.82 15.19
N THR B 450 -24.06 19.56 14.21
CA THR B 450 -25.01 20.59 14.58
C THR B 450 -26.33 19.96 15.01
N PRO B 451 -27.18 20.71 15.75
CA PRO B 451 -28.53 20.19 16.06
C PRO B 451 -29.31 19.74 14.82
N LYS B 452 -29.24 20.51 13.74
CA LYS B 452 -29.91 20.10 12.51
C LYS B 452 -29.36 18.79 11.97
N GLN B 453 -28.03 18.61 11.99
CA GLN B 453 -27.48 17.38 11.46
C GLN B 453 -27.83 16.21 12.35
N ALA B 454 -27.81 16.41 13.67
CA ALA B 454 -28.12 15.32 14.57
C ALA B 454 -29.57 14.87 14.38
N GLU B 455 -30.46 15.83 14.20
CA GLU B 455 -31.85 15.51 13.89
C GLU B 455 -31.95 14.80 12.54
N TYR B 456 -31.17 15.25 11.56
CA TYR B 456 -31.29 14.70 10.20
C TYR B 456 -30.98 13.20 10.17
N ILE B 457 -29.93 12.76 10.87
CA ILE B 457 -29.58 11.35 10.86
C ILE B 457 -30.12 10.60 12.08
N GLY B 458 -30.82 11.29 12.98
CA GLY B 458 -31.50 10.64 14.08
C GLY B 458 -30.61 10.20 15.21
N VAL B 459 -29.63 11.01 15.59
CA VAL B 459 -28.79 10.70 16.73
C VAL B 459 -28.71 11.90 17.66
N SER B 460 -28.30 11.64 18.90
CA SER B 460 -27.94 12.70 19.82
C SER B 460 -26.58 13.27 19.44
N VAL B 461 -26.40 14.58 19.69
CA VAL B 461 -25.11 15.20 19.40
C VAL B 461 -23.95 14.53 20.14
N GLU B 462 -24.19 14.02 21.34
CA GLU B 462 -23.14 13.36 22.11
C GLU B 462 -23.02 11.88 21.79
N GLY B 463 -23.88 11.36 20.91
CA GLY B 463 -23.90 9.95 20.59
C GLY B 463 -24.78 9.17 21.58
N PRO B 464 -24.86 7.85 21.40
CA PRO B 464 -24.12 7.04 20.40
C PRO B 464 -24.50 7.37 18.96
N PHE B 465 -23.58 7.14 18.03
CA PHE B 465 -23.76 7.61 16.66
C PHE B 465 -24.25 6.52 15.70
N LYS B 466 -24.28 5.28 16.15
CA LYS B 466 -24.56 4.11 15.34
C LYS B 466 -25.50 3.21 16.11
N PRO B 467 -26.37 2.48 15.41
CA PRO B 467 -27.18 1.46 16.10
C PRO B 467 -26.28 0.33 16.54
N ASP B 468 -26.79 -0.46 17.49
CA ASP B 468 -25.99 -1.56 18.02
C ASP B 468 -25.69 -2.61 16.94
N THR B 469 -26.49 -2.66 15.87
CA THR B 469 -26.21 -3.58 14.77
C THR B 469 -25.04 -3.16 13.90
N TYR B 470 -24.49 -1.96 14.06
CA TYR B 470 -23.50 -1.45 13.11
C TYR B 470 -22.18 -2.23 13.25
N ARG B 471 -21.55 -2.54 12.12
CA ARG B 471 -20.37 -3.41 12.11
C ARG B 471 -19.04 -2.68 11.95
N TYR B 472 -19.05 -1.40 11.60
CA TYR B 472 -17.83 -0.63 11.38
C TYR B 472 -16.94 -1.31 10.35
N PHE C 13 -44.05 -3.10 -29.01
CA PHE C 13 -43.79 -2.71 -27.63
C PHE C 13 -43.37 -1.25 -27.54
N THR C 14 -44.17 -0.45 -26.82
CA THR C 14 -43.90 0.98 -26.67
C THR C 14 -43.95 1.42 -25.21
N ASP C 15 -44.00 0.48 -24.26
CA ASP C 15 -44.24 0.80 -22.85
C ASP C 15 -42.90 1.01 -22.15
N TYR C 16 -42.23 2.08 -22.54
CA TYR C 16 -40.91 2.42 -22.01
C TYR C 16 -40.57 3.84 -22.44
N LYS C 17 -39.50 4.39 -21.85
CA LYS C 17 -38.94 5.61 -22.40
C LYS C 17 -37.47 5.64 -22.07
N VAL C 18 -36.62 5.64 -23.09
CA VAL C 18 -35.18 5.66 -22.90
C VAL C 18 -34.59 6.71 -23.84
N ALA C 19 -33.29 6.95 -23.67
CA ALA C 19 -32.66 8.01 -24.46
C ALA C 19 -32.56 7.61 -25.93
N ASP C 20 -32.22 6.35 -26.21
CA ASP C 20 -31.96 5.94 -27.59
C ASP C 20 -32.05 4.42 -27.67
N ILE C 21 -33.20 3.92 -28.16
CA ILE C 21 -33.42 2.49 -28.28
C ILE C 21 -32.37 1.81 -29.14
N THR C 22 -31.70 2.54 -30.05
CA THR C 22 -30.71 1.91 -30.91
C THR C 22 -29.45 1.52 -30.15
N LEU C 23 -29.30 1.90 -28.90
CA LEU C 23 -28.16 1.43 -28.11
C LEU C 23 -28.36 0.00 -27.60
N ALA C 24 -29.49 -0.64 -27.92
CA ALA C 24 -29.82 -1.92 -27.30
C ALA C 24 -28.77 -2.99 -27.57
N ALA C 25 -28.30 -3.10 -28.82
CA ALA C 25 -27.31 -4.13 -29.13
C ALA C 25 -26.04 -3.94 -28.32
N TRP C 26 -25.59 -2.69 -28.18
CA TRP C 26 -24.43 -2.41 -27.33
C TRP C 26 -24.70 -2.85 -25.88
N GLY C 27 -25.84 -2.42 -25.33
CA GLY C 27 -26.16 -2.83 -23.96
C GLY C 27 -26.22 -4.34 -23.78
N ARG C 28 -26.73 -5.04 -24.80
CA ARG C 28 -26.82 -6.50 -24.70
C ARG C 28 -25.43 -7.14 -24.69
N ARG C 29 -24.51 -6.61 -25.51
CA ARG C 29 -23.14 -7.10 -25.42
C ARG C 29 -22.58 -6.91 -24.03
N GLU C 30 -22.84 -5.75 -23.41
CA GLU C 30 -22.28 -5.52 -22.08
C GLU C 30 -23.01 -6.34 -21.01
N LEU C 31 -24.28 -6.68 -21.24
CA LEU C 31 -24.98 -7.54 -20.28
C LEU C 31 -24.42 -8.96 -20.33
N ILE C 32 -24.06 -9.43 -21.53
CA ILE C 32 -23.49 -10.76 -21.65
C ILE C 32 -22.14 -10.83 -20.97
N ILE C 33 -21.33 -9.77 -21.10
CA ILE C 33 -20.09 -9.71 -20.34
C ILE C 33 -20.37 -9.69 -18.84
N ALA C 34 -21.34 -8.86 -18.43
CA ALA C 34 -21.60 -8.70 -16.99
C ALA C 34 -22.08 -10.00 -16.36
N GLU C 35 -22.85 -10.80 -17.10
CA GLU C 35 -23.28 -12.10 -16.56
C GLU C 35 -22.08 -12.95 -16.16
N SER C 36 -21.01 -12.91 -16.96
CA SER C 36 -19.81 -13.67 -16.61
C SER C 36 -19.10 -13.10 -15.41
N GLU C 37 -19.40 -11.85 -15.03
CA GLU C 37 -18.81 -11.22 -13.86
C GLU C 37 -19.67 -11.36 -12.60
N MET C 38 -20.85 -11.98 -12.70
CA MET C 38 -21.82 -12.00 -11.60
C MET C 38 -22.22 -13.44 -11.28
N PRO C 39 -21.28 -14.24 -10.76
CA PRO C 39 -21.57 -15.66 -10.54
C PRO C 39 -22.64 -15.90 -9.48
N ALA C 40 -22.71 -15.08 -8.44
CA ALA C 40 -23.74 -15.32 -7.43
C ALA C 40 -25.12 -15.11 -8.04
N LEU C 41 -25.28 -14.05 -8.82
CA LEU C 41 -26.57 -13.78 -9.42
C LEU C 41 -26.92 -14.82 -10.48
N MET C 42 -25.97 -15.13 -11.36
N MET C 42 -25.97 -15.14 -11.36
CA MET C 42 -26.18 -16.19 -12.35
CA MET C 42 -26.28 -16.18 -12.34
C MET C 42 -26.52 -17.50 -11.65
C MET C 42 -26.52 -17.53 -11.68
N GLY C 43 -25.85 -17.79 -10.55
CA GLY C 43 -26.12 -19.03 -9.83
C GLY C 43 -27.57 -19.10 -9.36
N LEU C 44 -28.12 -17.95 -8.92
CA LEU C 44 -29.52 -17.89 -8.54
C LEU C 44 -30.44 -18.18 -9.72
N ARG C 45 -30.13 -17.63 -10.90
CA ARG C 45 -30.91 -17.98 -12.08
C ARG C 45 -30.94 -19.49 -12.29
N ARG C 46 -29.78 -20.13 -12.24
CA ARG C 46 -29.74 -21.54 -12.55
C ARG C 46 -30.50 -22.36 -11.51
N LYS C 47 -30.33 -22.00 -10.23
CA LYS C 47 -30.84 -22.81 -9.14
C LYS C 47 -32.33 -22.61 -8.91
N TYR C 48 -32.87 -21.45 -9.24
CA TYR C 48 -34.29 -21.20 -9.00
C TYR C 48 -35.14 -21.19 -10.27
N ALA C 49 -34.51 -21.28 -11.44
CA ALA C 49 -35.26 -21.27 -12.69
C ALA C 49 -36.36 -22.33 -12.71
N GLY C 50 -36.04 -23.53 -12.22
CA GLY C 50 -37.03 -24.58 -12.21
C GLY C 50 -38.22 -24.26 -11.31
N GLN C 51 -37.95 -23.76 -10.10
CA GLN C 51 -39.04 -23.48 -9.17
C GLN C 51 -39.92 -22.32 -9.65
N GLN C 52 -39.34 -21.33 -10.33
CA GLN C 52 -40.04 -20.10 -10.66
C GLN C 52 -40.64 -19.46 -9.41
N PRO C 53 -39.80 -19.11 -8.40
CA PRO C 53 -40.34 -18.62 -7.13
C PRO C 53 -41.00 -17.26 -7.22
N LEU C 54 -40.78 -16.52 -8.31
CA LEU C 54 -41.38 -15.20 -8.48
C LEU C 54 -42.50 -15.21 -9.51
N LYS C 55 -42.95 -16.38 -9.93
CA LYS C 55 -44.16 -16.48 -10.75
C LYS C 55 -45.32 -15.80 -10.06
N GLY C 56 -45.89 -14.78 -10.71
CA GLY C 56 -46.95 -13.99 -10.12
C GLY C 56 -46.49 -12.72 -9.44
N ALA C 57 -45.17 -12.56 -9.23
CA ALA C 57 -44.67 -11.32 -8.68
C ALA C 57 -44.79 -10.20 -9.71
N LYS C 58 -45.19 -9.02 -9.24
CA LYS C 58 -45.23 -7.82 -10.07
C LYS C 58 -44.46 -6.73 -9.32
N ILE C 59 -43.21 -6.51 -9.73
CA ILE C 59 -42.25 -5.76 -8.96
C ILE C 59 -42.11 -4.35 -9.53
N LEU C 60 -42.34 -3.35 -8.67
CA LEU C 60 -41.96 -1.98 -8.95
C LEU C 60 -40.52 -1.79 -8.51
N GLY C 61 -39.63 -1.48 -9.45
CA GLY C 61 -38.23 -1.31 -9.15
C GLY C 61 -37.73 0.09 -9.42
N CYS C 62 -36.96 0.64 -8.47
CA CYS C 62 -36.38 1.97 -8.57
C CYS C 62 -34.93 1.91 -8.10
N ILE C 63 -34.00 1.76 -9.05
CA ILE C 63 -32.58 1.74 -8.74
C ILE C 63 -31.82 2.03 -10.02
N HIS C 64 -30.70 2.72 -9.88
CA HIS C 64 -29.80 3.10 -10.94
C HIS C 64 -29.84 2.13 -12.11
N MET C 65 -30.29 2.61 -13.28
CA MET C 65 -30.51 1.75 -14.44
C MET C 65 -29.20 1.54 -15.18
N THR C 66 -28.32 0.77 -14.54
CA THR C 66 -26.99 0.42 -15.03
C THR C 66 -27.02 -0.94 -15.69
N ILE C 67 -25.89 -1.32 -16.28
CA ILE C 67 -25.72 -2.68 -16.78
C ILE C 67 -25.92 -3.69 -15.65
N GLN C 68 -25.40 -3.37 -14.46
CA GLN C 68 -25.52 -4.32 -13.34
C GLN C 68 -26.98 -4.52 -12.95
N THR C 69 -27.76 -3.43 -12.94
CA THR C 69 -29.18 -3.53 -12.67
C THR C 69 -29.89 -4.29 -13.77
N GLY C 70 -29.40 -4.23 -15.01
CA GLY C 70 -30.00 -5.04 -16.05
C GLY C 70 -29.90 -6.52 -15.74
N VAL C 71 -28.76 -6.97 -15.21
CA VAL C 71 -28.62 -8.38 -14.89
C VAL C 71 -29.54 -8.74 -13.73
N LEU C 72 -29.71 -7.83 -12.77
CA LEU C 72 -30.68 -8.03 -11.69
C LEU C 72 -32.10 -8.13 -12.23
N ILE C 73 -32.48 -7.20 -13.12
CA ILE C 73 -33.84 -7.22 -13.68
C ILE C 73 -34.07 -8.53 -14.40
N GLU C 74 -33.11 -8.95 -15.22
CA GLU C 74 -33.35 -10.16 -16.01
C GLU C 74 -33.30 -11.40 -15.14
N THR C 75 -32.65 -11.34 -13.98
CA THR C 75 -32.72 -12.44 -13.04
C THR C 75 -34.13 -12.56 -12.45
N LEU C 76 -34.69 -11.43 -12.00
CA LEU C 76 -36.06 -11.45 -11.46
C LEU C 76 -37.05 -11.97 -12.48
N VAL C 77 -36.91 -11.54 -13.75
CA VAL C 77 -37.80 -12.00 -14.82
C VAL C 77 -37.58 -13.49 -15.08
N ALA C 78 -36.32 -13.93 -15.12
CA ALA C 78 -36.04 -15.35 -15.35
C ALA C 78 -36.65 -16.23 -14.28
N LEU C 79 -36.86 -15.70 -13.07
CA LEU C 79 -37.47 -16.47 -11.98
C LEU C 79 -38.98 -16.31 -11.93
N GLY C 80 -39.57 -15.67 -12.95
CA GLY C 80 -41.01 -15.60 -13.07
C GLY C 80 -41.63 -14.23 -12.89
N ALA C 81 -40.87 -13.21 -12.48
CA ALA C 81 -41.46 -11.91 -12.15
C ALA C 81 -41.81 -11.11 -13.40
N GLU C 82 -42.78 -10.20 -13.25
CA GLU C 82 -42.94 -9.03 -14.10
C GLU C 82 -42.45 -7.81 -13.32
N VAL C 83 -41.91 -6.82 -14.04
CA VAL C 83 -41.38 -5.62 -13.40
C VAL C 83 -41.78 -4.39 -14.21
N ARG C 84 -41.72 -3.22 -13.54
CA ARG C 84 -41.75 -1.91 -14.17
C ARG C 84 -40.69 -1.06 -13.48
N TRP C 85 -39.78 -0.44 -14.23
CA TRP C 85 -38.50 -0.01 -13.67
C TRP C 85 -38.20 1.46 -13.92
N SER C 86 -37.55 2.09 -12.96
CA SER C 86 -37.04 3.46 -13.08
C SER C 86 -35.68 3.54 -12.41
N SER C 87 -34.90 4.58 -12.74
CA SER C 87 -33.65 4.80 -12.02
C SER C 87 -33.92 5.60 -10.73
N CYS C 88 -33.05 5.42 -9.75
CA CYS C 88 -33.19 6.19 -8.52
C CYS C 88 -32.27 7.42 -8.48
N ASN C 89 -31.68 7.80 -9.62
CA ASN C 89 -30.92 9.04 -9.67
C ASN C 89 -30.92 9.59 -11.10
N ILE C 90 -30.92 10.93 -11.22
CA ILE C 90 -31.06 11.55 -12.53
C ILE C 90 -29.85 11.33 -13.42
N PHE C 91 -28.68 10.98 -12.87
CA PHE C 91 -27.48 10.85 -13.67
C PHE C 91 -26.90 9.45 -13.72
N SER C 92 -27.54 8.46 -13.10
CA SER C 92 -26.86 7.19 -12.92
C SER C 92 -27.19 6.17 -14.02
N THR C 93 -28.22 6.41 -14.81
CA THR C 93 -28.56 5.46 -15.87
C THR C 93 -27.44 5.34 -16.89
N GLN C 94 -27.15 4.12 -17.32
CA GLN C 94 -26.38 3.86 -18.52
C GLN C 94 -27.38 3.66 -19.66
N ASP C 95 -27.36 4.56 -20.63
CA ASP C 95 -28.40 4.55 -21.66
C ASP C 95 -28.42 3.23 -22.44
N GLN C 96 -27.26 2.57 -22.61
CA GLN C 96 -27.26 1.32 -23.37
C GLN C 96 -27.90 0.19 -22.56
N ALA C 97 -27.76 0.23 -21.22
CA ALA C 97 -28.44 -0.73 -20.37
C ALA C 97 -29.95 -0.54 -20.42
N ALA C 98 -30.42 0.69 -20.24
CA ALA C 98 -31.84 0.99 -20.36
C ALA C 98 -32.41 0.53 -21.71
N ALA C 99 -31.70 0.82 -22.80
CA ALA C 99 -32.17 0.40 -24.10
C ALA C 99 -32.25 -1.11 -24.22
N ALA C 100 -31.24 -1.84 -23.73
CA ALA C 100 -31.27 -3.30 -23.83
C ALA C 100 -32.45 -3.87 -23.05
N ILE C 101 -32.76 -3.27 -21.89
CA ILE C 101 -33.89 -3.77 -21.12
C ILE C 101 -35.20 -3.45 -21.84
N ALA C 102 -35.33 -2.24 -22.39
CA ALA C 102 -36.54 -1.91 -23.13
C ALA C 102 -36.70 -2.80 -24.36
N ALA C 103 -35.60 -3.08 -25.06
CA ALA C 103 -35.67 -3.91 -26.26
C ALA C 103 -36.09 -5.34 -25.93
N ALA C 104 -35.83 -5.80 -24.72
CA ALA C 104 -36.31 -7.10 -24.29
C ALA C 104 -37.79 -7.09 -23.91
N GLY C 105 -38.49 -6.00 -24.17
CA GLY C 105 -39.91 -5.94 -23.83
C GLY C 105 -40.18 -5.75 -22.36
N ILE C 106 -39.26 -5.14 -21.63
CA ILE C 106 -39.41 -4.88 -20.20
C ILE C 106 -39.66 -3.39 -20.02
N PRO C 107 -40.72 -2.99 -19.32
CA PRO C 107 -40.98 -1.56 -19.16
C PRO C 107 -39.94 -0.90 -18.27
N VAL C 108 -39.30 0.13 -18.80
CA VAL C 108 -38.28 0.88 -18.08
C VAL C 108 -38.39 2.34 -18.51
N PHE C 109 -38.23 3.25 -17.55
CA PHE C 109 -38.33 4.68 -17.80
C PHE C 109 -37.11 5.33 -17.13
N ALA C 110 -36.11 5.69 -17.94
CA ALA C 110 -34.81 6.03 -17.37
C ALA C 110 -33.85 6.47 -18.47
N TRP C 111 -33.19 7.61 -18.26
CA TRP C 111 -32.05 8.01 -19.09
C TRP C 111 -31.09 8.83 -18.25
N LYS C 112 -29.85 8.95 -18.75
CA LYS C 112 -28.85 9.76 -18.08
C LYS C 112 -29.11 11.23 -18.37
N GLY C 113 -29.11 12.05 -17.34
CA GLY C 113 -29.35 13.47 -17.50
C GLY C 113 -30.81 13.85 -17.44
N GLU C 114 -31.62 13.16 -16.63
CA GLU C 114 -33.00 13.58 -16.37
C GLU C 114 -33.03 14.90 -15.61
N THR C 115 -34.11 15.66 -15.82
CA THR C 115 -34.43 16.74 -14.89
C THR C 115 -35.15 16.18 -13.67
N GLU C 116 -35.28 17.00 -12.63
CA GLU C 116 -35.99 16.53 -11.44
C GLU C 116 -37.43 16.17 -11.79
N GLU C 117 -38.06 16.97 -12.66
CA GLU C 117 -39.43 16.68 -13.05
C GLU C 117 -39.52 15.36 -13.81
N GLU C 118 -38.58 15.14 -14.74
CA GLU C 118 -38.59 13.90 -15.51
C GLU C 118 -38.36 12.70 -14.61
N TYR C 119 -37.45 12.86 -13.63
CA TYR C 119 -37.20 11.80 -12.64
C TYR C 119 -38.48 11.37 -11.94
N GLU C 120 -39.28 12.34 -11.50
CA GLU C 120 -40.54 12.02 -10.86
C GLU C 120 -41.51 11.39 -11.84
N TRP C 121 -41.54 11.89 -13.08
CA TRP C 121 -42.41 11.32 -14.10
C TRP C 121 -42.07 9.85 -14.32
N CYS C 122 -40.77 9.52 -14.34
CA CYS C 122 -40.34 8.15 -14.60
C CYS C 122 -40.86 7.19 -13.54
N ILE C 123 -40.75 7.57 -12.26
CA ILE C 123 -41.28 6.71 -11.20
C ILE C 123 -42.78 6.54 -11.39
N GLU C 124 -43.49 7.62 -11.69
CA GLU C 124 -44.93 7.55 -11.90
CA GLU C 124 -44.93 7.54 -11.88
C GLU C 124 -45.28 6.63 -13.06
N GLN C 125 -44.41 6.55 -14.08
CA GLN C 125 -44.69 5.66 -15.20
C GLN C 125 -44.58 4.18 -14.80
N THR C 126 -43.74 3.85 -13.81
CA THR C 126 -43.75 2.49 -13.31
C THR C 126 -44.98 2.22 -12.47
N ILE C 127 -45.42 3.24 -11.71
CA ILE C 127 -46.56 3.05 -10.80
C ILE C 127 -47.85 2.87 -11.59
N LEU C 128 -48.00 3.61 -12.69
CA LEU C 128 -49.20 3.60 -13.50
C LEU C 128 -48.99 2.80 -14.78
N LYS C 129 -49.97 1.97 -15.13
CA LYS C 129 -49.99 1.32 -16.43
C LYS C 129 -51.32 1.64 -17.09
N ASP C 130 -51.26 2.24 -18.28
CA ASP C 130 -52.44 2.69 -18.99
C ASP C 130 -53.29 3.61 -18.12
N GLY C 131 -52.64 4.60 -17.52
CA GLY C 131 -53.32 5.62 -16.76
C GLY C 131 -53.88 5.17 -15.43
N GLN C 132 -53.75 3.90 -15.09
CA GLN C 132 -54.28 3.35 -13.85
C GLN C 132 -53.14 2.74 -13.06
N PRO C 133 -53.28 2.63 -11.74
CA PRO C 133 -52.23 1.97 -10.96
C PRO C 133 -52.06 0.53 -11.42
N TRP C 134 -50.81 0.16 -11.67
CA TRP C 134 -50.47 -1.22 -11.94
C TRP C 134 -50.83 -2.08 -10.73
N ASP C 135 -51.14 -3.36 -10.96
CA ASP C 135 -51.41 -4.29 -9.86
C ASP C 135 -50.09 -4.83 -9.30
N ALA C 136 -49.25 -3.89 -8.87
CA ALA C 136 -47.99 -4.24 -8.24
C ALA C 136 -48.24 -5.01 -6.95
N ASN C 137 -47.29 -5.89 -6.60
CA ASN C 137 -47.35 -6.58 -5.32
C ASN C 137 -46.00 -6.69 -4.63
N MET C 138 -44.94 -6.14 -5.22
CA MET C 138 -43.61 -6.10 -4.61
C MET C 138 -42.93 -4.79 -4.98
N VAL C 139 -42.02 -4.35 -4.11
CA VAL C 139 -41.24 -3.12 -4.32
C VAL C 139 -39.77 -3.42 -4.13
N LEU C 140 -38.93 -2.94 -5.06
CA LEU C 140 -37.48 -2.96 -4.90
C LEU C 140 -37.00 -1.52 -5.02
N ASP C 141 -36.28 -1.03 -4.01
CA ASP C 141 -36.02 0.41 -3.92
C ASP C 141 -34.57 0.65 -3.53
N ASP C 142 -34.05 1.82 -3.91
CA ASP C 142 -32.67 2.21 -3.60
C ASP C 142 -32.70 3.69 -3.22
N GLY C 143 -32.81 3.96 -1.91
CA GLY C 143 -32.83 5.32 -1.41
C GLY C 143 -34.18 5.73 -0.85
N GLY C 144 -35.24 4.98 -1.16
CA GLY C 144 -36.53 5.21 -0.56
C GLY C 144 -37.45 6.19 -1.29
N ASP C 145 -37.07 6.69 -2.45
CA ASP C 145 -37.98 7.65 -3.12
C ASP C 145 -39.28 6.98 -3.57
N LEU C 146 -39.19 5.79 -4.17
CA LEU C 146 -40.40 5.09 -4.62
C LEU C 146 -41.26 4.69 -3.43
N THR C 147 -40.63 4.16 -2.39
CA THR C 147 -41.31 3.85 -1.13
C THR C 147 -42.07 5.06 -0.61
N GLU C 148 -41.40 6.22 -0.61
CA GLU C 148 -42.04 7.43 -0.11
C GLU C 148 -43.24 7.81 -0.96
N ILE C 149 -43.11 7.77 -2.29
CA ILE C 149 -44.21 8.16 -3.16
C ILE C 149 -45.41 7.22 -2.97
N LEU C 150 -45.14 5.92 -2.86
CA LEU C 150 -46.22 4.97 -2.64
C LEU C 150 -46.99 5.28 -1.37
N HIS C 151 -46.27 5.53 -0.27
CA HIS C 151 -46.93 5.82 1.00
C HIS C 151 -47.67 7.16 0.96
N LYS C 152 -47.08 8.19 0.36
CA LYS C 152 -47.73 9.49 0.40
C LYS C 152 -48.85 9.60 -0.65
N LYS C 153 -48.56 9.23 -1.89
CA LYS C 153 -49.44 9.51 -3.01
C LYS C 153 -50.35 8.34 -3.39
N TYR C 154 -49.90 7.10 -3.23
CA TYR C 154 -50.69 5.93 -3.62
C TYR C 154 -50.80 4.94 -2.47
N PRO C 155 -51.33 5.36 -1.31
CA PRO C 155 -51.38 4.43 -0.17
C PRO C 155 -52.24 3.19 -0.41
N GLN C 156 -53.28 3.29 -1.25
CA GLN C 156 -54.11 2.11 -1.48
C GLN C 156 -53.36 1.04 -2.27
N MET C 157 -52.38 1.42 -3.09
CA MET C 157 -51.58 0.41 -3.76
C MET C 157 -50.82 -0.46 -2.76
N LEU C 158 -50.46 0.10 -1.61
CA LEU C 158 -49.70 -0.65 -0.62
C LEU C 158 -50.53 -1.74 0.04
N GLU C 159 -51.85 -1.75 -0.14
CA GLU C 159 -52.70 -2.79 0.39
C GLU C 159 -52.51 -4.12 -0.32
N ARG C 160 -51.87 -4.13 -1.49
CA ARG C 160 -51.67 -5.34 -2.27
C ARG C 160 -50.21 -5.76 -2.35
N ILE C 161 -49.32 -5.01 -1.72
CA ILE C 161 -47.87 -5.22 -1.84
C ILE C 161 -47.40 -6.04 -0.65
N HIS C 162 -46.67 -7.12 -0.92
CA HIS C 162 -46.22 -8.02 0.13
C HIS C 162 -44.96 -7.54 0.84
N GLY C 163 -44.14 -6.70 0.19
CA GLY C 163 -42.96 -6.21 0.89
C GLY C 163 -42.14 -5.27 0.04
N ILE C 164 -41.12 -4.70 0.69
CA ILE C 164 -40.15 -3.81 0.10
C ILE C 164 -38.76 -4.40 0.34
N THR C 165 -37.91 -4.42 -0.66
CA THR C 165 -36.51 -4.77 -0.43
C THR C 165 -35.67 -3.53 -0.73
N GLU C 166 -34.99 -2.99 0.29
CA GLU C 166 -34.32 -1.69 0.19
C GLU C 166 -32.80 -1.87 0.14
N GLU C 167 -32.17 -1.16 -0.80
CA GLU C 167 -30.79 -1.41 -1.17
C GLU C 167 -29.78 -0.73 -0.25
N THR C 168 -30.06 0.49 0.20
CA THR C 168 -28.96 1.34 0.64
C THR C 168 -29.21 1.95 2.01
N THR C 169 -28.11 2.44 2.60
CA THR C 169 -28.09 2.89 3.99
C THR C 169 -29.14 3.98 4.23
N THR C 170 -29.16 5.00 3.36
CA THR C 170 -30.13 6.09 3.49
C THR C 170 -31.57 5.57 3.41
N GLY C 171 -31.87 4.67 2.46
CA GLY C 171 -33.23 4.15 2.38
C GLY C 171 -33.62 3.35 3.61
N VAL C 172 -32.68 2.56 4.15
CA VAL C 172 -32.97 1.81 5.36
C VAL C 172 -33.31 2.77 6.49
N HIS C 173 -32.48 3.82 6.65
CA HIS C 173 -32.79 4.83 7.67
C HIS C 173 -34.22 5.33 7.53
N ARG C 174 -34.63 5.65 6.29
CA ARG C 174 -35.99 6.16 6.06
C ARG C 174 -37.04 5.12 6.43
N LEU C 175 -36.76 3.85 6.15
CA LEU C 175 -37.68 2.78 6.55
C LEU C 175 -37.85 2.73 8.06
N LEU C 176 -36.74 2.80 8.79
CA LEU C 176 -36.82 2.69 10.24
C LEU C 176 -37.53 3.88 10.85
N ASP C 177 -37.41 5.07 10.25
CA ASP C 177 -38.16 6.23 10.73
CA ASP C 177 -38.15 6.21 10.78
C ASP C 177 -39.65 6.01 10.59
N MET C 178 -40.09 5.43 9.46
CA MET C 178 -41.52 5.14 9.30
C MET C 178 -41.97 4.04 10.25
N LEU C 179 -41.14 3.01 10.43
CA LEU C 179 -41.49 1.97 11.38
C LEU C 179 -41.67 2.55 12.78
N LYS C 180 -40.71 3.36 13.22
CA LYS C 180 -40.80 4.03 14.50
C LYS C 180 -42.08 4.87 14.60
N ASN C 181 -42.46 5.55 13.52
CA ASN C 181 -43.61 6.44 13.54
C ASN C 181 -44.93 5.73 13.26
N GLY C 182 -44.91 4.43 13.00
CA GLY C 182 -46.14 3.72 12.72
C GLY C 182 -46.73 3.99 11.36
N THR C 183 -45.93 4.45 10.41
CA THR C 183 -46.41 4.79 9.07
C THR C 183 -45.93 3.82 8.00
N LEU C 184 -45.02 2.92 8.31
CA LEU C 184 -44.64 1.86 7.39
C LEU C 184 -45.82 0.89 7.22
N LYS C 185 -46.25 0.67 5.97
CA LYS C 185 -47.46 -0.11 5.71
C LYS C 185 -47.19 -1.56 5.30
N VAL C 186 -45.96 -1.90 4.91
CA VAL C 186 -45.65 -3.26 4.48
C VAL C 186 -44.28 -3.65 5.05
N PRO C 187 -44.04 -4.95 5.22
CA PRO C 187 -42.74 -5.37 5.74
C PRO C 187 -41.64 -5.13 4.72
N ALA C 188 -40.42 -5.00 5.24
CA ALA C 188 -39.27 -4.72 4.39
C ALA C 188 -38.09 -5.56 4.83
N ILE C 189 -37.20 -5.85 3.88
CA ILE C 189 -35.91 -6.45 4.18
C ILE C 189 -34.83 -5.40 3.94
N ASN C 190 -34.01 -5.18 4.96
CA ASN C 190 -32.81 -4.36 4.86
C ASN C 190 -31.75 -5.18 4.13
N VAL C 191 -31.64 -4.96 2.81
CA VAL C 191 -30.63 -5.65 2.02
C VAL C 191 -29.25 -5.08 2.31
N ASN C 192 -29.18 -3.78 2.66
CA ASN C 192 -27.92 -3.10 2.86
C ASN C 192 -27.02 -3.85 3.83
N ASP C 193 -27.60 -4.36 4.92
CA ASP C 193 -26.78 -4.86 6.01
C ASP C 193 -26.48 -6.35 5.95
N SER C 194 -26.75 -7.03 4.84
CA SER C 194 -25.99 -8.24 4.59
C SER C 194 -24.54 -7.86 4.51
N VAL C 195 -23.66 -8.73 4.99
CA VAL C 195 -22.23 -8.43 4.91
C VAL C 195 -21.79 -8.41 3.45
N THR C 196 -22.34 -9.31 2.64
CA THR C 196 -21.99 -9.32 1.22
C THR C 196 -22.58 -8.14 0.46
N LYS C 197 -23.33 -7.27 1.13
CA LYS C 197 -23.73 -6.00 0.54
C LYS C 197 -22.91 -4.88 1.20
N SER C 198 -23.21 -4.55 2.46
CA SER C 198 -22.58 -3.40 3.11
C SER C 198 -21.06 -3.44 3.07
N LYS C 199 -20.46 -4.58 3.41
CA LYS C 199 -19.00 -4.63 3.52
C LYS C 199 -18.34 -5.09 2.24
N ASN C 200 -19.06 -4.99 1.14
CA ASN C 200 -18.59 -5.33 -0.19
C ASN C 200 -18.85 -4.14 -1.09
N ASP C 201 -20.11 -3.95 -1.44
CA ASP C 201 -20.63 -2.80 -2.18
C ASP C 201 -20.21 -1.45 -1.58
N ASN C 202 -20.69 -1.13 -0.37
CA ASN C 202 -20.55 0.24 0.15
C ASN C 202 -19.09 0.65 0.26
N LYS C 203 -18.24 -0.30 0.63
CA LYS C 203 -16.81 -0.03 0.81
C LYS C 203 -16.04 -0.27 -0.48
N TYR C 204 -15.94 -1.55 -0.90
CA TYR C 204 -15.07 -1.84 -2.04
C TYR C 204 -15.60 -1.24 -3.32
N GLY C 205 -16.91 -1.10 -3.46
CA GLY C 205 -17.45 -0.49 -4.67
C GLY C 205 -17.00 0.94 -4.83
N CYS C 206 -17.02 1.71 -3.75
CA CYS C 206 -16.53 3.08 -3.78
C CYS C 206 -15.02 3.13 -3.96
N ARG C 207 -14.31 2.12 -3.46
CA ARG C 207 -12.88 2.05 -3.73
CA ARG C 207 -12.88 2.06 -3.73
C ARG C 207 -12.61 1.96 -5.22
N HIS C 208 -13.38 1.14 -5.94
CA HIS C 208 -13.20 0.99 -7.38
C HIS C 208 -13.65 2.23 -8.13
N SER C 209 -14.78 2.83 -7.72
CA SER C 209 -15.47 3.77 -8.62
C SER C 209 -15.25 5.24 -8.28
N LEU C 210 -14.73 5.59 -7.10
CA LEU C 210 -14.53 7.02 -6.83
C LEU C 210 -13.40 7.59 -7.66
N ASN C 211 -12.18 7.02 -7.55
CA ASN C 211 -11.10 7.58 -8.36
CA ASN C 211 -11.09 7.56 -8.36
C ASN C 211 -11.42 7.44 -9.85
N ASP C 212 -12.16 6.39 -10.23
CA ASP C 212 -12.62 6.22 -11.61
C ASP C 212 -13.40 7.44 -12.09
N ALA C 213 -14.42 7.84 -11.31
CA ALA C 213 -15.25 8.98 -11.71
C ALA C 213 -14.47 10.29 -11.73
N ILE C 214 -13.53 10.48 -10.78
CA ILE C 214 -12.76 11.73 -10.75
C ILE C 214 -11.84 11.82 -11.97
N LYS C 215 -11.22 10.70 -12.35
CA LYS C 215 -10.40 10.68 -13.56
C LYS C 215 -11.22 10.96 -14.80
N ARG C 216 -12.38 10.29 -14.94
CA ARG C 216 -13.17 10.51 -16.15
C ARG C 216 -13.65 11.96 -16.24
N GLY C 217 -14.01 12.57 -15.12
CA GLY C 217 -14.51 13.93 -15.15
C GLY C 217 -13.46 15.00 -15.39
N THR C 218 -12.28 14.83 -14.77
CA THR C 218 -11.25 15.87 -14.77
C THR C 218 -9.94 15.44 -15.41
N ASP C 219 -9.66 14.14 -15.46
CA ASP C 219 -8.35 13.60 -15.84
C ASP C 219 -7.24 14.23 -15.01
N HIS C 220 -7.56 14.63 -13.77
CA HIS C 220 -6.53 15.16 -12.86
C HIS C 220 -5.63 14.06 -12.34
N LEU C 221 -4.33 14.33 -12.32
CA LEU C 221 -3.43 13.59 -11.46
C LEU C 221 -3.91 13.68 -10.02
N LEU C 222 -3.97 12.56 -9.34
CA LEU C 222 -4.33 12.57 -7.92
C LEU C 222 -3.12 12.40 -7.00
N SER C 223 -2.09 11.67 -7.44
CA SER C 223 -0.87 11.49 -6.66
C SER C 223 -0.29 12.81 -6.21
N GLY C 224 0.06 12.89 -4.93
CA GLY C 224 0.76 14.06 -4.41
C GLY C 224 -0.14 15.21 -3.99
N LYS C 225 -1.44 15.14 -4.28
CA LYS C 225 -2.39 16.19 -3.94
C LYS C 225 -3.10 15.86 -2.64
N GLN C 226 -3.74 16.88 -2.07
CA GLN C 226 -4.34 16.79 -0.74
C GLN C 226 -5.85 16.56 -0.89
N ALA C 227 -6.37 15.53 -0.21
CA ALA C 227 -7.80 15.25 -0.20
C ALA C 227 -8.35 15.36 1.21
N LEU C 228 -9.62 15.75 1.30
CA LEU C 228 -10.36 15.67 2.56
C LEU C 228 -11.60 14.83 2.31
N VAL C 229 -11.71 13.71 3.00
CA VAL C 229 -12.87 12.85 2.89
C VAL C 229 -13.72 13.12 4.11
N ILE C 230 -14.97 13.52 3.90
CA ILE C 230 -15.88 13.80 5.03
C ILE C 230 -16.66 12.53 5.29
N GLY C 231 -16.41 11.90 6.44
CA GLY C 231 -17.06 10.65 6.76
C GLY C 231 -16.09 9.46 6.64
N TYR C 232 -16.30 8.46 7.50
CA TYR C 232 -15.48 7.26 7.48
C TYR C 232 -16.30 6.05 7.93
N GLY C 233 -17.57 5.99 7.48
CA GLY C 233 -18.35 4.77 7.49
C GLY C 233 -17.88 3.88 6.36
N ASP C 234 -18.77 3.01 5.85
CA ASP C 234 -18.31 2.10 4.82
C ASP C 234 -17.94 2.83 3.53
N VAL C 235 -18.78 3.79 3.11
CA VAL C 235 -18.46 4.55 1.90
C VAL C 235 -17.20 5.39 2.10
N GLY C 236 -17.07 6.04 3.27
CA GLY C 236 -15.89 6.85 3.52
C GLY C 236 -14.61 6.03 3.61
N LYS C 237 -14.69 4.82 4.17
CA LYS C 237 -13.54 3.91 4.19
C LYS C 237 -13.12 3.55 2.77
N GLY C 238 -14.09 3.16 1.93
CA GLY C 238 -13.75 2.79 0.57
C GLY C 238 -13.25 3.98 -0.22
N SER C 239 -13.88 5.15 0.00
CA SER C 239 -13.50 6.35 -0.73
C SER C 239 -12.09 6.79 -0.35
N SER C 240 -11.78 6.75 0.94
CA SER C 240 -10.46 7.15 1.40
C SER C 240 -9.39 6.25 0.79
N GLN C 241 -9.68 4.96 0.68
CA GLN C 241 -8.73 4.02 0.10
C GLN C 241 -8.59 4.28 -1.39
N SER C 242 -9.71 4.57 -2.06
CA SER C 242 -9.67 4.90 -3.49
C SER C 242 -8.67 6.01 -3.78
N LEU C 243 -8.63 7.02 -2.92
CA LEU C 243 -7.73 8.16 -3.06
C LEU C 243 -6.32 7.85 -2.55
N ARG C 244 -6.20 7.20 -1.40
CA ARG C 244 -4.86 6.92 -0.86
C ARG C 244 -4.06 6.00 -1.78
N GLN C 245 -4.72 4.99 -2.38
CA GLN C 245 -4.00 4.06 -3.23
C GLN C 245 -3.48 4.74 -4.50
N GLU C 246 -4.06 5.87 -4.87
CA GLU C 246 -3.57 6.68 -5.99
C GLU C 246 -2.42 7.59 -5.57
N GLY C 247 -2.08 7.62 -4.30
CA GLY C 247 -1.04 8.53 -3.82
C GLY C 247 -1.51 9.88 -3.30
N MET C 248 -2.81 10.09 -3.10
CA MET C 248 -3.26 11.30 -2.44
C MET C 248 -2.82 11.31 -0.98
N ILE C 249 -2.61 12.51 -0.44
CA ILE C 249 -2.45 12.70 1.00
C ILE C 249 -3.87 12.96 1.52
N VAL C 250 -4.43 11.97 2.20
CA VAL C 250 -5.85 11.95 2.56
C VAL C 250 -5.99 12.31 4.03
N LYS C 251 -6.80 13.32 4.30
CA LYS C 251 -7.28 13.63 5.65
C LYS C 251 -8.75 13.23 5.75
N VAL C 252 -9.18 12.86 6.97
CA VAL C 252 -10.52 12.31 7.17
C VAL C 252 -11.22 13.11 8.25
N ALA C 253 -12.48 13.44 8.05
CA ALA C 253 -13.31 14.07 9.08
C ALA C 253 -14.39 13.09 9.52
N GLU C 254 -14.75 13.16 10.81
CA GLU C 254 -15.76 12.26 11.33
C GLU C 254 -16.41 12.90 12.55
N VAL C 255 -17.67 12.55 12.78
CA VAL C 255 -18.30 12.86 14.05
C VAL C 255 -18.29 11.65 14.98
N ASP C 256 -18.01 10.47 14.46
CA ASP C 256 -18.08 9.23 15.25
C ASP C 256 -16.67 8.89 15.68
N PRO C 257 -16.34 8.98 16.98
CA PRO C 257 -14.95 8.72 17.39
C PRO C 257 -14.47 7.30 17.11
N ILE C 258 -15.37 6.31 17.04
CA ILE C 258 -14.91 4.96 16.73
C ILE C 258 -14.46 4.89 15.27
N CYS C 259 -15.28 5.43 14.37
CA CYS C 259 -14.83 5.52 12.98
C CYS C 259 -13.56 6.36 12.84
N ALA C 260 -13.46 7.46 13.59
CA ALA C 260 -12.24 8.25 13.58
C ALA C 260 -11.02 7.45 14.08
N MET C 261 -11.22 6.62 15.11
N MET C 261 -11.21 6.63 15.12
CA MET C 261 -10.14 5.75 15.56
CA MET C 261 -10.12 5.77 15.55
C MET C 261 -9.66 4.84 14.44
C MET C 261 -9.65 4.86 14.42
N GLN C 262 -10.60 4.26 13.69
CA GLN C 262 -10.22 3.42 12.57
C GLN C 262 -9.43 4.21 11.54
N ALA C 263 -9.82 5.47 11.28
CA ALA C 263 -9.08 6.26 10.28
C ALA C 263 -7.64 6.47 10.73
N CYS C 264 -7.44 6.81 12.00
CA CYS C 264 -6.09 6.99 12.53
C CYS C 264 -5.27 5.72 12.33
N MET C 265 -5.82 4.58 12.79
CA MET C 265 -5.10 3.30 12.69
C MET C 265 -4.86 2.90 11.24
N ASP C 266 -5.77 3.28 10.35
CA ASP C 266 -5.57 3.03 8.92
C ASP C 266 -4.54 3.97 8.29
N GLY C 267 -3.98 4.92 9.04
CA GLY C 267 -2.91 5.75 8.55
C GLY C 267 -3.35 7.10 8.01
N PHE C 268 -4.50 7.61 8.43
CA PHE C 268 -4.99 8.92 8.01
C PHE C 268 -4.94 9.90 9.18
N GLU C 269 -4.67 11.14 8.84
CA GLU C 269 -4.82 12.24 9.78
C GLU C 269 -6.30 12.62 9.89
N VAL C 270 -6.81 12.72 11.12
CA VAL C 270 -8.22 13.04 11.32
C VAL C 270 -8.32 14.52 11.65
N VAL C 271 -9.06 15.27 10.83
CA VAL C 271 -9.18 16.72 10.99
C VAL C 271 -10.65 17.11 10.92
N SER C 272 -10.94 18.34 11.38
CA SER C 272 -12.26 18.92 11.21
C SER C 272 -12.20 20.18 10.35
N PRO C 273 -13.19 20.42 9.49
CA PRO C 273 -13.24 21.74 8.81
C PRO C 273 -13.36 22.89 9.77
N TYR C 274 -13.79 22.64 11.02
CA TYR C 274 -14.08 23.68 12.01
C TYR C 274 -13.02 23.67 13.10
N LYS C 275 -12.67 24.85 13.58
CA LYS C 275 -11.73 24.94 14.69
C LYS C 275 -12.29 24.20 15.91
N ASN C 276 -11.49 23.28 16.44
CA ASN C 276 -11.88 22.40 17.54
C ASN C 276 -13.12 21.57 17.24
N GLY C 277 -13.46 21.41 15.97
CA GLY C 277 -14.60 20.61 15.58
C GLY C 277 -15.95 21.27 15.82
N ILE C 278 -15.99 22.55 16.21
CA ILE C 278 -17.23 23.22 16.58
C ILE C 278 -17.73 24.07 15.40
N ASN C 279 -18.88 23.65 14.84
CA ASN C 279 -19.52 24.21 13.66
C ASN C 279 -20.64 25.13 14.14
N ASP C 280 -20.27 26.37 14.48
CA ASP C 280 -21.20 27.32 15.08
C ASP C 280 -21.83 28.30 14.09
N GLY C 281 -21.64 28.10 12.78
CA GLY C 281 -22.31 28.90 11.78
C GLY C 281 -21.50 30.06 11.22
N THR C 282 -20.43 30.46 11.90
CA THR C 282 -19.67 31.64 11.51
C THR C 282 -18.51 31.27 10.59
N GLU C 283 -18.12 32.21 9.74
CA GLU C 283 -16.89 32.03 8.98
C GLU C 283 -15.70 31.87 9.92
N ALA C 284 -15.74 32.54 11.07
CA ALA C 284 -14.62 32.48 12.00
C ALA C 284 -14.34 31.05 12.44
N SER C 285 -15.35 30.18 12.45
CA SER C 285 -15.18 28.79 12.88
C SER C 285 -14.45 27.93 11.86
N ILE C 286 -14.33 28.38 10.61
CA ILE C 286 -13.72 27.57 9.57
C ILE C 286 -12.21 27.59 9.75
N ASP C 287 -11.59 26.40 9.62
CA ASP C 287 -10.14 26.27 9.61
C ASP C 287 -9.69 26.64 8.21
N ALA C 288 -9.46 27.93 8.00
CA ALA C 288 -9.18 28.40 6.66
C ALA C 288 -7.82 27.91 6.18
N ALA C 289 -6.86 27.73 7.09
CA ALA C 289 -5.55 27.24 6.67
C ALA C 289 -5.65 25.82 6.14
N LEU C 290 -6.42 24.96 6.82
CA LEU C 290 -6.63 23.60 6.36
C LEU C 290 -7.33 23.57 5.01
N LEU C 291 -8.50 24.20 4.92
CA LEU C 291 -9.26 24.17 3.68
C LEU C 291 -8.50 24.82 2.53
N GLY C 292 -7.66 25.83 2.82
CA GLY C 292 -6.87 26.46 1.77
C GLY C 292 -5.81 25.58 1.17
N LYS C 293 -5.63 24.37 1.69
CA LYS C 293 -4.63 23.42 1.18
C LYS C 293 -5.26 22.21 0.51
N ILE C 294 -6.57 22.11 0.52
CA ILE C 294 -7.26 20.89 0.06
C ILE C 294 -7.54 20.98 -1.44
N ASP C 295 -7.10 19.97 -2.19
CA ASP C 295 -7.31 19.91 -3.63
C ASP C 295 -8.59 19.18 -4.01
N LEU C 296 -9.13 18.37 -3.12
CA LEU C 296 -10.27 17.51 -3.42
C LEU C 296 -11.05 17.28 -2.12
N ILE C 297 -12.34 17.57 -2.14
CA ILE C 297 -13.21 17.24 -1.02
C ILE C 297 -14.27 16.26 -1.52
N VAL C 298 -14.50 15.20 -0.75
CA VAL C 298 -15.46 14.14 -1.08
C VAL C 298 -16.33 13.94 0.15
N THR C 299 -17.64 14.03 -0.03
CA THR C 299 -18.60 13.81 1.08
C THR C 299 -19.17 12.39 1.01
N THR C 300 -19.25 11.72 2.17
CA THR C 300 -19.61 10.31 2.19
C THR C 300 -20.63 9.99 3.29
N THR C 301 -21.34 10.98 3.79
CA THR C 301 -21.94 10.81 5.13
C THR C 301 -23.39 10.31 5.14
N GLY C 302 -24.17 10.60 4.10
CA GLY C 302 -25.61 10.50 4.20
C GLY C 302 -26.24 11.54 5.10
N ASN C 303 -25.48 12.56 5.50
CA ASN C 303 -25.95 13.65 6.32
C ASN C 303 -26.14 14.92 5.46
N VAL C 304 -26.52 16.02 6.09
CA VAL C 304 -26.89 17.23 5.37
C VAL C 304 -25.86 18.32 5.62
N ASN C 305 -25.41 18.97 4.55
CA ASN C 305 -24.59 20.19 4.65
C ASN C 305 -23.27 19.93 5.40
N VAL C 306 -22.58 18.85 5.03
CA VAL C 306 -21.28 18.55 5.63
C VAL C 306 -20.15 19.18 4.84
N CYS C 307 -20.44 19.73 3.65
CA CYS C 307 -19.52 20.59 2.92
C CYS C 307 -20.33 21.86 2.70
N ASP C 308 -20.20 22.81 3.62
CA ASP C 308 -21.16 23.90 3.68
C ASP C 308 -20.63 25.12 2.95
N ALA C 309 -21.47 26.17 2.93
CA ALA C 309 -21.14 27.39 2.20
C ALA C 309 -19.83 28.00 2.68
N ASN C 310 -19.61 28.06 3.99
CA ASN C 310 -18.36 28.65 4.46
C ASN C 310 -17.15 27.79 4.09
N MET C 311 -17.31 26.47 4.06
CA MET C 311 -16.21 25.62 3.62
C MET C 311 -15.92 25.84 2.15
N LEU C 312 -16.98 25.93 1.35
CA LEU C 312 -16.78 26.16 -0.08
C LEU C 312 -16.08 27.48 -0.34
N LYS C 313 -16.33 28.50 0.49
CA LYS C 313 -15.67 29.79 0.31
C LYS C 313 -14.20 29.72 0.68
N ALA C 314 -13.84 28.87 1.64
CA ALA C 314 -12.47 28.77 2.11
C ALA C 314 -11.60 27.82 1.30
N LEU C 315 -12.19 26.99 0.43
CA LEU C 315 -11.43 25.96 -0.26
C LEU C 315 -10.38 26.56 -1.19
N LYS C 316 -9.26 25.84 -1.30
CA LYS C 316 -8.23 26.14 -2.27
C LYS C 316 -8.81 26.39 -3.66
N LYS C 317 -8.29 27.42 -4.33
CA LYS C 317 -8.68 27.67 -5.71
C LYS C 317 -8.49 26.41 -6.54
N ARG C 318 -9.48 26.11 -7.38
CA ARG C 318 -9.47 25.02 -8.34
C ARG C 318 -9.56 23.65 -7.69
N ALA C 319 -9.97 23.59 -6.42
CA ALA C 319 -10.25 22.30 -5.80
C ALA C 319 -11.45 21.64 -6.48
N VAL C 320 -11.45 20.32 -6.46
CA VAL C 320 -12.59 19.51 -6.91
C VAL C 320 -13.49 19.22 -5.73
N VAL C 321 -14.80 19.32 -5.96
CA VAL C 321 -15.81 19.08 -4.94
C VAL C 321 -16.73 17.99 -5.47
N CYS C 322 -16.95 16.92 -4.69
CA CYS C 322 -17.92 15.93 -5.11
C CYS C 322 -18.50 15.20 -3.92
N ASN C 323 -19.56 14.44 -4.20
CA ASN C 323 -20.36 13.75 -3.21
C ASN C 323 -20.60 12.34 -3.71
N ILE C 324 -20.36 11.36 -2.85
CA ILE C 324 -20.65 9.98 -3.17
C ILE C 324 -21.65 9.38 -2.17
N GLY C 325 -22.24 10.21 -1.30
CA GLY C 325 -23.42 9.81 -0.55
C GLY C 325 -24.65 9.80 -1.45
N HIS C 326 -25.78 9.32 -0.91
CA HIS C 326 -26.94 9.08 -1.77
C HIS C 326 -27.54 10.38 -2.33
N PHE C 327 -27.57 11.45 -1.52
CA PHE C 327 -28.30 12.65 -1.91
C PHE C 327 -27.36 13.84 -2.01
N ASP C 328 -27.72 14.78 -2.91
CA ASP C 328 -26.83 15.90 -3.20
C ASP C 328 -26.83 16.99 -2.14
N ASN C 329 -27.70 16.94 -1.14
CA ASN C 329 -27.63 17.97 -0.11
C ASN C 329 -26.46 17.81 0.88
N GLU C 330 -25.55 16.84 0.69
CA GLU C 330 -24.33 16.82 1.49
C GLU C 330 -23.50 18.07 1.27
N ILE C 331 -23.52 18.63 0.05
CA ILE C 331 -22.81 19.84 -0.32
C ILE C 331 -23.85 20.95 -0.49
N ASP C 332 -23.53 22.16 -0.04
CA ASP C 332 -24.47 23.27 -0.22
C ASP C 332 -24.35 23.81 -1.64
N THR C 333 -24.86 23.02 -2.59
CA THR C 333 -24.88 23.47 -3.97
C THR C 333 -25.91 24.56 -4.20
N ALA C 334 -26.96 24.66 -3.36
CA ALA C 334 -27.91 25.74 -3.50
C ALA C 334 -27.24 27.09 -3.28
N PHE C 335 -26.35 27.17 -2.28
CA PHE C 335 -25.58 28.39 -2.08
C PHE C 335 -24.80 28.76 -3.34
N MET C 336 -24.21 27.76 -3.99
CA MET C 336 -23.39 28.03 -5.16
C MET C 336 -24.25 28.42 -6.35
N ARG C 337 -25.44 27.82 -6.49
CA ARG C 337 -26.32 28.27 -7.56
C ARG C 337 -26.72 29.72 -7.36
N LYS C 338 -26.89 30.12 -6.10
CA LYS C 338 -27.39 31.46 -5.79
C LYS C 338 -26.32 32.52 -6.03
N ASN C 339 -25.05 32.21 -5.74
CA ASN C 339 -24.04 33.24 -5.60
C ASN C 339 -22.94 33.22 -6.64
N TRP C 340 -22.70 32.09 -7.29
CA TRP C 340 -21.55 31.93 -8.16
C TRP C 340 -21.98 31.54 -9.57
N ALA C 341 -21.09 31.77 -10.54
CA ALA C 341 -21.39 31.54 -11.95
C ALA C 341 -20.91 30.15 -12.37
N TRP C 342 -21.79 29.38 -12.99
CA TRP C 342 -21.48 28.01 -13.40
C TRP C 342 -21.10 27.97 -14.88
N GLU C 343 -19.93 27.40 -15.18
CA GLU C 343 -19.43 27.19 -16.54
C GLU C 343 -19.36 25.69 -16.77
N GLU C 344 -20.17 25.16 -17.68
CA GLU C 344 -20.11 23.73 -17.93
C GLU C 344 -18.84 23.41 -18.73
N VAL C 345 -18.01 22.51 -18.20
CA VAL C 345 -16.87 22.01 -18.97
C VAL C 345 -17.36 21.01 -20.02
N LYS C 346 -18.12 20.04 -19.54
CA LYS C 346 -18.78 18.99 -20.29
C LYS C 346 -19.85 18.42 -19.37
N PRO C 347 -20.72 17.52 -19.85
CA PRO C 347 -21.81 17.07 -18.98
C PRO C 347 -21.28 16.51 -17.65
N GLN C 348 -21.93 16.94 -16.57
CA GLN C 348 -21.62 16.54 -15.20
C GLN C 348 -20.27 17.04 -14.69
N VAL C 349 -19.67 18.04 -15.34
CA VAL C 349 -18.46 18.72 -14.86
C VAL C 349 -18.68 20.22 -15.02
N HIS C 350 -18.73 20.94 -13.90
CA HIS C 350 -18.94 22.39 -13.94
C HIS C 350 -17.83 23.11 -13.18
N LYS C 351 -17.31 24.18 -13.76
CA LYS C 351 -16.49 25.14 -13.03
C LYS C 351 -17.41 26.15 -12.38
N ILE C 352 -17.22 26.37 -11.09
CA ILE C 352 -18.05 27.29 -10.32
C ILE C 352 -17.18 28.47 -9.94
N HIS C 353 -17.46 29.62 -10.53
CA HIS C 353 -16.60 30.80 -10.46
C HIS C 353 -16.98 31.65 -9.26
N ARG C 354 -16.05 31.74 -8.31
CA ARG C 354 -16.30 32.42 -7.04
C ARG C 354 -16.19 33.93 -7.16
N THR C 355 -16.04 34.44 -8.37
CA THR C 355 -15.93 35.87 -8.63
C THR C 355 -17.29 36.57 -8.64
N GLY C 356 -18.39 35.83 -8.66
CA GLY C 356 -19.70 36.46 -8.70
C GLY C 356 -20.70 35.59 -9.41
N LYS C 357 -21.94 36.10 -9.48
CA LYS C 357 -23.10 35.35 -9.92
C LYS C 357 -23.37 35.49 -11.41
N ASP C 358 -23.25 36.69 -11.96
CA ASP C 358 -23.70 36.96 -13.32
C ASP C 358 -22.47 37.02 -14.22
N GLY C 359 -22.22 35.93 -14.93
CA GLY C 359 -21.11 35.87 -15.85
C GLY C 359 -19.80 35.60 -15.14
N PHE C 360 -18.79 35.27 -15.96
CA PHE C 360 -17.47 34.94 -15.45
C PHE C 360 -16.45 35.24 -16.55
N ASP C 361 -15.19 35.40 -16.15
CA ASP C 361 -14.08 35.49 -17.07
C ASP C 361 -13.63 34.07 -17.42
N ALA C 362 -13.55 33.77 -18.72
CA ALA C 362 -13.17 32.41 -19.14
C ALA C 362 -11.79 32.00 -18.64
N HIS C 363 -10.96 32.97 -18.25
CA HIS C 363 -9.63 32.70 -17.74
C HIS C 363 -9.51 32.96 -16.25
N ASN C 364 -10.63 33.16 -15.55
CA ASN C 364 -10.60 33.31 -14.11
C ASN C 364 -9.95 32.10 -13.46
N ASP C 365 -9.08 32.35 -12.48
CA ASP C 365 -8.40 31.29 -11.76
C ASP C 365 -9.11 30.88 -10.47
N ASP C 366 -10.12 31.65 -10.06
CA ASP C 366 -10.79 31.43 -8.78
C ASP C 366 -12.11 30.70 -9.01
N TYR C 367 -12.00 29.39 -9.24
CA TYR C 367 -13.18 28.54 -9.41
C TYR C 367 -12.97 27.23 -8.68
N LEU C 368 -14.08 26.53 -8.45
CA LEU C 368 -14.06 25.15 -8.00
C LEU C 368 -14.61 24.28 -9.12
N ILE C 369 -14.24 23.01 -9.12
CA ILE C 369 -14.81 22.05 -10.06
C ILE C 369 -15.76 21.15 -9.30
N LEU C 370 -17.04 21.22 -9.64
CA LEU C 370 -18.08 20.38 -9.07
C LEU C 370 -18.39 19.25 -10.04
N LEU C 371 -18.39 18.02 -9.54
CA LEU C 371 -18.75 16.87 -10.35
C LEU C 371 -20.19 16.45 -10.13
N ALA C 372 -20.88 16.11 -11.23
CA ALA C 372 -22.25 15.57 -11.21
C ALA C 372 -23.24 16.46 -10.48
N GLU C 373 -22.95 17.76 -10.42
CA GLU C 373 -23.83 18.72 -9.73
C GLU C 373 -24.07 18.31 -8.29
N GLY C 374 -23.09 17.66 -7.68
CA GLY C 374 -23.23 17.19 -6.30
C GLY C 374 -23.95 15.87 -6.12
N ARG C 375 -24.44 15.24 -7.19
CA ARG C 375 -25.07 13.92 -7.09
C ARG C 375 -24.01 12.82 -7.07
N LEU C 376 -24.43 11.60 -6.70
CA LEU C 376 -23.51 10.46 -6.54
C LEU C 376 -22.46 10.43 -7.64
N VAL C 377 -21.22 10.73 -7.29
CA VAL C 377 -20.25 10.99 -8.34
C VAL C 377 -19.86 9.70 -9.07
N ASN C 378 -19.85 8.55 -8.37
CA ASN C 378 -19.36 7.35 -9.03
C ASN C 378 -20.31 6.93 -10.13
N LEU C 379 -21.61 7.11 -9.92
CA LEU C 379 -22.58 6.79 -10.95
C LEU C 379 -22.77 7.93 -11.94
N GLY C 380 -22.55 9.18 -11.50
CA GLY C 380 -22.78 10.33 -12.35
C GLY C 380 -21.67 10.58 -13.36
N ASN C 381 -20.41 10.37 -12.93
CA ASN C 381 -19.26 10.63 -13.79
C ASN C 381 -18.52 9.37 -14.27
N ALA C 382 -18.93 8.19 -13.80
CA ALA C 382 -18.44 6.94 -14.37
C ALA C 382 -19.60 5.95 -14.44
N THR C 383 -19.41 4.69 -14.02
CA THR C 383 -20.47 3.69 -14.17
C THR C 383 -20.85 3.06 -12.84
N GLY C 384 -20.56 3.74 -11.75
CA GLY C 384 -20.81 3.11 -10.46
C GLY C 384 -19.93 1.90 -10.19
N HIS C 385 -20.39 1.06 -9.27
CA HIS C 385 -19.64 -0.13 -8.90
C HIS C 385 -19.55 -1.14 -10.04
N PRO C 386 -18.49 -1.96 -10.05
CA PRO C 386 -18.34 -2.98 -11.10
C PRO C 386 -19.23 -4.18 -10.87
N SER C 387 -19.54 -4.88 -11.97
CA SER C 387 -20.46 -6.03 -11.94
C SER C 387 -20.11 -7.02 -10.83
N ARG C 388 -18.82 -7.36 -10.68
CA ARG C 388 -18.46 -8.42 -9.73
C ARG C 388 -18.72 -8.00 -8.29
N ILE C 389 -18.74 -6.70 -8.00
CA ILE C 389 -19.12 -6.25 -6.67
C ILE C 389 -20.65 -6.19 -6.54
N MET C 390 -21.34 -5.68 -7.56
CA MET C 390 -22.78 -5.59 -7.51
C MET C 390 -23.44 -6.97 -7.47
N ASP C 391 -22.76 -8.00 -7.96
CA ASP C 391 -23.16 -9.40 -7.82
C ASP C 391 -23.60 -9.71 -6.40
N GLY C 392 -22.84 -9.23 -5.42
CA GLY C 392 -23.18 -9.53 -4.03
C GLY C 392 -24.46 -8.84 -3.61
N SER C 393 -24.54 -7.53 -3.85
CA SER C 393 -25.74 -6.79 -3.48
C SER C 393 -26.98 -7.34 -4.14
N PHE C 394 -26.89 -7.68 -5.43
CA PHE C 394 -28.08 -8.05 -6.17
C PHE C 394 -28.46 -9.51 -5.96
N ALA C 395 -27.53 -10.40 -5.62
CA ALA C 395 -27.95 -11.73 -5.18
C ALA C 395 -28.81 -11.62 -3.92
N ASN C 396 -28.43 -10.73 -3.01
CA ASN C 396 -29.24 -10.52 -1.80
C ASN C 396 -30.61 -9.97 -2.16
N GLN C 397 -30.65 -9.02 -3.10
CA GLN C 397 -31.94 -8.46 -3.50
C GLN C 397 -32.86 -9.56 -4.01
N VAL C 398 -32.33 -10.46 -4.86
CA VAL C 398 -33.19 -11.51 -5.41
C VAL C 398 -33.70 -12.41 -4.29
N LEU C 399 -32.81 -12.80 -3.37
CA LEU C 399 -33.21 -13.65 -2.25
C LEU C 399 -34.25 -12.96 -1.38
N ALA C 400 -34.08 -11.66 -1.16
CA ALA C 400 -35.04 -10.92 -0.35
C ALA C 400 -36.39 -10.83 -1.05
N GLN C 401 -36.40 -10.64 -2.37
CA GLN C 401 -37.65 -10.62 -3.12
C GLN C 401 -38.35 -11.97 -3.04
N ILE C 402 -37.60 -13.06 -3.24
CA ILE C 402 -38.18 -14.40 -3.09
C ILE C 402 -38.81 -14.55 -1.70
N HIS C 403 -38.12 -14.10 -0.66
CA HIS C 403 -38.57 -14.34 0.70
C HIS C 403 -39.86 -13.58 1.02
N LEU C 404 -39.88 -12.27 0.76
CA LEU C 404 -41.10 -11.50 1.03
C LEU C 404 -42.25 -11.92 0.12
N PHE C 405 -41.96 -12.23 -1.15
CA PHE C 405 -43.05 -12.62 -2.03
C PHE C 405 -43.71 -13.91 -1.56
N GLU C 406 -42.92 -14.87 -1.09
CA GLU C 406 -43.50 -16.14 -0.64
C GLU C 406 -44.21 -16.02 0.71
N GLN C 407 -43.83 -15.05 1.52
CA GLN C 407 -44.52 -14.79 2.78
C GLN C 407 -45.94 -14.25 2.55
N LYS C 408 -46.17 -13.53 1.45
CA LYS C 408 -47.51 -13.10 1.04
C LYS C 408 -48.20 -12.28 2.14
N TYR C 409 -47.50 -11.27 2.64
CA TYR C 409 -48.02 -10.42 3.72
C TYR C 409 -49.36 -9.80 3.37
N ALA C 410 -49.52 -9.33 2.12
CA ALA C 410 -50.76 -8.62 1.77
C ALA C 410 -51.98 -9.51 1.87
N ASP C 411 -51.79 -10.82 1.89
CA ASP C 411 -52.88 -11.78 1.96
C ASP C 411 -53.15 -12.29 3.36
N LEU C 412 -52.41 -11.82 4.37
CA LEU C 412 -52.55 -12.36 5.72
C LEU C 412 -53.69 -11.69 6.47
N PRO C 413 -54.27 -12.39 7.46
CA PRO C 413 -55.21 -11.73 8.37
C PRO C 413 -54.52 -10.61 9.15
N ALA C 414 -55.34 -9.66 9.60
CA ALA C 414 -54.80 -8.42 10.19
C ALA C 414 -53.89 -8.71 11.37
N ALA C 415 -54.33 -9.57 12.29
CA ALA C 415 -53.48 -9.88 13.44
C ALA C 415 -52.22 -10.63 13.02
N GLU C 416 -52.30 -11.40 11.95
CA GLU C 416 -51.08 -12.00 11.40
C GLU C 416 -50.17 -10.94 10.78
N LYS C 417 -50.76 -9.91 10.18
CA LYS C 417 -49.97 -8.81 9.61
C LYS C 417 -49.23 -8.04 10.70
N ALA C 418 -49.91 -7.75 11.82
CA ALA C 418 -49.27 -7.00 12.89
C ALA C 418 -48.00 -7.67 13.38
N LYS C 419 -47.94 -9.00 13.36
CA LYS C 419 -46.77 -9.74 13.81
C LYS C 419 -45.62 -9.73 12.80
N ARG C 420 -45.91 -9.48 11.53
CA ARG C 420 -44.89 -9.53 10.49
C ARG C 420 -44.51 -8.15 9.94
N LEU C 421 -45.06 -7.07 10.49
CA LEU C 421 -44.72 -5.72 10.06
C LEU C 421 -43.39 -5.32 10.71
N SER C 422 -42.29 -5.59 10.02
CA SER C 422 -40.97 -5.33 10.56
C SER C 422 -39.99 -5.02 9.44
N VAL C 423 -38.80 -4.60 9.83
CA VAL C 423 -37.67 -4.48 8.92
C VAL C 423 -36.62 -5.49 9.35
N GLU C 424 -36.34 -6.46 8.49
CA GLU C 424 -35.50 -7.59 8.85
C GLU C 424 -34.33 -7.71 7.89
N VAL C 425 -33.32 -8.48 8.30
CA VAL C 425 -32.21 -8.83 7.42
C VAL C 425 -32.32 -10.30 7.06
N LEU C 426 -31.57 -10.70 6.02
CA LEU C 426 -31.55 -12.10 5.63
C LEU C 426 -30.72 -12.92 6.62
N PRO C 427 -31.02 -14.21 6.75
CA PRO C 427 -30.23 -15.03 7.68
C PRO C 427 -28.78 -15.15 7.24
N LYS C 428 -27.91 -15.36 8.24
CA LYS C 428 -26.48 -15.40 7.97
C LYS C 428 -26.11 -16.51 6.98
N LYS C 429 -26.80 -17.64 7.03
CA LYS C 429 -26.46 -18.72 6.11
C LYS C 429 -26.56 -18.27 4.66
N LEU C 430 -27.59 -17.51 4.33
CA LEU C 430 -27.73 -17.01 2.96
C LEU C 430 -26.64 -16.01 2.60
N ASP C 431 -26.29 -15.12 3.56
CA ASP C 431 -25.18 -14.20 3.39
C ASP C 431 -23.90 -14.97 3.06
N GLU C 432 -23.65 -16.06 3.79
CA GLU C 432 -22.48 -16.91 3.55
C GLU C 432 -22.56 -17.60 2.19
N GLU C 433 -23.76 -18.02 1.78
CA GLU C 433 -23.90 -18.70 0.49
C GLU C 433 -23.64 -17.75 -0.67
N VAL C 434 -24.05 -16.49 -0.56
CA VAL C 434 -23.69 -15.48 -1.56
C VAL C 434 -22.17 -15.30 -1.58
N ALA C 435 -21.58 -15.14 -0.39
CA ALA C 435 -20.13 -14.97 -0.29
C ALA C 435 -19.39 -16.13 -0.94
N LEU C 436 -19.88 -17.36 -0.76
CA LEU C 436 -19.16 -18.50 -1.32
C LEU C 436 -19.12 -18.43 -2.84
N GLU C 437 -20.23 -18.05 -3.45
CA GLU C 437 -20.26 -17.89 -4.90
C GLU C 437 -19.32 -16.77 -5.36
N MET C 438 -19.23 -15.69 -4.57
CA MET C 438 -18.31 -14.62 -4.96
C MET C 438 -16.87 -15.10 -4.88
N VAL C 439 -16.53 -15.82 -3.81
CA VAL C 439 -15.16 -16.32 -3.65
C VAL C 439 -14.81 -17.25 -4.80
N LYS C 440 -15.73 -18.16 -5.16
CA LYS C 440 -15.47 -19.05 -6.28
C LYS C 440 -15.25 -18.28 -7.58
N GLY C 441 -15.93 -17.13 -7.75
CA GLY C 441 -15.70 -16.31 -8.94
C GLY C 441 -14.28 -15.81 -9.07
N PHE C 442 -13.58 -15.64 -7.96
CA PHE C 442 -12.16 -15.28 -8.00
C PHE C 442 -11.25 -16.49 -8.10
N GLY C 443 -11.80 -17.69 -8.25
CA GLY C 443 -10.99 -18.89 -8.14
C GLY C 443 -10.56 -19.23 -6.73
N GLY C 444 -11.11 -18.58 -5.71
CA GLY C 444 -10.74 -18.90 -4.35
C GLY C 444 -11.28 -20.24 -3.91
N VAL C 445 -10.57 -20.88 -2.98
CA VAL C 445 -10.92 -22.20 -2.47
C VAL C 445 -11.09 -22.08 -0.96
N VAL C 446 -12.33 -22.22 -0.49
CA VAL C 446 -12.68 -22.21 0.93
C VAL C 446 -12.41 -23.60 1.52
N THR C 447 -11.82 -23.63 2.70
CA THR C 447 -11.50 -24.88 3.39
C THR C 447 -12.72 -25.36 4.15
N GLN C 448 -12.88 -26.68 4.23
CA GLN C 448 -13.98 -27.27 4.98
C GLN C 448 -13.46 -27.75 6.32
N LEU C 449 -14.15 -27.37 7.40
CA LEU C 449 -13.79 -27.85 8.72
C LEU C 449 -13.92 -29.37 8.81
N THR C 450 -13.02 -29.99 9.59
CA THR C 450 -13.27 -31.33 10.04
C THR C 450 -14.38 -31.31 11.10
N PRO C 451 -15.06 -32.45 11.31
CA PRO C 451 -16.01 -32.53 12.43
C PRO C 451 -15.40 -32.12 13.76
N LYS C 452 -14.19 -32.58 14.06
CA LYS C 452 -13.53 -32.20 15.32
C LYS C 452 -13.30 -30.71 15.40
N GLN C 453 -12.89 -30.10 14.28
CA GLN C 453 -12.63 -28.67 14.29
C GLN C 453 -13.91 -27.86 14.48
N ALA C 454 -15.00 -28.27 13.82
CA ALA C 454 -16.28 -27.58 14.00
C ALA C 454 -16.78 -27.71 15.44
N GLU C 455 -16.66 -28.91 16.02
CA GLU C 455 -16.95 -29.11 17.43
C GLU C 455 -16.10 -28.20 18.31
N TYR C 456 -14.80 -28.12 18.02
CA TYR C 456 -13.90 -27.33 18.85
C TYR C 456 -14.32 -25.86 18.92
N ILE C 457 -14.76 -25.26 17.81
CA ILE C 457 -15.13 -23.85 17.84
C ILE C 457 -16.64 -23.63 17.99
N GLY C 458 -17.42 -24.68 18.13
CA GLY C 458 -18.86 -24.57 18.35
C GLY C 458 -19.70 -24.14 17.16
N VAL C 459 -19.34 -24.61 15.96
CA VAL C 459 -20.14 -24.32 14.77
C VAL C 459 -20.43 -25.64 14.05
N SER C 460 -21.37 -25.57 13.12
CA SER C 460 -21.60 -26.68 12.22
C SER C 460 -20.62 -26.61 11.04
N VAL C 461 -20.26 -27.77 10.50
CA VAL C 461 -19.42 -27.79 9.31
C VAL C 461 -20.06 -26.99 8.19
N GLU C 462 -21.41 -27.00 8.10
CA GLU C 462 -22.14 -26.21 7.11
C GLU C 462 -22.08 -24.70 7.38
N GLY C 463 -21.77 -24.29 8.61
CA GLY C 463 -21.98 -22.94 9.03
C GLY C 463 -23.43 -22.78 9.49
N PRO C 464 -23.83 -21.56 9.89
CA PRO C 464 -23.05 -20.33 9.89
C PRO C 464 -21.84 -20.35 10.83
N PHE C 465 -20.77 -19.67 10.41
CA PHE C 465 -19.49 -19.75 11.10
C PHE C 465 -19.30 -18.70 12.17
N LYS C 466 -20.20 -17.72 12.27
CA LYS C 466 -20.08 -16.61 13.20
C LYS C 466 -21.42 -16.35 13.86
N PRO C 467 -21.41 -15.89 15.10
CA PRO C 467 -22.67 -15.45 15.71
C PRO C 467 -23.19 -14.19 15.04
N ASP C 468 -24.48 -13.92 15.24
CA ASP C 468 -25.08 -12.76 14.58
C ASP C 468 -24.47 -11.45 15.05
N THR C 469 -23.80 -11.44 16.20
CA THR C 469 -23.12 -10.24 16.68
C THR C 469 -21.78 -9.96 15.98
N TYR C 470 -21.28 -10.88 15.17
CA TYR C 470 -19.92 -10.71 14.65
C TYR C 470 -19.89 -9.57 13.65
N ARG C 471 -18.82 -8.76 13.70
CA ARG C 471 -18.77 -7.55 12.89
C ARG C 471 -17.89 -7.67 11.64
N TYR C 472 -17.11 -8.74 11.50
CA TYR C 472 -16.19 -8.89 10.35
C TYR C 472 -15.27 -7.68 10.20
N ALA D 11 -10.18 32.89 -39.72
CA ALA D 11 -10.99 33.29 -40.87
C ALA D 11 -10.28 32.96 -42.18
N GLY D 12 -10.87 32.05 -42.96
CA GLY D 12 -10.22 31.57 -44.16
C GLY D 12 -9.24 30.44 -43.93
N PHE D 13 -9.13 29.93 -42.71
CA PHE D 13 -8.14 28.90 -42.39
C PHE D 13 -8.72 27.52 -42.69
N THR D 14 -8.10 26.81 -43.63
CA THR D 14 -8.51 25.45 -43.96
C THR D 14 -7.36 24.45 -43.87
N ASP D 15 -6.20 24.86 -43.40
CA ASP D 15 -5.00 24.03 -43.46
C ASP D 15 -4.97 23.07 -42.27
N TYR D 16 -5.96 22.17 -42.21
CA TYR D 16 -6.05 21.19 -41.13
C TYR D 16 -7.00 20.08 -41.55
N LYS D 17 -7.02 19.01 -40.75
CA LYS D 17 -8.05 17.98 -40.91
C LYS D 17 -8.26 17.33 -39.55
N VAL D 18 -9.48 17.47 -39.01
CA VAL D 18 -9.82 16.92 -37.70
C VAL D 18 -11.20 16.28 -37.79
N ALA D 19 -11.62 15.62 -36.71
CA ALA D 19 -12.88 14.89 -36.75
C ALA D 19 -14.06 15.84 -36.80
N ASP D 20 -14.01 16.93 -36.03
CA ASP D 20 -15.18 17.79 -35.84
C ASP D 20 -14.70 19.11 -35.24
N ILE D 21 -14.58 20.12 -36.10
CA ILE D 21 -14.10 21.42 -35.66
C ILE D 21 -15.02 22.03 -34.61
N THR D 22 -16.28 21.61 -34.53
CA THR D 22 -17.20 22.22 -33.57
C THR D 22 -16.91 21.79 -32.14
N LEU D 23 -16.01 20.82 -31.94
CA LEU D 23 -15.54 20.44 -30.61
C LEU D 23 -14.54 21.44 -30.04
N ALA D 24 -14.26 22.53 -30.75
CA ALA D 24 -13.16 23.41 -30.37
C ALA D 24 -13.43 24.12 -29.04
N ALA D 25 -14.65 24.62 -28.84
CA ALA D 25 -14.89 25.33 -27.59
C ALA D 25 -14.68 24.43 -26.38
N TRP D 26 -15.13 23.17 -26.49
CA TRP D 26 -14.89 22.19 -25.44
C TRP D 26 -13.41 21.95 -25.24
N GLY D 27 -12.67 21.76 -26.34
CA GLY D 27 -11.25 21.58 -26.20
C GLY D 27 -10.58 22.77 -25.53
N ARG D 28 -11.03 23.98 -25.87
CA ARG D 28 -10.43 25.19 -25.29
C ARG D 28 -10.68 25.23 -23.79
N ARG D 29 -11.89 24.86 -23.36
CA ARG D 29 -12.14 24.79 -21.91
C ARG D 29 -11.20 23.82 -21.24
N GLU D 30 -10.94 22.67 -21.87
CA GLU D 30 -10.05 21.71 -21.24
C GLU D 30 -8.60 22.16 -21.30
N LEU D 31 -8.22 22.95 -22.33
CA LEU D 31 -6.85 23.46 -22.36
C LEU D 31 -6.63 24.47 -21.26
N ILE D 32 -7.65 25.28 -20.96
CA ILE D 32 -7.53 26.28 -19.91
C ILE D 32 -7.39 25.61 -18.55
N ILE D 33 -8.13 24.53 -18.30
CA ILE D 33 -7.91 23.73 -17.09
C ILE D 33 -6.50 23.11 -17.09
N ALA D 34 -6.07 22.56 -18.22
CA ALA D 34 -4.78 21.90 -18.27
C ALA D 34 -3.63 22.89 -18.02
N GLU D 35 -3.74 24.12 -18.52
CA GLU D 35 -2.71 25.11 -18.21
C GLU D 35 -2.50 25.26 -16.71
N SER D 36 -3.58 25.24 -15.92
CA SER D 36 -3.43 25.34 -14.48
C SER D 36 -2.83 24.08 -13.86
N GLU D 37 -2.78 22.97 -14.60
CA GLU D 37 -2.17 21.74 -14.13
C GLU D 37 -0.74 21.57 -14.62
N MET D 38 -0.23 22.51 -15.42
CA MET D 38 1.09 22.37 -16.04
C MET D 38 1.95 23.58 -15.73
N PRO D 39 2.38 23.72 -14.46
CA PRO D 39 3.12 24.93 -14.06
C PRO D 39 4.51 25.03 -14.68
N ALA D 40 5.16 23.91 -15.00
CA ALA D 40 6.48 24.01 -15.61
C ALA D 40 6.37 24.54 -17.04
N LEU D 41 5.42 24.04 -17.81
CA LEU D 41 5.18 24.59 -19.15
C LEU D 41 4.74 26.04 -19.08
N MET D 42 3.74 26.34 -18.25
N MET D 42 3.75 26.35 -18.24
CA MET D 42 3.30 27.72 -18.07
CA MET D 42 3.33 27.74 -18.14
C MET D 42 4.47 28.61 -17.66
C MET D 42 4.45 28.63 -17.64
N GLY D 43 5.32 28.11 -16.77
CA GLY D 43 6.48 28.88 -16.36
C GLY D 43 7.42 29.17 -17.52
N LEU D 44 7.61 28.19 -18.42
CA LEU D 44 8.41 28.45 -19.61
C LEU D 44 7.78 29.52 -20.49
N ARG D 45 6.45 29.51 -20.64
CA ARG D 45 5.79 30.58 -21.40
C ARG D 45 6.12 31.94 -20.82
N ARG D 46 5.99 32.10 -19.51
CA ARG D 46 6.25 33.40 -18.91
C ARG D 46 7.72 33.78 -19.01
N LYS D 47 8.62 32.81 -18.79
CA LYS D 47 10.04 33.12 -18.76
C LYS D 47 10.52 33.59 -20.13
N TYR D 48 10.05 32.97 -21.20
CA TYR D 48 10.66 33.14 -22.51
C TYR D 48 9.81 33.92 -23.51
N ALA D 49 8.61 34.37 -23.14
CA ALA D 49 7.71 34.98 -24.11
C ALA D 49 8.31 36.25 -24.67
N GLY D 50 8.97 37.05 -23.82
CA GLY D 50 9.59 38.27 -24.32
C GLY D 50 10.79 37.99 -25.21
N GLN D 51 11.57 36.95 -24.87
CA GLN D 51 12.77 36.64 -25.63
C GLN D 51 12.45 36.02 -26.99
N GLN D 52 11.29 35.37 -27.13
CA GLN D 52 10.91 34.69 -28.37
C GLN D 52 12.03 33.80 -28.90
N PRO D 53 12.49 32.83 -28.10
CA PRO D 53 13.65 32.02 -28.53
C PRO D 53 13.36 31.09 -29.68
N LEU D 54 12.09 30.82 -29.98
CA LEU D 54 11.74 29.99 -31.12
C LEU D 54 11.28 30.79 -32.32
N LYS D 55 11.51 32.10 -32.33
CA LYS D 55 11.16 32.92 -33.50
C LYS D 55 11.94 32.43 -34.70
N GLY D 56 11.25 32.06 -35.76
CA GLY D 56 11.89 31.48 -36.92
C GLY D 56 11.95 29.96 -36.92
N ALA D 57 11.64 29.32 -35.80
CA ALA D 57 11.54 27.87 -35.79
C ALA D 57 10.29 27.44 -36.52
N LYS D 58 10.41 26.36 -37.28
CA LYS D 58 9.29 25.79 -38.01
C LYS D 58 9.34 24.30 -37.69
N ILE D 59 8.47 23.86 -36.79
CA ILE D 59 8.58 22.55 -36.16
C ILE D 59 7.56 21.58 -36.78
N LEU D 60 8.06 20.48 -37.31
CA LEU D 60 7.21 19.33 -37.61
C LEU D 60 7.02 18.55 -36.34
N GLY D 61 5.76 18.36 -35.94
N GLY D 61 5.77 18.38 -35.91
CA GLY D 61 5.49 17.66 -34.69
CA GLY D 61 5.50 17.65 -34.69
C GLY D 61 4.68 16.40 -34.93
C GLY D 61 4.67 16.41 -34.91
N CYS D 62 5.10 15.28 -34.34
CA CYS D 62 4.34 14.03 -34.44
C CYS D 62 4.25 13.43 -33.05
N ILE D 63 3.14 13.71 -32.36
CA ILE D 63 2.90 13.14 -31.04
C ILE D 63 1.41 13.21 -30.72
N HIS D 64 0.90 12.18 -30.04
CA HIS D 64 -0.48 12.03 -29.56
C HIS D 64 -1.16 13.37 -29.38
N MET D 65 -2.20 13.63 -30.18
CA MET D 65 -2.84 14.94 -30.22
C MET D 65 -3.89 15.02 -29.11
N THR D 66 -3.38 15.05 -27.88
CA THR D 66 -4.17 15.15 -26.66
C THR D 66 -4.26 16.61 -26.21
N ILE D 67 -5.04 16.83 -25.14
CA ILE D 67 -5.08 18.14 -24.50
C ILE D 67 -3.68 18.55 -24.02
N GLN D 68 -2.92 17.61 -23.47
CA GLN D 68 -1.58 17.91 -22.98
C GLN D 68 -0.69 18.35 -24.13
N THR D 69 -0.78 17.65 -25.25
CA THR D 69 -0.01 18.07 -26.42
C THR D 69 -0.48 19.42 -26.92
N GLY D 70 -1.77 19.75 -26.76
CA GLY D 70 -2.24 21.07 -27.09
C GLY D 70 -1.52 22.16 -26.30
N VAL D 71 -1.29 21.94 -25.00
CA VAL D 71 -0.59 22.96 -24.22
C VAL D 71 0.87 23.06 -24.65
N LEU D 72 1.47 21.94 -25.03
CA LEU D 72 2.83 21.97 -25.57
C LEU D 72 2.88 22.78 -26.86
N ILE D 73 1.95 22.50 -27.78
CA ILE D 73 1.97 23.22 -29.06
C ILE D 73 1.83 24.72 -28.82
N GLU D 74 0.89 25.13 -27.97
CA GLU D 74 0.68 26.55 -27.79
C GLU D 74 1.83 27.20 -27.03
N THR D 75 2.61 26.43 -26.25
CA THR D 75 3.80 26.97 -25.65
C THR D 75 4.88 27.21 -26.70
N LEU D 76 5.09 26.24 -27.58
CA LEU D 76 6.05 26.44 -28.66
C LEU D 76 5.66 27.66 -29.50
N VAL D 77 4.38 27.77 -29.85
CA VAL D 77 3.89 28.90 -30.65
C VAL D 77 4.07 30.20 -29.89
N ALA D 78 3.77 30.19 -28.60
CA ALA D 78 3.92 31.40 -27.80
C ALA D 78 5.37 31.82 -27.69
N LEU D 79 6.32 30.90 -27.85
CA LEU D 79 7.72 31.27 -27.83
C LEU D 79 8.25 31.63 -29.22
N GLY D 80 7.38 31.67 -30.22
CA GLY D 80 7.73 32.19 -31.54
C GLY D 80 7.66 31.17 -32.66
N ALA D 81 7.49 29.89 -32.36
CA ALA D 81 7.54 28.86 -33.39
C ALA D 81 6.27 28.81 -34.24
N GLU D 82 6.43 28.34 -35.46
CA GLU D 82 5.32 27.83 -36.26
C GLU D 82 5.43 26.31 -36.26
N VAL D 83 4.28 25.62 -36.34
CA VAL D 83 4.28 24.17 -36.31
C VAL D 83 3.32 23.61 -37.34
N ARG D 84 3.54 22.34 -37.68
CA ARG D 84 2.57 21.53 -38.42
C ARG D 84 2.53 20.19 -37.70
N TRP D 85 1.34 19.74 -37.32
CA TRP D 85 1.20 18.68 -36.31
C TRP D 85 0.41 17.47 -36.78
N SER D 86 0.81 16.29 -36.29
CA SER D 86 0.05 15.05 -36.47
C SER D 86 0.20 14.23 -35.20
N SER D 87 -0.65 13.24 -35.05
CA SER D 87 -0.54 12.31 -33.93
C SER D 87 0.43 11.19 -34.31
N CYS D 88 1.02 10.54 -33.29
CA CYS D 88 1.89 9.40 -33.54
C CYS D 88 1.18 8.07 -33.28
N ASN D 89 -0.15 8.10 -33.16
CA ASN D 89 -0.90 6.88 -32.98
C ASN D 89 -2.32 7.09 -33.48
N ILE D 90 -2.88 6.03 -34.08
CA ILE D 90 -4.17 6.14 -34.74
C ILE D 90 -5.32 6.31 -33.75
N PHE D 91 -5.13 5.92 -32.48
CA PHE D 91 -6.20 5.97 -31.48
C PHE D 91 -6.01 7.00 -30.38
N SER D 92 -4.90 7.74 -30.37
CA SER D 92 -4.55 8.53 -29.20
C SER D 92 -5.06 9.96 -29.23
N THR D 93 -5.52 10.45 -30.38
CA THR D 93 -5.99 11.82 -30.45
C THR D 93 -7.24 11.99 -29.58
N GLN D 94 -7.31 13.11 -28.88
CA GLN D 94 -8.55 13.60 -28.31
C GLN D 94 -9.12 14.61 -29.30
N ASP D 95 -10.30 14.32 -29.86
CA ASP D 95 -10.78 15.13 -30.98
C ASP D 95 -11.07 16.57 -30.58
N GLN D 96 -11.44 16.81 -29.32
CA GLN D 96 -11.66 18.20 -28.90
C GLN D 96 -10.34 18.97 -28.80
N ALA D 97 -9.23 18.29 -28.48
CA ALA D 97 -7.93 18.94 -28.47
C ALA D 97 -7.52 19.32 -29.89
N ALA D 98 -7.62 18.36 -30.80
CA ALA D 98 -7.31 18.64 -32.21
C ALA D 98 -8.15 19.81 -32.73
N ALA D 99 -9.46 19.80 -32.43
CA ALA D 99 -10.32 20.89 -32.90
C ALA D 99 -9.88 22.24 -32.34
N ALA D 100 -9.57 22.29 -31.03
CA ALA D 100 -9.15 23.57 -30.44
C ALA D 100 -7.87 24.09 -31.07
N ILE D 101 -6.95 23.20 -31.44
CA ILE D 101 -5.70 23.62 -32.08
C ILE D 101 -5.96 24.12 -33.50
N ALA D 102 -6.76 23.39 -34.27
CA ALA D 102 -7.09 23.83 -35.62
C ALA D 102 -7.80 25.17 -35.60
N ALA D 103 -8.70 25.36 -34.63
CA ALA D 103 -9.47 26.59 -34.58
C ALA D 103 -8.63 27.77 -34.15
N ALA D 104 -7.48 27.54 -33.53
CA ALA D 104 -6.53 28.59 -33.23
C ALA D 104 -5.65 28.94 -34.42
N GLY D 105 -5.92 28.36 -35.58
CA GLY D 105 -5.16 28.68 -36.78
C GLY D 105 -3.88 27.89 -36.93
N ILE D 106 -3.78 26.75 -36.26
CA ILE D 106 -2.55 25.95 -36.24
C ILE D 106 -2.77 24.71 -37.09
N PRO D 107 -1.89 24.39 -38.04
CA PRO D 107 -2.12 23.20 -38.88
C PRO D 107 -1.98 21.90 -38.08
N VAL D 108 -3.04 21.12 -38.04
CA VAL D 108 -3.04 19.84 -37.36
C VAL D 108 -3.88 18.85 -38.15
N PHE D 109 -3.40 17.62 -38.22
CA PHE D 109 -4.01 16.58 -39.06
C PHE D 109 -4.09 15.34 -38.16
N ALA D 110 -5.24 15.13 -37.52
CA ALA D 110 -5.29 14.13 -36.46
C ALA D 110 -6.73 13.90 -36.03
N TRP D 111 -7.09 12.63 -35.85
CA TRP D 111 -8.37 12.28 -35.23
C TRP D 111 -8.26 10.91 -34.59
N LYS D 112 -9.21 10.62 -33.70
CA LYS D 112 -9.20 9.32 -33.05
C LYS D 112 -9.81 8.31 -34.00
N GLY D 113 -9.14 7.17 -34.15
CA GLY D 113 -9.68 6.13 -34.99
C GLY D 113 -9.28 6.28 -36.44
N GLU D 114 -8.04 6.69 -36.67
CA GLU D 114 -7.51 6.73 -38.04
C GLU D 114 -7.26 5.32 -38.56
N THR D 115 -7.33 5.16 -39.87
CA THR D 115 -6.78 3.97 -40.50
C THR D 115 -5.28 4.15 -40.69
N GLU D 116 -4.59 3.04 -40.97
CA GLU D 116 -3.15 3.15 -41.21
C GLU D 116 -2.86 4.09 -42.38
N GLU D 117 -3.70 4.03 -43.42
CA GLU D 117 -3.49 4.92 -44.56
C GLU D 117 -3.66 6.39 -44.17
N GLU D 118 -4.68 6.69 -43.37
CA GLU D 118 -4.90 8.06 -42.91
C GLU D 118 -3.77 8.53 -42.00
N TYR D 119 -3.26 7.63 -41.15
CA TYR D 119 -2.14 7.97 -40.30
C TYR D 119 -0.95 8.44 -41.11
N GLU D 120 -0.59 7.71 -42.16
CA GLU D 120 0.52 8.12 -43.01
C GLU D 120 0.21 9.41 -43.75
N TRP D 121 -1.02 9.57 -44.23
CA TRP D 121 -1.40 10.81 -44.92
C TRP D 121 -1.27 12.00 -43.98
N CYS D 122 -1.65 11.85 -42.70
CA CYS D 122 -1.58 12.98 -41.78
C CYS D 122 -0.14 13.44 -41.58
N ILE D 123 0.79 12.50 -41.40
CA ILE D 123 2.20 12.88 -41.29
C ILE D 123 2.64 13.62 -42.55
N GLU D 124 2.24 13.11 -43.71
CA GLU D 124 2.60 13.76 -44.97
CA GLU D 124 2.60 13.76 -44.98
C GLU D 124 2.04 15.17 -45.07
N GLN D 125 0.86 15.43 -44.51
CA GLN D 125 0.31 16.78 -44.59
C GLN D 125 1.10 17.78 -43.74
N THR D 126 1.78 17.31 -42.69
CA THR D 126 2.67 18.22 -41.96
C THR D 126 3.93 18.48 -42.77
N ILE D 127 4.47 17.47 -43.43
CA ILE D 127 5.72 17.59 -44.18
C ILE D 127 5.53 18.50 -45.39
N LEU D 128 4.43 18.36 -46.08
CA LEU D 128 4.14 19.10 -47.30
C LEU D 128 3.17 20.23 -47.02
N LYS D 129 3.44 21.40 -47.58
CA LYS D 129 2.48 22.49 -47.54
C LYS D 129 2.26 22.96 -48.97
N ASP D 130 1.00 22.93 -49.41
CA ASP D 130 0.65 23.26 -50.79
C ASP D 130 1.42 22.36 -51.77
N GLY D 131 1.59 21.10 -51.38
CA GLY D 131 2.16 20.07 -52.24
C GLY D 131 3.66 20.09 -52.38
N GLN D 132 4.36 20.95 -51.65
CA GLN D 132 5.81 21.05 -51.68
C GLN D 132 6.35 20.91 -50.27
N PRO D 133 7.61 20.53 -50.12
CA PRO D 133 8.18 20.45 -48.76
C PRO D 133 8.05 21.79 -48.01
N TRP D 134 7.43 21.73 -46.84
CA TRP D 134 7.41 22.87 -45.93
C TRP D 134 8.82 23.30 -45.61
N ASP D 135 9.00 24.58 -45.27
CA ASP D 135 10.34 25.05 -44.87
C ASP D 135 10.62 24.72 -43.39
N ALA D 136 10.56 23.43 -43.09
CA ALA D 136 10.76 22.95 -41.73
C ALA D 136 12.21 23.12 -41.32
N ASN D 137 12.43 23.41 -40.03
CA ASN D 137 13.81 23.43 -39.55
C ASN D 137 13.98 22.77 -38.19
N MET D 138 12.94 22.12 -37.66
CA MET D 138 12.97 21.44 -36.36
C MET D 138 12.00 20.27 -36.41
N VAL D 139 12.27 19.24 -35.62
CA VAL D 139 11.43 18.05 -35.56
C VAL D 139 11.18 17.71 -34.11
N LEU D 140 9.92 17.52 -33.75
CA LEU D 140 9.55 16.97 -32.45
C LEU D 140 8.79 15.68 -32.72
N ASP D 141 9.29 14.56 -32.19
CA ASP D 141 8.79 13.24 -32.54
C ASP D 141 8.58 12.41 -31.28
N ASP D 142 7.68 11.44 -31.39
CA ASP D 142 7.35 10.51 -30.31
C ASP D 142 7.22 9.16 -31.00
N GLY D 143 8.27 8.36 -30.94
CA GLY D 143 8.27 7.02 -31.49
C GLY D 143 9.09 6.87 -32.75
N GLY D 144 9.42 7.98 -33.43
CA GLY D 144 10.34 7.94 -34.55
C GLY D 144 9.72 7.77 -35.92
N ASP D 145 8.39 7.74 -36.04
CA ASP D 145 7.80 7.53 -37.37
C ASP D 145 8.04 8.72 -38.31
N LEU D 146 7.82 9.93 -37.82
CA LEU D 146 8.13 11.13 -38.61
C LEU D 146 9.61 11.17 -38.94
N THR D 147 10.46 10.92 -37.94
CA THR D 147 11.91 10.88 -38.17
C THR D 147 12.28 9.88 -39.27
N GLU D 148 11.67 8.70 -39.25
CA GLU D 148 11.98 7.69 -40.26
C GLU D 148 11.53 8.13 -41.66
N ILE D 149 10.32 8.69 -41.77
CA ILE D 149 9.84 9.15 -43.09
C ILE D 149 10.73 10.26 -43.63
N LEU D 150 11.16 11.19 -42.77
CA LEU D 150 12.04 12.25 -43.27
C LEU D 150 13.36 11.67 -43.79
N HIS D 151 13.97 10.74 -43.04
CA HIS D 151 15.25 10.18 -43.51
C HIS D 151 15.07 9.35 -44.78
N LYS D 152 13.98 8.60 -44.91
CA LYS D 152 13.87 7.74 -46.10
C LYS D 152 13.36 8.52 -47.31
N LYS D 153 12.43 9.45 -47.11
CA LYS D 153 11.74 10.07 -48.23
C LYS D 153 12.12 11.53 -48.48
N TYR D 154 12.61 12.25 -47.47
CA TYR D 154 12.85 13.69 -47.60
C TYR D 154 14.24 14.10 -47.10
N PRO D 155 15.31 13.47 -47.58
CA PRO D 155 16.65 13.91 -47.14
C PRO D 155 16.97 15.37 -47.45
N GLN D 156 16.45 15.94 -48.54
CA GLN D 156 16.73 17.35 -48.81
C GLN D 156 16.17 18.25 -47.71
N MET D 157 15.06 17.86 -47.08
CA MET D 157 14.52 18.64 -45.98
C MET D 157 15.41 18.57 -44.74
N LEU D 158 16.02 17.39 -44.48
CA LEU D 158 16.86 17.27 -43.29
C LEU D 158 18.10 18.15 -43.40
N GLU D 159 18.58 18.46 -44.63
CA GLU D 159 19.69 19.39 -44.79
C GLU D 159 19.46 20.71 -44.07
N ARG D 160 18.21 21.15 -43.98
CA ARG D 160 17.91 22.44 -43.37
C ARG D 160 17.27 22.31 -42.00
N ILE D 161 17.32 21.12 -41.38
CA ILE D 161 16.73 20.91 -40.06
C ILE D 161 17.83 20.89 -39.03
N HIS D 162 17.62 21.61 -37.92
CA HIS D 162 18.65 21.78 -36.91
C HIS D 162 18.66 20.66 -35.88
N GLY D 163 17.56 19.92 -35.74
CA GLY D 163 17.57 18.87 -34.74
C GLY D 163 16.23 18.19 -34.60
N ILE D 164 16.26 17.06 -33.88
CA ILE D 164 15.11 16.24 -33.52
C ILE D 164 15.07 16.19 -32.00
N THR D 165 13.90 16.43 -31.43
CA THR D 165 13.69 16.17 -30.00
C THR D 165 12.72 15.02 -29.87
N GLU D 166 13.20 13.87 -29.34
CA GLU D 166 12.46 12.61 -29.35
C GLU D 166 11.95 12.28 -27.95
N GLU D 167 10.66 11.95 -27.89
CA GLU D 167 9.89 11.80 -26.65
C GLU D 167 10.17 10.49 -25.91
N THR D 168 10.26 9.35 -26.61
CA THR D 168 9.99 8.09 -25.94
C THR D 168 11.07 7.05 -26.20
N THR D 169 11.12 6.07 -25.30
CA THR D 169 12.19 5.06 -25.31
C THR D 169 12.37 4.43 -26.69
N THR D 170 11.27 4.01 -27.30
CA THR D 170 11.34 3.35 -28.61
C THR D 170 11.93 4.28 -29.67
N GLY D 171 11.53 5.55 -29.68
CA GLY D 171 12.09 6.48 -30.64
C GLY D 171 13.56 6.72 -30.42
N VAL D 172 13.99 6.77 -29.16
CA VAL D 172 15.41 6.96 -28.88
C VAL D 172 16.21 5.77 -29.39
N HIS D 173 15.71 4.56 -29.14
CA HIS D 173 16.41 3.39 -29.65
C HIS D 173 16.57 3.47 -31.16
N ARG D 174 15.53 3.90 -31.87
CA ARG D 174 15.65 4.04 -33.33
C ARG D 174 16.70 5.08 -33.72
N LEU D 175 16.77 6.19 -32.98
CA LEU D 175 17.81 7.20 -33.25
C LEU D 175 19.21 6.64 -33.06
N LEU D 176 19.41 5.90 -31.97
CA LEU D 176 20.74 5.36 -31.70
C LEU D 176 21.15 4.34 -32.74
N ASP D 177 20.19 3.58 -33.26
CA ASP D 177 20.49 2.67 -34.36
C ASP D 177 20.92 3.44 -35.59
N MET D 178 20.26 4.56 -35.90
CA MET D 178 20.69 5.36 -37.05
C MET D 178 22.10 5.90 -36.82
N LEU D 179 22.36 6.45 -35.63
CA LEU D 179 23.69 6.97 -35.33
C LEU D 179 24.75 5.89 -35.49
N LYS D 180 24.49 4.70 -34.93
CA LYS D 180 25.43 3.58 -35.10
C LYS D 180 25.69 3.29 -36.56
N ASN D 181 24.64 3.27 -37.37
CA ASN D 181 24.78 2.93 -38.78
C ASN D 181 25.27 4.08 -39.64
N GLY D 182 25.48 5.26 -39.05
CA GLY D 182 25.92 6.39 -39.84
C GLY D 182 24.85 7.02 -40.70
N THR D 183 23.57 6.80 -40.39
CA THR D 183 22.47 7.31 -41.22
C THR D 183 21.68 8.43 -40.56
N LEU D 184 21.94 8.75 -39.30
CA LEU D 184 21.34 9.93 -38.68
C LEU D 184 21.88 11.18 -39.35
N LYS D 185 20.97 12.05 -39.81
CA LYS D 185 21.37 13.22 -40.59
C LYS D 185 21.41 14.51 -39.78
N VAL D 186 20.77 14.53 -38.60
CA VAL D 186 20.72 15.72 -37.77
C VAL D 186 20.80 15.30 -36.32
N PRO D 187 21.35 16.17 -35.47
CA PRO D 187 21.49 15.80 -34.04
C PRO D 187 20.13 15.70 -33.36
N ALA D 188 20.11 14.99 -32.23
CA ALA D 188 18.88 14.81 -31.50
C ALA D 188 19.12 15.02 -30.02
N ILE D 189 18.06 15.43 -29.32
CA ILE D 189 17.99 15.32 -27.86
C ILE D 189 17.02 14.21 -27.49
N ASN D 190 17.50 13.31 -26.63
CA ASN D 190 16.74 12.25 -26.02
C ASN D 190 16.02 12.88 -24.83
N VAL D 191 14.78 13.27 -25.07
CA VAL D 191 13.95 13.88 -24.04
C VAL D 191 13.56 12.82 -23.03
N ASN D 192 13.45 11.57 -23.49
CA ASN D 192 12.97 10.49 -22.62
C ASN D 192 13.80 10.36 -21.36
N ASP D 193 15.11 10.50 -21.45
CA ASP D 193 15.97 10.17 -20.32
C ASP D 193 16.24 11.34 -19.37
N SER D 194 15.56 12.48 -19.50
CA SER D 194 15.47 13.35 -18.34
C SER D 194 14.77 12.59 -17.22
N VAL D 195 15.20 12.83 -15.98
CA VAL D 195 14.53 12.12 -14.88
C VAL D 195 13.10 12.58 -14.75
N THR D 196 12.86 13.88 -14.97
CA THR D 196 11.50 14.43 -14.96
C THR D 196 10.67 13.98 -16.18
N LYS D 197 11.25 13.17 -17.08
CA LYS D 197 10.47 12.47 -18.09
C LYS D 197 10.39 10.99 -17.74
N SER D 198 11.48 10.25 -17.92
CA SER D 198 11.49 8.81 -17.74
C SER D 198 10.94 8.37 -16.38
N LYS D 199 11.36 9.02 -15.30
CA LYS D 199 10.95 8.54 -13.97
C LYS D 199 9.74 9.26 -13.44
N ASN D 200 9.04 9.98 -14.31
CA ASN D 200 7.81 10.68 -14.00
C ASN D 200 6.72 10.20 -14.95
N ASP D 201 6.83 10.55 -16.23
CA ASP D 201 5.92 10.10 -17.28
C ASP D 201 5.88 8.57 -17.40
N ASN D 202 7.02 7.94 -17.71
CA ASN D 202 6.98 6.52 -18.08
C ASN D 202 6.44 5.67 -16.93
N LYS D 203 6.77 6.04 -15.71
CA LYS D 203 6.39 5.25 -14.53
C LYS D 203 5.08 5.76 -13.93
N TYR D 204 5.09 6.97 -13.36
CA TYR D 204 3.88 7.44 -12.69
C TYR D 204 2.74 7.71 -13.69
N GLY D 205 3.06 8.04 -14.94
CA GLY D 205 1.98 8.24 -15.89
C GLY D 205 1.20 6.96 -16.13
N CYS D 206 1.91 5.85 -16.30
CA CYS D 206 1.24 4.57 -16.51
C CYS D 206 0.53 4.11 -15.22
N ARG D 207 1.11 4.38 -14.06
CA ARG D 207 0.41 4.13 -12.80
CA ARG D 207 0.40 4.11 -12.82
C ARG D 207 -0.99 4.75 -12.81
N HIS D 208 -1.07 6.02 -13.21
CA HIS D 208 -2.35 6.71 -13.28
C HIS D 208 -3.25 6.15 -14.37
N SER D 209 -2.71 5.95 -15.58
CA SER D 209 -3.61 5.80 -16.72
C SER D 209 -3.85 4.36 -17.16
N LEU D 210 -3.07 3.37 -16.68
CA LEU D 210 -3.35 1.98 -17.06
C LEU D 210 -4.66 1.49 -16.47
N ASN D 211 -4.83 1.51 -15.13
CA ASN D 211 -6.09 1.03 -14.60
CA ASN D 211 -6.09 1.04 -14.58
C ASN D 211 -7.25 1.93 -15.06
N ASP D 212 -6.95 3.20 -15.35
CA ASP D 212 -7.93 4.12 -15.92
C ASP D 212 -8.51 3.56 -17.21
N ALA D 213 -7.64 3.21 -18.17
CA ALA D 213 -8.08 2.70 -19.46
C ALA D 213 -8.81 1.36 -19.33
N ILE D 214 -8.33 0.49 -18.44
CA ILE D 214 -8.97 -0.80 -18.26
C ILE D 214 -10.39 -0.63 -17.72
N LYS D 215 -10.55 0.23 -16.71
CA LYS D 215 -11.88 0.55 -16.20
C LYS D 215 -12.79 1.15 -17.27
N ARG D 216 -12.28 2.10 -18.06
CA ARG D 216 -13.18 2.68 -19.07
C ARG D 216 -13.55 1.66 -20.13
N GLY D 217 -12.61 0.78 -20.47
CA GLY D 217 -12.86 -0.18 -21.52
C GLY D 217 -13.83 -1.28 -21.12
N THR D 218 -13.67 -1.82 -19.90
CA THR D 218 -14.35 -3.04 -19.48
C THR D 218 -15.20 -2.85 -18.22
N ASP D 219 -14.94 -1.81 -17.43
CA ASP D 219 -15.56 -1.65 -16.11
C ASP D 219 -15.42 -2.90 -15.24
N HIS D 220 -14.37 -3.69 -15.48
CA HIS D 220 -14.09 -4.85 -14.63
C HIS D 220 -13.55 -4.44 -13.25
N LEU D 221 -14.10 -5.06 -12.22
CA LEU D 221 -13.38 -5.13 -10.95
C LEU D 221 -11.97 -5.69 -11.17
N LEU D 222 -10.96 -5.03 -10.58
CA LEU D 222 -9.58 -5.52 -10.62
C LEU D 222 -9.16 -6.19 -9.32
N SER D 223 -9.64 -5.69 -8.19
CA SER D 223 -9.35 -6.26 -6.89
C SER D 223 -9.56 -7.76 -6.87
N GLY D 224 -8.57 -8.49 -6.38
CA GLY D 224 -8.71 -9.90 -6.18
C GLY D 224 -8.42 -10.76 -7.38
N LYS D 225 -8.20 -10.17 -8.56
CA LYS D 225 -7.92 -10.91 -9.78
C LYS D 225 -6.43 -10.99 -10.04
N GLN D 226 -6.06 -11.86 -11.00
CA GLN D 226 -4.66 -12.18 -11.29
C GLN D 226 -4.21 -11.43 -12.54
N ALA D 227 -3.12 -10.69 -12.43
CA ALA D 227 -2.53 -10.00 -13.57
C ALA D 227 -1.13 -10.53 -13.83
N LEU D 228 -0.72 -10.48 -15.10
CA LEU D 228 0.64 -10.75 -15.52
C LEU D 228 1.13 -9.52 -16.26
N VAL D 229 2.16 -8.87 -15.74
CA VAL D 229 2.77 -7.73 -16.42
C VAL D 229 4.05 -8.22 -17.08
N ILE D 230 4.16 -8.05 -18.40
CA ILE D 230 5.36 -8.45 -19.13
C ILE D 230 6.27 -7.23 -19.17
N GLY D 231 7.38 -7.30 -18.46
CA GLY D 231 8.34 -6.21 -18.39
C GLY D 231 8.25 -5.44 -17.09
N TYR D 232 9.40 -4.95 -16.63
CA TYR D 232 9.50 -4.23 -15.38
C TYR D 232 10.53 -3.12 -15.52
N GLY D 233 10.56 -2.47 -16.70
CA GLY D 233 11.24 -1.21 -16.87
C GLY D 233 10.39 -0.09 -16.27
N ASP D 234 10.54 1.10 -16.83
CA ASP D 234 9.82 2.22 -16.22
C ASP D 234 8.31 2.06 -16.40
N VAL D 235 7.87 1.70 -17.62
CA VAL D 235 6.47 1.46 -17.88
C VAL D 235 5.94 0.26 -17.10
N GLY D 236 6.71 -0.84 -17.09
CA GLY D 236 6.30 -2.03 -16.33
C GLY D 236 6.21 -1.78 -14.85
N LYS D 237 7.12 -0.97 -14.29
CA LYS D 237 6.99 -0.61 -12.87
C LYS D 237 5.71 0.16 -12.62
N GLY D 238 5.43 1.17 -13.43
CA GLY D 238 4.24 1.97 -13.21
C GLY D 238 3.00 1.15 -13.43
N SER D 239 3.03 0.28 -14.43
CA SER D 239 1.89 -0.56 -14.77
C SER D 239 1.58 -1.55 -13.64
N SER D 240 2.62 -2.21 -13.13
CA SER D 240 2.44 -3.16 -12.03
C SER D 240 1.85 -2.47 -10.80
N GLN D 241 2.31 -1.25 -10.51
CA GLN D 241 1.74 -0.50 -9.38
C GLN D 241 0.29 -0.10 -9.66
N SER D 242 -0.01 0.28 -10.91
CA SER D 242 -1.39 0.65 -11.28
C SER D 242 -2.36 -0.48 -10.94
N LEU D 243 -1.93 -1.72 -11.17
CA LEU D 243 -2.76 -2.87 -10.90
C LEU D 243 -2.69 -3.32 -9.44
N ARG D 244 -1.50 -3.35 -8.86
CA ARG D 244 -1.39 -3.75 -7.45
C ARG D 244 -2.15 -2.81 -6.50
N GLN D 245 -2.11 -1.50 -6.77
CA GLN D 245 -2.80 -0.55 -5.88
C GLN D 245 -4.31 -0.71 -5.93
N GLU D 246 -4.84 -1.31 -6.97
CA GLU D 246 -6.24 -1.67 -7.09
C GLU D 246 -6.57 -2.99 -6.41
N GLY D 247 -5.58 -3.68 -5.89
CA GLY D 247 -5.84 -4.97 -5.27
C GLY D 247 -5.63 -6.16 -6.19
N MET D 248 -5.06 -5.98 -7.39
CA MET D 248 -4.75 -7.17 -8.16
C MET D 248 -3.60 -7.96 -7.56
N ILE D 249 -3.61 -9.27 -7.80
CA ILE D 249 -2.49 -10.14 -7.50
C ILE D 249 -1.64 -10.15 -8.77
N VAL D 250 -0.49 -9.47 -8.73
CA VAL D 250 0.30 -9.15 -9.93
C VAL D 250 1.53 -10.04 -9.95
N LYS D 251 1.74 -10.75 -11.06
CA LYS D 251 2.99 -11.42 -11.33
C LYS D 251 3.70 -10.68 -12.45
N VAL D 252 5.03 -10.76 -12.44
CA VAL D 252 5.84 -9.95 -13.35
C VAL D 252 6.76 -10.88 -14.11
N ALA D 253 6.87 -10.67 -15.43
CA ALA D 253 7.86 -11.36 -16.25
C ALA D 253 8.95 -10.38 -16.69
N GLU D 254 10.18 -10.87 -16.80
CA GLU D 254 11.28 -10.02 -17.22
C GLU D 254 12.36 -10.87 -17.84
N VAL D 255 13.14 -10.25 -18.75
CA VAL D 255 14.39 -10.84 -19.25
C VAL D 255 15.62 -10.24 -18.57
N ASP D 256 15.48 -9.07 -17.91
CA ASP D 256 16.60 -8.40 -17.25
C ASP D 256 16.60 -8.78 -15.76
N PRO D 257 17.63 -9.47 -15.28
CA PRO D 257 17.58 -9.96 -13.89
C PRO D 257 17.64 -8.84 -12.87
N ILE D 258 18.23 -7.69 -13.23
CA ILE D 258 18.21 -6.56 -12.31
C ILE D 258 16.78 -6.04 -12.14
N CYS D 259 16.06 -5.83 -13.26
CA CYS D 259 14.67 -5.41 -13.14
C CYS D 259 13.82 -6.46 -12.43
N ALA D 260 14.10 -7.75 -12.69
CA ALA D 260 13.39 -8.81 -11.96
C ALA D 260 13.67 -8.74 -10.47
N MET D 261 14.92 -8.49 -10.07
N MET D 261 14.93 -8.51 -10.08
CA MET D 261 15.27 -8.30 -8.66
CA MET D 261 15.26 -8.31 -8.67
C MET D 261 14.42 -7.19 -8.04
C MET D 261 14.40 -7.20 -8.05
N GLN D 262 14.23 -6.09 -8.77
CA GLN D 262 13.42 -5.00 -8.27
C GLN D 262 11.99 -5.45 -8.09
N ALA D 263 11.47 -6.23 -9.05
CA ALA D 263 10.09 -6.70 -8.91
C ALA D 263 9.94 -7.58 -7.66
N CYS D 264 10.92 -8.47 -7.42
CA CYS D 264 10.84 -9.30 -6.20
C CYS D 264 10.83 -8.44 -4.97
N MET D 265 11.79 -7.52 -4.86
CA MET D 265 11.89 -6.68 -3.67
C MET D 265 10.68 -5.76 -3.52
N ASP D 266 10.01 -5.42 -4.62
CA ASP D 266 8.80 -4.62 -4.57
C ASP D 266 7.56 -5.43 -4.20
N GLY D 267 7.71 -6.73 -4.01
CA GLY D 267 6.61 -7.55 -3.52
C GLY D 267 5.86 -8.29 -4.59
N PHE D 268 6.45 -8.51 -5.77
CA PHE D 268 5.80 -9.27 -6.82
C PHE D 268 6.49 -10.62 -7.00
N GLU D 269 5.71 -11.62 -7.40
CA GLU D 269 6.24 -12.92 -7.80
C GLU D 269 6.70 -12.81 -9.26
N VAL D 270 7.92 -13.24 -9.54
CA VAL D 270 8.47 -13.15 -10.90
C VAL D 270 8.31 -14.51 -11.54
N VAL D 271 7.64 -14.54 -12.70
CA VAL D 271 7.31 -15.76 -13.41
C VAL D 271 7.64 -15.57 -14.87
N SER D 272 7.67 -16.68 -15.59
CA SER D 272 7.80 -16.63 -17.04
C SER D 272 6.61 -17.33 -17.68
N PRO D 273 6.12 -16.82 -18.81
CA PRO D 273 5.11 -17.57 -19.58
C PRO D 273 5.63 -18.89 -20.08
N TYR D 274 6.94 -19.10 -20.08
CA TYR D 274 7.55 -20.30 -20.64
C TYR D 274 8.16 -21.13 -19.52
N LYS D 275 8.05 -22.45 -19.67
CA LYS D 275 8.61 -23.34 -18.67
C LYS D 275 10.12 -23.11 -18.58
N ASN D 276 10.59 -22.85 -17.35
CA ASN D 276 11.99 -22.48 -17.11
C ASN D 276 12.42 -21.29 -17.95
N GLY D 277 11.45 -20.53 -18.44
CA GLY D 277 11.76 -19.30 -19.15
C GLY D 277 12.33 -19.50 -20.53
N ILE D 278 12.24 -20.70 -21.09
CA ILE D 278 12.81 -20.98 -22.41
C ILE D 278 11.70 -20.97 -23.45
N ASN D 279 11.78 -20.01 -24.36
CA ASN D 279 10.77 -19.77 -25.38
C ASN D 279 11.32 -20.40 -26.66
N ASP D 280 11.00 -21.68 -26.88
CA ASP D 280 11.47 -22.39 -28.07
C ASP D 280 10.40 -22.49 -29.16
N GLY D 281 9.30 -21.75 -29.06
CA GLY D 281 8.31 -21.69 -30.12
C GLY D 281 7.29 -22.82 -30.14
N THR D 282 7.39 -23.79 -29.25
CA THR D 282 6.44 -24.89 -29.20
C THR D 282 5.36 -24.59 -28.18
N GLU D 283 4.19 -25.19 -28.38
CA GLU D 283 3.15 -25.10 -27.37
C GLU D 283 3.59 -25.78 -26.09
N ALA D 284 4.41 -26.83 -26.21
CA ALA D 284 4.90 -27.54 -25.03
C ALA D 284 5.66 -26.62 -24.08
N SER D 285 6.24 -25.54 -24.60
CA SER D 285 7.04 -24.63 -23.78
C SER D 285 6.19 -23.71 -22.91
N ILE D 286 4.89 -23.60 -23.17
CA ILE D 286 4.04 -22.66 -22.45
C ILE D 286 3.69 -23.23 -21.09
N ASP D 287 3.80 -22.41 -20.05
CA ASP D 287 3.29 -22.78 -18.74
C ASP D 287 1.78 -22.58 -18.78
N ALA D 288 1.07 -23.64 -19.22
CA ALA D 288 -0.38 -23.55 -19.36
C ALA D 288 -1.07 -23.38 -18.01
N ALA D 289 -0.55 -24.00 -16.95
CA ALA D 289 -1.14 -23.85 -15.63
C ALA D 289 -1.10 -22.41 -15.17
N LEU D 290 0.02 -21.72 -15.39
CA LEU D 290 0.12 -20.31 -15.04
C LEU D 290 -0.80 -19.45 -15.89
N LEU D 291 -0.74 -19.60 -17.22
CA LEU D 291 -1.55 -18.70 -18.06
C LEU D 291 -3.03 -18.98 -17.93
N GLY D 292 -3.40 -20.22 -17.62
CA GLY D 292 -4.80 -20.55 -17.38
C GLY D 292 -5.40 -19.88 -16.17
N LYS D 293 -4.59 -19.18 -15.36
CA LYS D 293 -5.08 -18.52 -14.16
C LYS D 293 -5.04 -17.00 -14.28
N ILE D 294 -4.55 -16.46 -15.40
CA ILE D 294 -4.33 -15.04 -15.54
C ILE D 294 -5.59 -14.37 -16.09
N ASP D 295 -6.09 -13.35 -15.39
CA ASP D 295 -7.27 -12.58 -15.80
C ASP D 295 -6.93 -11.38 -16.67
N LEU D 296 -5.69 -10.94 -16.65
CA LEU D 296 -5.29 -9.71 -17.33
C LEU D 296 -3.81 -9.78 -17.63
N ILE D 297 -3.43 -9.54 -18.89
CA ILE D 297 -2.03 -9.47 -19.27
C ILE D 297 -1.76 -8.11 -19.90
N VAL D 298 -0.66 -7.49 -19.49
CA VAL D 298 -0.26 -6.19 -19.98
C VAL D 298 1.19 -6.26 -20.44
N THR D 299 1.45 -5.84 -21.70
CA THR D 299 2.81 -5.83 -22.22
C THR D 299 3.37 -4.42 -22.09
N THR D 300 4.65 -4.31 -21.68
CA THR D 300 5.27 -3.03 -21.34
C THR D 300 6.70 -2.91 -21.87
N THR D 301 7.07 -3.70 -22.87
CA THR D 301 8.48 -3.95 -23.13
C THR D 301 9.13 -3.07 -24.20
N GLY D 302 8.39 -2.56 -25.17
CA GLY D 302 9.04 -2.05 -26.37
C GLY D 302 9.69 -3.12 -27.24
N ASN D 303 9.41 -4.39 -26.96
CA ASN D 303 9.97 -5.53 -27.69
C ASN D 303 8.90 -6.13 -28.60
N VAL D 304 9.26 -7.19 -29.33
CA VAL D 304 8.36 -7.81 -30.29
C VAL D 304 7.86 -9.15 -29.75
N ASN D 305 6.55 -9.39 -29.88
CA ASN D 305 5.94 -10.70 -29.67
C ASN D 305 6.16 -11.24 -28.27
N VAL D 306 6.03 -10.38 -27.26
CA VAL D 306 6.16 -10.83 -25.87
C VAL D 306 4.86 -11.39 -25.31
N CYS D 307 3.75 -11.25 -26.02
CA CYS D 307 2.51 -11.97 -25.73
C CYS D 307 2.16 -12.67 -27.04
N ASP D 308 2.59 -13.92 -27.19
CA ASP D 308 2.62 -14.56 -28.49
C ASP D 308 1.39 -15.45 -28.67
N ALA D 309 1.35 -16.14 -29.82
CA ALA D 309 0.17 -16.91 -30.20
C ALA D 309 -0.08 -18.04 -29.20
N ASN D 310 0.97 -18.74 -28.80
CA ASN D 310 0.77 -19.85 -27.88
C ASN D 310 0.37 -19.36 -26.49
N MET D 311 0.88 -18.20 -26.06
CA MET D 311 0.36 -17.59 -24.83
C MET D 311 -1.11 -17.26 -24.96
N LEU D 312 -1.50 -16.67 -26.09
CA LEU D 312 -2.90 -16.27 -26.26
C LEU D 312 -3.81 -17.47 -26.27
N LYS D 313 -3.35 -18.57 -26.86
CA LYS D 313 -4.16 -19.79 -26.87
C LYS D 313 -4.37 -20.35 -25.47
N ALA D 314 -3.38 -20.18 -24.60
CA ALA D 314 -3.44 -20.78 -23.27
C ALA D 314 -4.07 -19.88 -22.20
N LEU D 315 -4.31 -18.61 -22.50
CA LEU D 315 -4.86 -17.70 -21.49
C LEU D 315 -6.20 -18.18 -20.99
N LYS D 316 -6.45 -17.92 -19.71
CA LYS D 316 -7.77 -18.13 -19.10
C LYS D 316 -8.87 -17.54 -19.97
N LYS D 317 -9.97 -18.27 -20.10
CA LYS D 317 -11.15 -17.75 -20.77
C LYS D 317 -11.52 -16.37 -20.23
N ARG D 318 -11.84 -15.44 -21.13
CA ARG D 318 -12.31 -14.08 -20.82
C ARG D 318 -11.25 -13.19 -20.21
N ALA D 319 -9.98 -13.57 -20.31
CA ALA D 319 -8.92 -12.68 -19.87
C ALA D 319 -8.89 -11.42 -20.75
N VAL D 320 -8.43 -10.32 -20.16
CA VAL D 320 -8.19 -9.06 -20.87
C VAL D 320 -6.72 -9.01 -21.30
N VAL D 321 -6.49 -8.54 -22.53
CA VAL D 321 -5.18 -8.47 -23.17
C VAL D 321 -5.00 -7.02 -23.60
N CYS D 322 -3.90 -6.38 -23.17
CA CYS D 322 -3.66 -5.03 -23.64
C CYS D 322 -2.16 -4.75 -23.63
N ASN D 323 -1.80 -3.69 -24.33
CA ASN D 323 -0.41 -3.30 -24.51
C ASN D 323 -0.29 -1.82 -24.17
N ILE D 324 0.75 -1.48 -23.41
CA ILE D 324 1.02 -0.08 -23.10
C ILE D 324 2.43 0.32 -23.56
N GLY D 325 3.13 -0.55 -24.27
CA GLY D 325 4.31 -0.14 -24.99
C GLY D 325 3.92 0.67 -26.22
N HIS D 326 4.92 1.20 -26.92
CA HIS D 326 4.61 2.17 -27.97
C HIS D 326 3.92 1.55 -29.19
N PHE D 327 4.27 0.32 -29.56
CA PHE D 327 3.80 -0.26 -30.83
C PHE D 327 3.02 -1.53 -30.56
N ASP D 328 2.02 -1.81 -31.42
CA ASP D 328 1.13 -2.95 -31.14
C ASP D 328 1.78 -4.32 -31.36
N ASN D 329 2.97 -4.41 -31.93
CA ASN D 329 3.50 -5.73 -32.21
C ASN D 329 4.03 -6.44 -30.94
N GLU D 330 3.84 -5.87 -29.74
CA GLU D 330 4.16 -6.63 -28.53
C GLU D 330 3.24 -7.83 -28.40
N ILE D 331 2.02 -7.72 -28.92
CA ILE D 331 1.03 -8.80 -28.89
C ILE D 331 0.87 -9.31 -30.31
N ASP D 332 0.79 -10.64 -30.45
CA ASP D 332 0.55 -11.21 -31.78
C ASP D 332 -0.93 -11.06 -32.16
N THR D 333 -1.33 -9.82 -32.41
CA THR D 333 -2.69 -9.59 -32.91
C THR D 333 -2.87 -10.10 -34.34
N ALA D 334 -1.81 -10.14 -35.14
CA ALA D 334 -1.94 -10.67 -36.49
C ALA D 334 -2.44 -12.10 -36.46
N PHE D 335 -1.89 -12.93 -35.56
CA PHE D 335 -2.39 -14.29 -35.37
C PHE D 335 -3.88 -14.28 -35.07
N MET D 336 -4.32 -13.36 -34.21
CA MET D 336 -5.72 -13.35 -33.80
C MET D 336 -6.63 -12.91 -34.94
N ARG D 337 -6.17 -11.96 -35.76
CA ARG D 337 -6.95 -11.57 -36.94
C ARG D 337 -7.06 -12.72 -37.94
N LYS D 338 -6.06 -13.59 -38.02
CA LYS D 338 -6.08 -14.67 -39.00
C LYS D 338 -6.94 -15.83 -38.53
N ASN D 339 -7.02 -16.08 -37.22
CA ASN D 339 -7.56 -17.33 -36.73
C ASN D 339 -8.87 -17.20 -35.98
N TRP D 340 -9.15 -16.05 -35.37
CA TRP D 340 -10.25 -15.90 -34.43
C TRP D 340 -11.19 -14.78 -34.87
N ALA D 341 -12.45 -14.92 -34.48
CA ALA D 341 -13.50 -13.99 -34.88
C ALA D 341 -13.56 -12.82 -33.90
N TRP D 342 -13.55 -11.61 -34.41
CA TRP D 342 -13.56 -10.41 -33.58
C TRP D 342 -14.96 -9.87 -33.47
N GLU D 343 -15.42 -9.68 -32.24
CA GLU D 343 -16.72 -9.07 -31.98
C GLU D 343 -16.48 -7.73 -31.31
N GLU D 344 -16.86 -6.64 -31.98
CA GLU D 344 -16.71 -5.34 -31.35
C GLU D 344 -17.72 -5.17 -30.22
N VAL D 345 -17.24 -4.92 -29.00
CA VAL D 345 -18.13 -4.52 -27.92
C VAL D 345 -18.51 -3.05 -28.05
N LYS D 346 -17.50 -2.21 -28.16
CA LYS D 346 -17.64 -0.77 -28.42
C LYS D 346 -16.29 -0.32 -28.96
N PRO D 347 -16.17 0.95 -29.39
CA PRO D 347 -14.89 1.37 -29.98
C PRO D 347 -13.71 1.04 -29.07
N GLN D 348 -12.68 0.44 -29.66
CA GLN D 348 -11.44 0.06 -28.98
C GLN D 348 -11.65 -1.04 -27.92
N VAL D 349 -12.75 -1.79 -27.99
CA VAL D 349 -12.93 -2.95 -27.13
C VAL D 349 -13.46 -4.10 -28.00
N HIS D 350 -12.69 -5.18 -28.10
CA HIS D 350 -13.08 -6.31 -28.96
C HIS D 350 -13.01 -7.61 -28.18
N LYS D 351 -14.06 -8.43 -28.30
CA LYS D 351 -14.00 -9.83 -27.88
C LYS D 351 -13.45 -10.66 -29.04
N ILE D 352 -12.45 -11.48 -28.75
CA ILE D 352 -11.78 -12.33 -29.73
C ILE D 352 -12.19 -13.75 -29.43
N HIS D 353 -12.99 -14.35 -30.31
CA HIS D 353 -13.59 -15.66 -30.04
C HIS D 353 -12.66 -16.74 -30.56
N ARG D 354 -12.14 -17.56 -29.64
CA ARG D 354 -11.16 -18.58 -29.98
C ARG D 354 -11.80 -19.83 -30.53
N THR D 355 -13.11 -19.79 -30.77
CA THR D 355 -13.80 -20.92 -31.37
C THR D 355 -13.60 -21.03 -32.87
N GLY D 356 -13.08 -19.99 -33.51
CA GLY D 356 -12.92 -20.05 -34.95
C GLY D 356 -12.90 -18.67 -35.56
N LYS D 357 -12.62 -18.64 -36.86
CA LYS D 357 -12.50 -17.42 -37.62
C LYS D 357 -13.83 -16.98 -38.24
N ASP D 358 -14.67 -17.95 -38.63
CA ASP D 358 -15.90 -17.67 -39.37
C ASP D 358 -17.06 -17.61 -38.40
N GLY D 359 -17.37 -16.41 -37.94
CA GLY D 359 -18.51 -16.19 -37.09
C GLY D 359 -18.27 -16.62 -35.66
N PHE D 360 -19.24 -16.29 -34.81
CA PHE D 360 -19.14 -16.59 -33.38
C PHE D 360 -20.54 -16.71 -32.80
N ASP D 361 -20.64 -17.46 -31.71
CA ASP D 361 -21.85 -17.50 -30.91
C ASP D 361 -21.85 -16.27 -29.99
N ALA D 362 -22.96 -15.53 -29.98
CA ALA D 362 -23.01 -14.32 -29.16
C ALA D 362 -22.84 -14.63 -27.68
N HIS D 363 -23.14 -15.87 -27.27
CA HIS D 363 -23.00 -16.31 -25.88
C HIS D 363 -21.82 -17.26 -25.69
N ASN D 364 -20.91 -17.32 -26.66
CA ASN D 364 -19.68 -18.09 -26.48
C ASN D 364 -18.94 -17.61 -25.23
N ASP D 365 -18.43 -18.56 -24.44
CA ASP D 365 -17.66 -18.20 -23.26
C ASP D 365 -16.16 -18.19 -23.48
N ASP D 366 -15.70 -18.69 -24.64
CA ASP D 366 -14.26 -18.83 -24.88
C ASP D 366 -13.81 -17.68 -25.78
N TYR D 367 -13.59 -16.53 -25.14
CA TYR D 367 -13.12 -15.33 -25.83
C TYR D 367 -12.11 -14.61 -24.94
N LEU D 368 -11.27 -13.81 -25.58
CA LEU D 368 -10.45 -12.84 -24.87
C LEU D 368 -11.00 -11.43 -25.14
N ILE D 369 -10.69 -10.50 -24.26
CA ILE D 369 -11.04 -9.10 -24.50
C ILE D 369 -9.77 -8.34 -24.80
N LEU D 370 -9.65 -7.85 -26.02
CA LEU D 370 -8.50 -7.07 -26.44
C LEU D 370 -8.85 -5.58 -26.41
N LEU D 371 -7.98 -4.78 -25.83
CA LEU D 371 -8.18 -3.34 -25.76
C LEU D 371 -7.36 -2.61 -26.79
N ALA D 372 -7.98 -1.60 -27.42
CA ALA D 372 -7.34 -0.70 -28.39
C ALA D 372 -6.67 -1.45 -29.53
N GLU D 373 -7.19 -2.65 -29.87
CA GLU D 373 -6.60 -3.47 -30.94
C GLU D 373 -5.09 -3.68 -30.75
N GLY D 374 -4.64 -3.67 -29.49
CA GLY D 374 -3.24 -3.86 -29.15
C GLY D 374 -2.40 -2.60 -29.16
N ARG D 375 -2.97 -1.44 -29.49
CA ARG D 375 -2.25 -0.18 -29.48
C ARG D 375 -2.18 0.37 -28.06
N LEU D 376 -1.29 1.36 -27.84
CA LEU D 376 -1.10 1.94 -26.51
C LEU D 376 -2.42 2.09 -25.74
N VAL D 377 -2.62 1.31 -24.67
CA VAL D 377 -3.98 1.22 -24.14
C VAL D 377 -4.38 2.45 -23.32
N ASN D 378 -3.43 3.09 -22.65
CA ASN D 378 -3.78 4.26 -21.86
C ASN D 378 -4.30 5.40 -22.74
N LEU D 379 -3.70 5.58 -23.92
CA LEU D 379 -4.16 6.63 -24.83
C LEU D 379 -5.35 6.18 -25.67
N GLY D 380 -5.47 4.88 -25.95
CA GLY D 380 -6.50 4.38 -26.83
C GLY D 380 -7.85 4.22 -26.13
N ASN D 381 -7.82 3.81 -24.86
CA ASN D 381 -9.06 3.58 -24.12
C ASN D 381 -9.32 4.62 -23.04
N ALA D 382 -8.37 5.51 -22.75
CA ALA D 382 -8.61 6.61 -21.82
C ALA D 382 -8.00 7.88 -22.41
N THR D 383 -7.27 8.69 -21.62
CA THR D 383 -6.72 9.93 -22.16
C THR D 383 -5.20 10.01 -21.96
N GLY D 384 -4.53 8.87 -21.81
CA GLY D 384 -3.11 8.85 -21.53
C GLY D 384 -2.81 9.48 -20.19
N HIS D 385 -1.59 9.98 -20.07
CA HIS D 385 -1.13 10.52 -18.80
C HIS D 385 -1.84 11.83 -18.49
N PRO D 386 -1.96 12.18 -17.22
CA PRO D 386 -2.60 13.43 -16.85
C PRO D 386 -1.69 14.63 -17.06
N SER D 387 -2.33 15.78 -17.23
CA SER D 387 -1.62 17.04 -17.49
C SER D 387 -0.47 17.27 -16.53
N ARG D 388 -0.67 17.06 -15.22
CA ARG D 388 0.38 17.45 -14.30
C ARG D 388 1.62 16.56 -14.41
N ILE D 389 1.49 15.34 -14.95
CA ILE D 389 2.66 14.53 -15.27
C ILE D 389 3.26 14.97 -16.60
N MET D 390 2.42 15.15 -17.61
CA MET D 390 2.95 15.52 -18.93
C MET D 390 3.65 16.86 -18.90
N ASP D 391 3.30 17.71 -17.92
CA ASP D 391 4.03 18.94 -17.64
C ASP D 391 5.54 18.73 -17.66
N GLY D 392 6.00 17.68 -16.95
CA GLY D 392 7.42 17.39 -16.89
C GLY D 392 8.00 17.07 -18.27
N SER D 393 7.38 16.11 -18.96
CA SER D 393 7.88 15.71 -20.28
C SER D 393 7.90 16.90 -21.22
N PHE D 394 6.86 17.71 -21.21
CA PHE D 394 6.75 18.72 -22.25
C PHE D 394 7.55 19.97 -21.92
N ALA D 395 7.81 20.25 -20.64
CA ALA D 395 8.79 21.28 -20.30
C ALA D 395 10.17 20.89 -20.83
N ASN D 396 10.53 19.61 -20.69
CA ASN D 396 11.77 19.13 -21.30
C ASN D 396 11.74 19.29 -22.82
N GLN D 397 10.64 18.93 -23.47
CA GLN D 397 10.57 19.09 -24.93
C GLN D 397 10.83 20.52 -25.34
N VAL D 398 10.25 21.48 -24.62
CA VAL D 398 10.39 22.87 -25.01
C VAL D 398 11.85 23.30 -24.84
N LEU D 399 12.46 22.92 -23.71
CA LEU D 399 13.87 23.25 -23.49
C LEU D 399 14.76 22.60 -24.56
N ALA D 400 14.43 21.38 -24.99
CA ALA D 400 15.25 20.71 -26.00
C ALA D 400 15.09 21.38 -27.35
N GLN D 401 13.86 21.80 -27.70
CA GLN D 401 13.66 22.55 -28.94
C GLN D 401 14.46 23.86 -28.91
N ILE D 402 14.43 24.57 -27.78
CA ILE D 402 15.19 25.82 -27.67
C ILE D 402 16.68 25.55 -27.88
N HIS D 403 17.19 24.50 -27.24
CA HIS D 403 18.62 24.23 -27.31
C HIS D 403 19.04 23.92 -28.74
N LEU D 404 18.33 23.01 -29.42
CA LEU D 404 18.81 22.61 -30.75
C LEU D 404 18.55 23.70 -31.78
N PHE D 405 17.44 24.40 -31.66
CA PHE D 405 17.20 25.51 -32.59
C PHE D 405 18.26 26.59 -32.44
N GLU D 406 18.68 26.88 -31.19
CA GLU D 406 19.68 27.92 -31.00
C GLU D 406 21.06 27.49 -31.49
N GLN D 407 21.33 26.17 -31.48
CA GLN D 407 22.61 25.64 -31.96
C GLN D 407 22.74 25.74 -33.48
N LYS D 408 21.63 25.72 -34.21
CA LYS D 408 21.65 26.04 -35.65
C LYS D 408 22.55 25.09 -36.44
N TYR D 409 22.42 23.79 -36.14
CA TYR D 409 23.25 22.77 -36.78
C TYR D 409 23.24 22.86 -38.30
N ALA D 410 22.05 23.07 -38.89
CA ALA D 410 21.96 23.05 -40.34
C ALA D 410 22.82 24.12 -40.98
N ASP D 411 23.14 25.17 -40.24
CA ASP D 411 23.94 26.28 -40.77
C ASP D 411 25.43 26.10 -40.57
N LEU D 412 25.86 25.03 -39.87
CA LEU D 412 27.27 24.83 -39.57
C LEU D 412 28.03 24.32 -40.80
N PRO D 413 29.30 24.65 -40.91
CA PRO D 413 30.17 23.99 -41.91
C PRO D 413 30.20 22.49 -41.68
N ALA D 414 30.55 21.76 -42.73
CA ALA D 414 30.57 20.30 -42.66
C ALA D 414 31.47 19.80 -41.55
N ALA D 415 32.64 20.43 -41.35
CA ALA D 415 33.57 19.98 -40.32
C ALA D 415 32.97 20.16 -38.93
N GLU D 416 32.22 21.25 -38.72
CA GLU D 416 31.57 21.47 -37.44
C GLU D 416 30.32 20.61 -37.25
N LYS D 417 29.60 20.31 -38.33
CA LYS D 417 28.49 19.37 -38.20
C LYS D 417 28.99 18.03 -37.68
N ALA D 418 30.11 17.53 -38.24
CA ALA D 418 30.62 16.23 -37.82
C ALA D 418 30.88 16.16 -36.32
N LYS D 419 31.25 17.29 -35.70
CA LYS D 419 31.52 17.32 -34.26
C LYS D 419 30.28 17.41 -33.40
N ARG D 420 29.13 17.77 -33.97
CA ARG D 420 27.90 17.95 -33.21
C ARG D 420 26.84 16.93 -33.53
N LEU D 421 27.12 15.96 -34.40
CA LEU D 421 26.11 14.96 -34.78
C LEU D 421 26.06 13.90 -33.69
N SER D 422 25.09 14.03 -32.79
CA SER D 422 25.04 13.15 -31.65
C SER D 422 23.62 13.08 -31.13
N VAL D 423 23.41 12.17 -30.19
CA VAL D 423 22.15 12.04 -29.47
C VAL D 423 22.47 12.32 -28.00
N GLU D 424 21.93 13.42 -27.47
CA GLU D 424 22.34 13.91 -26.16
C GLU D 424 21.12 14.07 -25.27
N VAL D 425 21.37 14.19 -23.98
CA VAL D 425 20.33 14.54 -23.02
C VAL D 425 20.52 15.99 -22.57
N LEU D 426 19.45 16.55 -22.00
CA LEU D 426 19.55 17.87 -21.38
C LEU D 426 20.43 17.83 -20.13
N PRO D 427 21.07 18.95 -19.81
CA PRO D 427 21.89 19.02 -18.59
C PRO D 427 21.04 18.78 -17.36
N LYS D 428 21.67 18.20 -16.33
CA LYS D 428 20.95 17.91 -15.10
C LYS D 428 20.37 19.17 -14.48
N LYS D 429 21.08 20.30 -14.59
CA LYS D 429 20.55 21.54 -14.02
C LYS D 429 19.14 21.84 -14.55
N LEU D 430 18.91 21.65 -15.86
CA LEU D 430 17.58 21.91 -16.40
C LEU D 430 16.57 20.88 -15.93
N ASP D 431 16.98 19.61 -15.84
CA ASP D 431 16.15 18.56 -15.29
C ASP D 431 15.65 18.97 -13.90
N GLU D 432 16.56 19.47 -13.06
CA GLU D 432 16.21 19.93 -11.72
C GLU D 432 15.26 21.12 -11.77
N GLU D 433 15.48 22.04 -12.72
CA GLU D 433 14.64 23.22 -12.75
C GLU D 433 13.21 22.87 -13.13
N VAL D 434 13.05 21.92 -14.06
CA VAL D 434 11.71 21.40 -14.36
C VAL D 434 11.09 20.76 -13.11
N ALA D 435 11.88 19.94 -12.42
CA ALA D 435 11.39 19.26 -11.21
C ALA D 435 10.91 20.24 -10.17
N LEU D 436 11.67 21.32 -9.96
CA LEU D 436 11.29 22.31 -8.95
C LEU D 436 9.93 22.92 -9.28
N GLU D 437 9.66 23.22 -10.56
CA GLU D 437 8.34 23.76 -10.92
C GLU D 437 7.24 22.72 -10.64
N MET D 438 7.53 21.44 -10.89
CA MET D 438 6.56 20.40 -10.59
C MET D 438 6.29 20.34 -9.09
N VAL D 439 7.35 20.41 -8.28
CA VAL D 439 7.19 20.33 -6.81
C VAL D 439 6.38 21.52 -6.30
N LYS D 440 6.70 22.73 -6.79
CA LYS D 440 5.93 23.91 -6.41
C LYS D 440 4.46 23.76 -6.78
N GLY D 441 4.18 23.06 -7.88
CA GLY D 441 2.80 22.84 -8.28
C GLY D 441 2.02 22.01 -7.28
N PHE D 442 2.71 21.12 -6.57
CA PHE D 442 2.10 20.37 -5.50
C PHE D 442 2.02 21.16 -4.21
N GLY D 443 2.63 22.33 -4.15
CA GLY D 443 2.78 23.03 -2.88
C GLY D 443 3.96 22.54 -2.05
N GLY D 444 4.83 21.72 -2.64
CA GLY D 444 6.02 21.30 -1.91
C GLY D 444 6.99 22.43 -1.67
N VAL D 445 7.74 22.32 -0.57
CA VAL D 445 8.72 23.34 -0.17
C VAL D 445 10.09 22.65 -0.08
N VAL D 446 10.95 22.92 -1.05
CA VAL D 446 12.30 22.39 -1.05
C VAL D 446 13.14 23.20 -0.07
N THR D 447 14.04 22.52 0.63
CA THR D 447 14.95 23.16 1.56
C THR D 447 16.17 23.65 0.82
N GLN D 448 16.68 24.83 1.22
CA GLN D 448 17.91 25.37 0.67
C GLN D 448 19.09 24.97 1.53
N LEU D 449 20.12 24.43 0.89
CA LEU D 449 21.38 24.12 1.58
C LEU D 449 22.00 25.39 2.15
N THR D 450 22.59 25.28 3.35
CA THR D 450 23.49 26.31 3.80
C THR D 450 24.77 26.22 2.98
N PRO D 451 25.58 27.29 2.96
CA PRO D 451 26.89 27.17 2.30
C PRO D 451 27.72 26.03 2.86
N LYS D 452 27.71 25.81 4.17
CA LYS D 452 28.50 24.72 4.74
C LYS D 452 27.99 23.36 4.26
N GLN D 453 26.67 23.18 4.21
CA GLN D 453 26.13 21.89 3.78
C GLN D 453 26.44 21.63 2.32
N ALA D 454 26.36 22.66 1.48
CA ALA D 454 26.66 22.46 0.08
C ALA D 454 28.12 22.09 -0.10
N GLU D 455 29.02 22.77 0.63
CA GLU D 455 30.43 22.42 0.65
C GLU D 455 30.63 20.97 1.13
N TYR D 456 29.92 20.58 2.19
CA TYR D 456 30.12 19.26 2.77
C TYR D 456 29.84 18.14 1.78
N ILE D 457 28.77 18.26 0.99
CA ILE D 457 28.46 17.24 0.00
C ILE D 457 28.99 17.60 -1.38
N GLY D 458 29.64 18.74 -1.51
CA GLY D 458 30.36 19.08 -2.74
C GLY D 458 29.51 19.56 -3.90
N VAL D 459 28.49 20.37 -3.62
CA VAL D 459 27.61 20.90 -4.67
C VAL D 459 27.51 22.40 -4.51
N SER D 460 27.11 23.08 -5.60
CA SER D 460 26.63 24.44 -5.48
C SER D 460 25.26 24.46 -4.80
N VAL D 461 24.98 25.55 -4.07
CA VAL D 461 23.70 25.64 -3.35
C VAL D 461 22.53 25.53 -4.32
N GLU D 462 22.65 26.15 -5.50
CA GLU D 462 21.56 26.11 -6.46
C GLU D 462 21.55 24.81 -7.28
N GLY D 463 22.52 23.92 -7.04
CA GLY D 463 22.59 22.68 -7.77
C GLY D 463 23.46 22.81 -9.01
N PRO D 464 23.62 21.72 -9.78
CA PRO D 464 23.05 20.37 -9.65
C PRO D 464 23.50 19.63 -8.40
N PHE D 465 22.61 18.78 -7.90
CA PHE D 465 22.80 18.19 -6.58
C PHE D 465 23.40 16.78 -6.62
N LYS D 466 23.48 16.17 -7.79
CA LYS D 466 23.87 14.77 -7.92
C LYS D 466 24.86 14.67 -9.06
N PRO D 467 25.78 13.71 -9.01
CA PRO D 467 26.66 13.46 -10.16
C PRO D 467 25.83 12.88 -11.30
N ASP D 468 26.37 12.98 -12.52
CA ASP D 468 25.58 12.49 -13.66
C ASP D 468 25.34 10.99 -13.61
N THR D 469 26.16 10.24 -12.84
CA THR D 469 25.96 8.80 -12.66
C THR D 469 24.75 8.46 -11.79
N TYR D 470 24.15 9.43 -11.13
CA TYR D 470 23.13 9.11 -10.13
C TYR D 470 21.85 8.57 -10.78
N ARG D 471 21.28 7.54 -10.17
CA ARG D 471 20.15 6.84 -10.77
C ARG D 471 18.79 7.21 -10.19
N TYR D 472 18.74 7.91 -9.07
CA TYR D 472 17.46 8.26 -8.43
C TYR D 472 16.62 7.00 -8.14
PA NAD E . 21.80 9.76 -1.64
O1A NAD E . 21.10 8.82 -2.54
O2A NAD E . 22.75 10.73 -2.18
O5B NAD E . 20.66 10.53 -0.73
C5B NAD E . 20.98 11.59 0.17
C4B NAD E . 19.89 12.59 -0.07
O4B NAD E . 19.91 13.60 0.95
C3B NAD E . 20.03 13.34 -1.42
O3B NAD E . 18.90 13.09 -2.25
C2B NAD E . 20.13 14.82 -1.01
O2B NAD E . 19.50 15.75 -1.87
C1B NAD E . 19.46 14.79 0.37
N9A NAD E . 19.87 15.89 1.23
C8A NAD E . 21.15 16.33 1.45
N7A NAD E . 21.24 17.32 2.30
C5A NAD E . 19.92 17.55 2.67
C6A NAD E . 19.33 18.48 3.55
N6A NAD E . 20.01 19.43 4.20
N1A NAD E . 17.99 18.45 3.70
C2A NAD E . 17.29 17.53 3.02
N3A NAD E . 17.73 16.60 2.16
C4A NAD E . 19.06 16.67 2.02
O3 NAD E . 22.55 8.85 -0.55
PN NAD E . 22.06 7.48 0.11
O1N NAD E . 22.57 6.34 -0.69
O2N NAD E . 20.60 7.60 0.31
O5D NAD E . 22.85 7.52 1.48
C5D NAD E . 22.55 8.44 2.55
C4D NAD E . 23.38 8.07 3.75
O4D NAD E . 22.98 6.78 4.27
C3D NAD E . 24.89 7.95 3.48
O3D NAD E . 25.54 8.47 4.62
C2D NAD E . 25.08 6.45 3.31
O2D NAD E . 26.45 6.02 3.48
C1D NAD E . 24.11 5.94 4.38
N1N NAD E . 23.66 4.53 4.22
C2N NAD E . 23.19 3.95 5.34
C3N NAD E . 22.68 2.67 5.30
C7N NAD E . 22.15 1.98 6.51
O7N NAD E . 21.99 0.77 6.49
N7N NAD E . 22.00 2.70 7.62
C4N NAD E . 22.63 2.01 4.06
C5N NAD E . 23.11 2.64 2.93
C6N NAD E . 23.63 3.91 3.02
N9 ADE F . 24.81 -2.41 6.31
C8 ADE F . 23.46 -2.39 6.50
N7 ADE F . 23.00 -3.49 7.13
C5 ADE F . 24.14 -4.28 7.28
C6 ADE F . 24.35 -5.57 7.83
N6 ADE F . 23.37 -6.33 8.32
N1 ADE F . 25.62 -6.03 7.85
C2 ADE F . 26.60 -5.28 7.33
N3 ADE F . 26.51 -4.07 6.78
C4 ADE F . 25.25 -3.62 6.79
S DMS G . 23.90 6.82 -15.77
O DMS G . 25.32 7.30 -15.64
C1 DMS G . 22.71 8.02 -15.10
C2 DMS G . 23.61 5.38 -14.69
C4 REG H . 28.42 -15.78 -10.29
C5 REG H . 30.60 -14.16 -12.11
C6 REG H . 32.43 -13.87 -13.78
N1 REG H . 31.02 -13.80 -13.47
C7 REG H . 32.68 -14.77 -15.00
C8 REG H . 33.97 -15.75 -14.77
C9 REG H . 34.26 -16.17 -15.96
C10 REG H . 33.78 -15.03 -16.92
O REG H . 31.43 -14.51 -11.34
N REG H . 29.22 -14.11 -11.69
C3 REG H . 28.94 -14.52 -10.34
C2 REG H . 27.86 -13.48 -9.62
C1 REG H . 26.90 -14.22 -9.00
C REG H . 27.32 -15.75 -9.14
O1 REG H . 32.97 -14.05 -16.06
K K I . 20.41 -8.48 9.93
P PO4 J . 7.34 21.67 22.35
O1 PO4 J . 6.92 22.17 21.01
O2 PO4 J . 7.26 20.18 22.36
O3 PO4 J . 6.45 22.22 23.44
O4 PO4 J . 8.76 22.13 22.57
P PO4 K . 29.25 -23.24 7.89
O1 PO4 K . 30.52 -23.19 7.06
O2 PO4 K . 28.12 -23.76 7.04
O3 PO4 K . 28.97 -21.87 8.45
O4 PO4 K . 29.39 -24.19 9.07
P PO4 L . 25.68 -0.50 3.69
O1 PO4 L . 26.10 0.66 2.78
O2 PO4 L . 25.87 -1.84 3.00
O3 PO4 L . 24.22 -0.48 4.03
O4 PO4 L . 26.46 -0.44 4.98
P PO4 M . 23.34 -2.57 -24.58
O1 PO4 M . 24.17 -2.73 -25.83
O2 PO4 M . 23.14 -1.11 -24.30
O3 PO4 M . 21.99 -3.19 -24.74
O4 PO4 M . 24.08 -3.24 -23.46
C1 GOL N . 11.68 -4.03 25.77
O1 GOL N . 12.56 -2.92 25.95
C2 GOL N . 12.54 -5.33 25.49
O2 GOL N . 13.24 -5.25 24.31
C3 GOL N . 11.56 -6.54 25.46
O3 GOL N . 11.05 -6.79 26.76
PA NAD O . -12.13 -14.57 14.77
O1A NAD O . -12.48 -13.18 14.37
O2A NAD O . -13.29 -15.47 15.09
O5B NAD O . -11.24 -15.21 13.59
C5B NAD O . -10.84 -16.61 13.52
C4B NAD O . -11.05 -16.98 12.08
O4B NAD O . -10.45 -18.26 11.80
C3B NAD O . -12.52 -17.07 11.65
O3B NAD O . -12.83 -16.15 10.60
C2B NAD O . -12.67 -18.54 11.21
O2B NAD O . -13.53 -18.65 10.08
C1B NAD O . -11.25 -18.90 10.83
N9A NAD O . -10.94 -20.33 10.84
C8A NAD O . -11.33 -21.25 11.76
N7A NAD O . -10.91 -22.47 11.52
C5A NAD O . -10.20 -22.34 10.34
C6A NAD O . -9.50 -23.27 9.55
N6A NAD O . -9.45 -24.59 9.81
N1A NAD O . -8.87 -22.82 8.44
C2A NAD O . -8.96 -21.51 8.14
N3A NAD O . -9.60 -20.54 8.81
C4A NAD O . -10.20 -21.02 9.90
O3 NAD O . -11.16 -14.48 16.00
PN NAD O . -9.95 -13.47 16.26
O1N NAD O . -9.29 -13.26 14.94
O2N NAD O . -10.43 -12.31 17.03
O5D NAD O . -9.04 -14.33 17.25
C5D NAD O . -8.32 -15.48 16.70
C4D NAD O . -7.44 -16.07 17.78
O4D NAD O . -6.36 -15.16 18.09
C3D NAD O . -8.16 -16.33 19.09
O3D NAD O . -7.55 -17.48 19.70
C2D NAD O . -7.88 -15.06 19.87
O2D NAD O . -8.03 -15.28 21.29
C1D NAD O . -6.43 -14.84 19.46
N1N NAD O . -5.94 -13.44 19.63
C2N NAD O . -4.60 -13.28 19.68
C3N NAD O . -4.05 -12.02 19.78
C7N NAD O . -2.59 -11.79 19.90
O7N NAD O . -2.18 -10.69 20.34
N7N NAD O . -1.78 -12.82 19.66
C4N NAD O . -4.91 -10.91 19.78
C5N NAD O . -6.29 -11.10 19.72
C6N NAD O . -6.78 -12.38 19.65
N9 ADE P . -2.14 -8.99 24.15
C8 ADE P . -1.46 -8.65 23.00
N7 ADE P . -0.46 -7.82 23.20
C5 ADE P . -0.49 -7.59 24.56
C6 ADE P . 0.30 -6.78 25.42
N6 ADE P . 1.32 -6.02 24.99
N1 ADE P . 0.01 -6.81 26.74
C2 ADE P . -1.02 -7.57 27.17
N3 ADE P . -1.82 -8.37 26.45
C4 ADE P . -1.52 -8.31 25.15
C1 GOL Q . -27.73 9.37 24.45
O1 GOL Q . -26.44 9.50 24.90
C2 GOL Q . -28.53 10.59 24.92
O2 GOL Q . -29.47 10.87 23.99
C3 GOL Q . -29.18 10.13 26.26
O3 GOL Q . -30.48 10.68 26.27
C1 GOL R . 10.71 0.26 40.88
O1 GOL R . 11.86 1.03 40.72
C2 GOL R . 9.63 1.18 41.57
O2 GOL R . 9.30 2.31 40.80
C3 GOL R . 8.40 0.25 41.78
O3 GOL R . 8.22 -0.46 40.57
C1 GOL S . -29.73 15.71 23.89
O1 GOL S . -29.22 14.65 24.59
C2 GOL S . -28.74 15.92 22.81
O2 GOL S . -27.73 16.81 23.19
C3 GOL S . -29.51 16.37 21.62
O3 GOL S . -28.72 16.00 20.55
K K T . 4.53 -3.95 23.59
P PO4 U . 9.91 -30.46 0.86
O1 PO4 U . 10.85 -31.30 0.03
O2 PO4 U . 9.11 -31.35 1.78
O3 PO4 U . 8.95 -29.68 -0.01
O4 PO4 U . 10.79 -29.52 1.63
P PO4 V . -5.36 -9.80 23.51
O1 PO4 V . -4.56 -9.46 22.27
O2 PO4 V . -6.68 -10.50 23.20
O3 PO4 V . -5.63 -8.41 24.08
O4 PO4 V . -4.45 -10.68 24.37
P PO4 W . -28.71 5.19 17.12
O1 PO4 W . -28.21 5.05 15.71
O2 PO4 W . -29.62 4.04 17.42
O3 PO4 W . -29.48 6.49 17.28
O4 PO4 W . -27.59 5.20 18.11
P PO4 X . 4.61 6.22 37.58
O1 PO4 X . 4.39 7.40 36.65
O2 PO4 X . 5.88 6.52 38.33
O3 PO4 X . 4.81 4.94 36.81
O4 PO4 X . 3.43 6.08 38.53
PA NAD Y . -22.35 4.86 7.27
O1A NAD Y . -21.65 3.57 7.39
O2A NAD Y . -23.36 5.15 8.40
O5B NAD Y . -21.32 6.08 7.26
C5B NAD Y . -21.68 7.47 7.23
C4B NAD Y . -20.65 8.10 8.13
O4B NAD Y . -20.75 9.52 8.08
C3B NAD Y . -20.83 7.71 9.62
O3B NAD Y . -19.67 7.01 10.09
C2B NAD Y . -21.02 9.06 10.34
O2B NAD Y . -20.38 9.14 11.61
C1B NAD Y . -20.38 10.02 9.34
N9A NAD Y . -20.83 11.40 9.43
C8A NAD Y . -22.12 11.84 9.61
N7A NAD Y . -22.23 13.15 9.71
C5A NAD Y . -20.92 13.60 9.59
C6A NAD Y . -20.36 14.89 9.59
N6A NAD Y . -21.08 16.01 9.78
N1A NAD Y . -19.03 14.99 9.43
C2A NAD Y . -18.31 13.88 9.28
N3A NAD Y . -18.72 12.61 9.27
C4A NAD Y . -20.05 12.54 9.42
O3 NAD Y . -23.16 4.89 5.88
PN NAD Y . -22.60 4.36 4.50
O1N NAD Y . -21.16 4.70 4.50
O2N NAD Y . -23.04 2.97 4.24
O5D NAD Y . -23.39 5.29 3.45
C5D NAD Y . -23.07 6.68 3.33
C4D NAD Y . -23.95 7.26 2.24
O4D NAD Y . -23.53 6.76 0.95
C3D NAD Y . -25.43 6.92 2.34
O3D NAD Y . -26.15 8.00 1.78
C2D NAD Y . -25.54 5.69 1.46
O2D NAD Y . -26.89 5.45 1.05
C1D NAD Y . -24.61 6.11 0.32
N1N NAD Y . -24.09 5.03 -0.50
C2N NAD Y . -23.63 5.37 -1.73
C3N NAD Y . -23.05 4.41 -2.54
C7N NAD Y . -22.52 4.77 -3.91
O7N NAD Y . -22.33 3.88 -4.73
N7N NAD Y . -22.42 6.05 -4.21
C4N NAD Y . -22.93 3.12 -2.06
C5N NAD Y . -23.42 2.79 -0.80
C6N NAD Y . -24.01 3.76 -0.04
N9 ADE Z . -24.94 1.34 -6.89
C8 ADE Z . -23.59 1.54 -7.01
N7 ADE Z . -23.08 1.13 -8.16
C5 ADE Z . -24.18 0.61 -8.83
C6 ADE Z . -24.32 0.01 -10.09
N6 ADE Z . -23.28 -0.16 -10.95
N1 ADE Z . -25.56 -0.39 -10.47
C2 ADE Z . -26.59 -0.20 -9.61
N3 ADE Z . -26.57 0.34 -8.40
C4 ADE Z . -25.34 0.73 -8.06
K K AA . -20.23 -0.47 -13.52
P PO4 BA . -8.92 30.79 -1.64
O1 PO4 BA . -8.89 29.89 -2.83
O2 PO4 BA . -8.25 32.11 -1.94
O3 PO4 BA . -10.35 31.05 -1.24
O4 PO4 BA . -8.22 30.10 -0.49
P PO4 CA . -25.77 0.93 -3.56
O1 PO4 CA . -26.50 1.89 -4.51
O2 PO4 CA . -24.29 1.14 -3.71
O3 PO4 CA . -25.96 -0.52 -4.00
O4 PO4 CA . -26.23 1.11 -2.11
P PO4 DA . -22.63 -19.77 15.50
O1 PO4 DA . -23.62 -19.55 14.38
O2 PO4 DA . -21.24 -19.71 14.96
O3 PO4 DA . -22.86 -21.12 16.13
O4 PO4 DA . -22.80 -18.69 16.53
P PO4 EA . -28.22 -13.04 -22.26
O1 PO4 EA . -28.38 -13.02 -23.77
O2 PO4 EA . -29.47 -13.57 -21.60
O3 PO4 EA . -28.01 -11.62 -21.80
O4 PO4 EA . -27.04 -13.94 -21.99
PA NAD FA . 12.50 0.13 -20.45
O1A NAD FA . 13.75 -0.13 -21.23
O2A NAD FA . 12.67 0.93 -19.17
O5B NAD FA . 11.70 -1.18 -20.17
C5B NAD FA . 11.34 -2.24 -21.08
C4B NAD FA . 11.54 -3.49 -20.26
O4B NAD FA . 11.05 -4.64 -20.98
C3B NAD FA . 13.01 -3.79 -19.93
O3B NAD FA . 13.32 -3.79 -18.52
C2B NAD FA . 13.28 -5.15 -20.60
O2B NAD FA . 14.16 -6.02 -19.91
C1B NAD FA . 11.88 -5.73 -20.66
N9A NAD FA . 11.70 -6.78 -21.65
C8A NAD FA . 12.19 -6.80 -22.92
N7A NAD FA . 11.88 -7.89 -23.59
C5A NAD FA . 11.14 -8.64 -22.68
C6A NAD FA . 10.52 -9.90 -22.77
N6A NAD FA . 10.56 -10.68 -23.86
N1A NAD FA . 9.87 -10.35 -21.67
C2A NAD FA . 9.84 -9.59 -20.58
N3A NAD FA . 10.38 -8.39 -20.37
C4A NAD FA . 11.03 -7.96 -21.48
O3 NAD FA . 11.50 0.97 -21.35
PN NAD FA . 10.25 1.87 -20.92
O1N NAD FA . 10.70 3.26 -20.71
O2N NAD FA . 9.62 1.15 -19.80
O5D NAD FA . 9.29 1.82 -22.19
C5D NAD FA . 8.72 0.58 -22.65
C4D NAD FA . 7.83 0.89 -23.83
O4D NAD FA . 6.70 1.73 -23.44
C3D NAD FA . 8.51 1.63 -24.98
O3D NAD FA . 7.87 1.17 -26.17
C2D NAD FA . 8.15 3.10 -24.68
O2D NAD FA . 8.27 3.93 -25.84
C1D NAD FA . 6.70 2.90 -24.23
N1N NAD FA . 6.13 4.00 -23.42
C2N NAD FA . 4.78 4.07 -23.38
C3N NAD FA . 4.16 5.03 -22.60
C7N NAD FA . 2.66 5.18 -22.54
O7N NAD FA . 2.18 6.27 -22.18
N7N NAD FA . 1.91 4.20 -23.05
C4N NAD FA . 4.95 5.88 -21.83
C5N NAD FA . 6.33 5.79 -21.89
C6N NAD FA . 6.91 4.85 -22.71
N9 ADE GA . 2.04 10.14 -23.79
C8 ADE GA . 1.38 9.55 -22.73
N7 ADE GA . 0.32 10.23 -22.30
C5 ADE GA . 0.29 11.35 -23.15
C6 ADE GA . -0.59 12.46 -23.21
N6 ADE GA . -1.64 12.63 -22.39
N1 ADE GA . -0.35 13.39 -24.18
C2 ADE GA . 0.70 13.21 -25.02
N3 ADE GA . 1.60 12.21 -25.03
C4 ADE GA . 1.33 11.31 -24.07
C1 GOL HA . -11.79 12.20 -23.39
O1 GOL HA . -11.30 12.95 -24.48
C2 GOL HA . -12.88 13.01 -22.62
O2 GOL HA . -13.51 12.16 -21.71
C3 GOL HA . -12.12 14.23 -21.92
O3 GOL HA . -13.06 15.02 -21.19
C4 REG IA . 12.52 27.43 -16.03
C5 REG IA . 15.42 27.32 -17.61
C6 REG IA . 17.54 28.20 -18.55
N1 REG IA . 16.85 27.48 -17.49
C7 REG IA . 19.03 28.42 -18.25
C8 REG IA . 19.65 29.43 -19.38
C9 REG IA . 19.34 30.63 -19.00
C10 REG IA . 19.27 30.53 -17.44
O REG IA . 14.87 27.80 -18.56
N REG IA . 14.64 26.61 -16.59
C3 REG IA . 13.21 26.50 -16.78
C2 REG IA . 12.60 25.02 -16.35
C1 REG IA . 11.35 25.19 -15.83
C REG IA . 11.09 26.76 -15.75
O1 REG IA . 19.16 29.04 -17.11
C1 GOL JA . 11.13 -0.11 -8.20
O1 GOL JA . 12.33 0.35 -7.53
C2 GOL JA . 10.26 1.14 -8.58
O2 GOL JA . 10.77 2.36 -8.16
C3 GOL JA . 8.83 0.84 -8.05
O3 GOL JA . 7.93 1.37 -9.00
K K KA . -4.91 13.03 -20.06
P PO4 LA . -8.44 -22.09 -21.73
O1 PO4 LA . -7.65 -22.29 -23.00
O2 PO4 LA . -9.30 -23.29 -21.48
O3 PO4 LA . -9.31 -20.87 -21.85
O4 PO4 LA . -7.48 -21.90 -20.58
P PO4 MA . 5.31 9.20 -23.77
O1 PO4 MA . 4.46 9.20 -25.05
O2 PO4 MA . 6.65 8.53 -23.99
O3 PO4 MA . 5.51 10.63 -23.29
O4 PO4 MA . 4.52 8.58 -22.65
P PO4 NA . 28.12 17.47 -8.81
O1 PO4 NA . 27.98 17.83 -10.27
O2 PO4 NA . 29.15 18.37 -8.17
O3 PO4 NA . 28.54 16.02 -8.66
O4 PO4 NA . 26.80 17.65 -8.15
P PO4 OA . -5.73 30.03 -23.20
O1 PO4 OA . -4.48 30.64 -23.85
O2 PO4 OA . -5.79 28.56 -23.55
O3 PO4 OA . -7.02 30.65 -23.68
O4 PO4 OA . -5.69 30.30 -21.70
#